data_7WAQ
#
_entry.id   7WAQ
#
_cell.length_a   97.485
_cell.length_b   111.733
_cell.length_c   131.102
_cell.angle_alpha   90.000
_cell.angle_beta   90.000
_cell.angle_gamma   90.000
#
_symmetry.space_group_name_H-M   'P 21 21 21'
#
loop_
_entity.id
_entity.type
_entity.pdbx_description
1 polymer 'stilbene O-methyltransferase'
2 non-polymer RESVERATROL
3 non-polymer 1,2-ETHANEDIOL
4 water water
#
_entity_poly.entity_id   1
_entity_poly.type   'polypeptide(L)'
_entity_poly.pdbx_seq_one_letter_code
;GSYDSSSSSSNDSSARNEEDESCMFALKLLGGFAVPFTIKAVIELGVMDQLLTAERAMSAEELVAAAVAAQLPRPEVACT
MVDRLLRFLASHSVVRCTTEVVVGTDDATTTTCCRRSYAASPVCKWFARNGVEDSVLPLGMMILNKTFLDSWQNITDAVL
EGAAPFEKTYGMPMFEYLSTNGPLNTVFHEAMANHSMIITKKLLKFFRGFEGLDVLVDVGGGNGTTLQMIRGQYKNMRGI
NYDLPHVIAQAAPVEGVEHVGGSMFDNIPRGNAVLLKWILHDWDDKACIKILKNCYTALHVRGKVIVLEYVVPDEPEPTL
AAQGAFELDLTMLVTFGSGKERTQREFSELAMEAGFSREFKATYIFANVWALEFTK
;
_entity_poly.pdbx_strand_id   B,A,C,D
#
loop_
_chem_comp.id
_chem_comp.type
_chem_comp.name
_chem_comp.formula
EDO non-polymer 1,2-ETHANEDIOL 'C2 H6 O2'
STL non-polymer RESVERATROL 'C14 H12 O3'
#
# COMPACT_ATOMS: atom_id res chain seq x y z
N SER A 14 -34.44 -42.28 -32.04
CA SER A 14 -34.94 -43.68 -31.80
C SER A 14 -35.07 -43.89 -30.30
N ALA A 15 -35.90 -44.85 -29.88
CA ALA A 15 -36.19 -45.09 -28.47
C ALA A 15 -35.02 -45.76 -27.68
N ARG A 16 -33.98 -46.29 -28.34
CA ARG A 16 -32.72 -46.62 -27.70
C ARG A 16 -31.97 -45.32 -27.40
N ASN A 17 -31.99 -44.36 -28.36
CA ASN A 17 -31.19 -43.15 -28.22
C ASN A 17 -31.83 -42.16 -27.25
N GLU A 18 -33.16 -42.07 -27.35
CA GLU A 18 -33.98 -41.20 -26.53
C GLU A 18 -33.74 -41.60 -25.08
N GLU A 19 -33.86 -42.90 -24.83
CA GLU A 19 -33.72 -43.57 -23.53
C GLU A 19 -32.31 -43.34 -22.94
N ASP A 20 -31.27 -43.45 -23.80
CA ASP A 20 -29.89 -43.14 -23.48
C ASP A 20 -29.82 -41.72 -22.95
N GLU A 21 -30.37 -40.76 -23.72
CA GLU A 21 -30.23 -39.34 -23.45
C GLU A 21 -30.91 -38.95 -22.15
N SER A 22 -32.06 -39.61 -22.00
CA SER A 22 -32.96 -39.40 -20.89
C SER A 22 -32.32 -39.87 -19.60
N CYS A 23 -31.77 -41.10 -19.64
CA CYS A 23 -30.96 -41.58 -18.52
C CYS A 23 -29.82 -40.64 -18.15
N MET A 24 -29.05 -40.20 -19.15
CA MET A 24 -27.92 -39.30 -18.83
C MET A 24 -28.34 -37.95 -18.25
N PHE A 25 -29.46 -37.43 -18.78
CA PHE A 25 -30.20 -36.32 -18.18
C PHE A 25 -30.49 -36.51 -16.68
N ALA A 26 -31.06 -37.65 -16.35
CA ALA A 26 -31.36 -37.92 -14.94
C ALA A 26 -30.08 -37.78 -14.12
N LEU A 27 -28.96 -38.37 -14.59
CA LEU A 27 -27.72 -38.36 -13.81
C LEU A 27 -27.17 -36.93 -13.70
N LYS A 28 -27.25 -36.18 -14.84
CA LYS A 28 -26.94 -34.75 -14.80
C LYS A 28 -27.66 -34.00 -13.69
N LEU A 29 -28.99 -34.25 -13.59
CA LEU A 29 -29.80 -33.53 -12.62
C LEU A 29 -29.35 -33.85 -11.22
N LEU A 30 -29.15 -35.14 -10.97
CA LEU A 30 -28.72 -35.57 -9.64
C LEU A 30 -27.32 -35.08 -9.27
N GLY A 31 -26.45 -34.72 -10.24
CA GLY A 31 -25.09 -34.38 -9.80
C GLY A 31 -24.62 -32.93 -10.01
N GLY A 32 -25.53 -32.02 -10.26
CA GLY A 32 -25.25 -30.64 -10.58
C GLY A 32 -24.58 -29.81 -9.48
N PHE A 33 -24.45 -30.34 -8.25
CA PHE A 33 -23.57 -29.72 -7.21
C PHE A 33 -22.07 -29.73 -7.60
N ALA A 34 -21.70 -30.56 -8.57
CA ALA A 34 -20.30 -30.82 -8.82
C ALA A 34 -19.62 -29.52 -9.27
N VAL A 35 -20.27 -28.78 -10.18
CA VAL A 35 -19.74 -27.52 -10.70
C VAL A 35 -19.42 -26.58 -9.55
N PRO A 36 -20.40 -26.16 -8.72
CA PRO A 36 -20.17 -25.29 -7.60
C PRO A 36 -19.02 -25.70 -6.73
N PHE A 37 -18.88 -26.97 -6.43
CA PHE A 37 -17.94 -27.41 -5.40
C PHE A 37 -16.53 -27.46 -5.99
N THR A 38 -16.46 -27.75 -7.27
CA THR A 38 -15.22 -27.68 -8.03
C THR A 38 -14.80 -26.21 -8.16
N ILE A 39 -15.71 -25.31 -8.50
CA ILE A 39 -15.34 -23.89 -8.46
C ILE A 39 -14.82 -23.42 -7.09
N LYS A 40 -15.50 -23.74 -6.01
CA LYS A 40 -15.08 -23.42 -4.66
C LYS A 40 -13.64 -23.81 -4.44
N ALA A 41 -13.33 -25.06 -4.80
CA ALA A 41 -11.99 -25.59 -4.52
C ALA A 41 -10.94 -24.83 -5.31
N VAL A 42 -11.25 -24.60 -6.58
CA VAL A 42 -10.36 -23.84 -7.48
C VAL A 42 -10.08 -22.42 -6.99
N ILE A 43 -11.10 -21.83 -6.35
CA ILE A 43 -10.95 -20.54 -5.70
C ILE A 43 -10.11 -20.65 -4.43
N GLU A 44 -10.44 -21.56 -3.51
CA GLU A 44 -9.65 -21.65 -2.30
C GLU A 44 -8.19 -22.00 -2.54
N LEU A 45 -7.82 -22.56 -3.71
CA LEU A 45 -6.42 -22.94 -3.96
C LEU A 45 -5.59 -21.75 -4.44
N GLY A 46 -6.26 -20.67 -4.80
CA GLY A 46 -5.62 -19.54 -5.43
C GLY A 46 -5.59 -19.65 -6.94
N VAL A 47 -6.19 -20.73 -7.50
CA VAL A 47 -5.88 -20.99 -8.89
C VAL A 47 -6.74 -20.05 -9.74
N MET A 48 -7.97 -19.78 -9.26
CA MET A 48 -8.84 -18.92 -10.03
C MET A 48 -8.26 -17.49 -10.11
N ASP A 49 -7.71 -16.94 -8.99
CA ASP A 49 -7.08 -15.65 -9.05
C ASP A 49 -5.95 -15.66 -10.06
N GLN A 50 -5.23 -16.78 -10.13
CA GLN A 50 -4.09 -16.79 -11.03
C GLN A 50 -4.58 -16.76 -12.47
N LEU A 51 -5.64 -17.52 -12.77
CA LEU A 51 -6.17 -17.48 -14.13
C LEU A 51 -6.52 -16.06 -14.54
N LEU A 52 -7.07 -15.32 -13.57
CA LEU A 52 -7.66 -14.02 -13.78
C LEU A 52 -6.60 -12.98 -14.01
N THR A 53 -5.36 -13.17 -13.49
CA THR A 53 -4.26 -12.23 -13.68
C THR A 53 -3.35 -12.65 -14.83
N ALA A 54 -3.33 -13.91 -15.24
CA ALA A 54 -2.42 -14.46 -16.24
C ALA A 54 -2.58 -13.86 -17.67
N GLU A 55 -1.43 -13.80 -18.36
CA GLU A 55 -1.38 -13.13 -19.64
C GLU A 55 -1.61 -14.11 -20.80
N ARG A 56 -1.21 -15.38 -20.62
CA ARG A 56 -1.50 -16.45 -21.56
C ARG A 56 -2.09 -17.67 -20.83
N ALA A 57 -2.49 -18.68 -21.62
CA ALA A 57 -3.03 -19.90 -21.05
C ALA A 57 -1.98 -20.54 -20.12
N MET A 58 -2.37 -21.27 -19.09
CA MET A 58 -1.45 -21.78 -18.10
C MET A 58 -1.84 -23.19 -17.66
N SER A 59 -0.85 -24.01 -17.50
CA SER A 59 -1.04 -25.39 -17.12
C SER A 59 -1.21 -25.41 -15.61
N ALA A 60 -1.63 -26.57 -15.15
CA ALA A 60 -1.90 -26.87 -13.77
C ALA A 60 -0.62 -26.73 -12.97
N GLU A 61 0.46 -27.31 -13.43
CA GLU A 61 1.79 -27.15 -12.81
C GLU A 61 2.10 -25.67 -12.58
N GLU A 62 1.93 -24.84 -13.62
CA GLU A 62 2.27 -23.44 -13.59
C GLU A 62 1.43 -22.79 -12.52
N LEU A 63 0.15 -23.14 -12.55
CA LEU A 63 -0.81 -22.46 -11.71
C LEU A 63 -0.62 -22.83 -10.24
N VAL A 64 -0.31 -24.09 -9.96
CA VAL A 64 -0.02 -24.51 -8.60
C VAL A 64 1.25 -23.88 -8.06
N ALA A 65 2.35 -23.88 -8.85
CA ALA A 65 3.54 -23.16 -8.42
C ALA A 65 3.26 -21.68 -8.08
N ALA A 66 2.38 -21.02 -8.84
CA ALA A 66 2.09 -19.60 -8.64
C ALA A 66 1.09 -19.32 -7.49
N ALA A 67 0.25 -20.29 -7.16
CA ALA A 67 -0.89 -19.99 -6.30
C ALA A 67 -0.62 -20.45 -4.88
N VAL A 68 0.32 -21.40 -4.72
CA VAL A 68 0.45 -22.16 -3.48
C VAL A 68 1.84 -22.01 -2.89
N ALA A 69 1.91 -21.28 -1.75
CA ALA A 69 3.16 -20.91 -1.11
C ALA A 69 3.70 -22.11 -0.30
N ALA A 70 2.73 -22.83 0.33
CA ALA A 70 2.84 -24.03 1.16
C ALA A 70 3.74 -25.13 0.56
N GLN A 71 4.60 -25.72 1.39
CA GLN A 71 5.50 -26.81 0.97
C GLN A 71 4.61 -27.98 0.53
N LEU A 72 4.82 -28.59 -0.67
CA LEU A 72 3.85 -29.61 -1.14
C LEU A 72 4.44 -31.00 -1.00
N PRO A 73 3.82 -31.86 -0.17
CA PRO A 73 4.36 -33.18 0.11
C PRO A 73 4.32 -34.15 -1.07
N ARG A 74 3.32 -34.02 -1.96
CA ARG A 74 3.26 -34.76 -3.22
C ARG A 74 2.84 -33.79 -4.30
N PRO A 75 3.80 -33.01 -4.87
CA PRO A 75 3.49 -31.94 -5.83
C PRO A 75 2.93 -32.41 -7.20
N GLU A 76 3.40 -33.55 -7.75
CA GLU A 76 2.95 -34.10 -9.02
C GLU A 76 1.48 -34.51 -8.89
N VAL A 77 1.07 -35.05 -7.74
CA VAL A 77 -0.34 -35.40 -7.54
C VAL A 77 -1.24 -34.19 -7.39
N ALA A 78 -0.84 -33.23 -6.59
CA ALA A 78 -1.58 -31.97 -6.57
C ALA A 78 -1.84 -31.41 -7.97
N CYS A 79 -0.81 -31.42 -8.85
CA CYS A 79 -0.93 -30.83 -10.19
C CYS A 79 -1.91 -31.61 -11.01
N THR A 80 -1.84 -32.94 -11.01
CA THR A 80 -2.78 -33.71 -11.82
C THR A 80 -4.22 -33.54 -11.32
N MET A 81 -4.34 -33.39 -10.00
CA MET A 81 -5.66 -33.16 -9.42
C MET A 81 -6.20 -31.83 -9.90
N VAL A 82 -5.37 -30.80 -9.93
CA VAL A 82 -5.85 -29.49 -10.37
C VAL A 82 -6.16 -29.51 -11.84
N ASP A 83 -5.34 -30.19 -12.61
CA ASP A 83 -5.64 -30.38 -14.04
C ASP A 83 -7.05 -30.95 -14.21
N ARG A 84 -7.42 -31.93 -13.38
CA ARG A 84 -8.65 -32.67 -13.62
C ARG A 84 -9.83 -31.81 -13.30
N LEU A 85 -9.66 -30.97 -12.24
CA LEU A 85 -10.65 -29.98 -11.86
C LEU A 85 -10.94 -29.03 -13.02
N LEU A 86 -9.88 -28.55 -13.63
CA LEU A 86 -10.01 -27.51 -14.63
C LEU A 86 -10.48 -28.14 -15.91
N ARG A 87 -10.08 -29.40 -16.16
CA ARG A 87 -10.61 -30.10 -17.33
C ARG A 87 -12.13 -30.14 -17.21
N PHE A 88 -12.67 -30.34 -16.00
CA PHE A 88 -14.11 -30.48 -15.84
C PHE A 88 -14.76 -29.13 -16.01
N LEU A 89 -14.16 -28.09 -15.39
CA LEU A 89 -14.72 -26.76 -15.56
C LEU A 89 -14.76 -26.35 -17.03
N ALA A 90 -13.75 -26.72 -17.77
CA ALA A 90 -13.67 -26.34 -19.16
C ALA A 90 -14.81 -26.97 -19.91
N SER A 91 -15.24 -28.16 -19.51
CA SER A 91 -16.28 -28.90 -20.26
C SER A 91 -17.61 -28.19 -20.11
N HIS A 92 -17.68 -27.38 -19.03
CA HIS A 92 -18.78 -26.52 -18.70
C HIS A 92 -18.54 -25.08 -19.10
N SER A 93 -17.53 -24.78 -19.93
CA SER A 93 -17.31 -23.42 -20.44
C SER A 93 -16.96 -22.37 -19.37
N VAL A 94 -16.56 -22.81 -18.18
CA VAL A 94 -16.04 -21.93 -17.15
C VAL A 94 -14.59 -21.46 -17.35
N VAL A 95 -13.73 -22.35 -17.88
CA VAL A 95 -12.36 -22.09 -18.36
C VAL A 95 -12.20 -22.56 -19.80
N ARG A 96 -11.23 -21.90 -20.47
CA ARG A 96 -10.86 -22.21 -21.83
C ARG A 96 -9.65 -23.14 -21.71
N CYS A 97 -9.54 -24.12 -22.63
CA CYS A 97 -8.58 -25.21 -22.49
C CYS A 97 -8.00 -25.45 -23.86
N THR A 98 -6.66 -25.39 -23.94
CA THR A 98 -5.92 -25.64 -25.17
C THR A 98 -4.95 -26.75 -24.82
N THR A 99 -4.68 -27.62 -25.79
CA THR A 99 -4.00 -28.87 -25.56
C THR A 99 -2.86 -28.99 -26.55
N GLU A 100 -1.66 -29.29 -26.04
CA GLU A 100 -0.43 -29.44 -26.84
C GLU A 100 0.20 -30.83 -26.71
N VAL A 101 0.99 -31.25 -27.69
CA VAL A 101 1.81 -32.46 -27.56
C VAL A 101 3.02 -32.16 -26.67
N VAL A 102 3.39 -33.11 -25.77
CA VAL A 102 4.58 -33.03 -24.92
C VAL A 102 5.72 -33.79 -25.64
N VAL A 103 6.97 -33.23 -25.62
CA VAL A 103 8.16 -33.79 -26.29
C VAL A 103 9.19 -34.19 -25.20
N GLY A 104 8.85 -35.24 -24.42
CA GLY A 104 9.44 -35.54 -23.10
C GLY A 104 8.45 -36.22 -22.16
N THR A 105 8.75 -36.29 -20.85
CA THR A 105 7.88 -36.95 -19.87
C THR A 105 7.23 -35.92 -18.92
N ASP A 106 5.99 -35.43 -19.22
CA ASP A 106 5.15 -34.71 -18.27
C ASP A 106 4.13 -35.62 -17.56
N ASP A 107 4.35 -35.74 -16.23
CA ASP A 107 3.45 -36.39 -15.26
C ASP A 107 2.88 -35.34 -14.27
N ALA A 108 2.74 -34.03 -14.64
CA ALA A 108 2.13 -33.00 -13.79
C ALA A 108 0.83 -32.39 -14.37
N THR A 109 0.43 -32.92 -15.56
CA THR A 109 -0.90 -33.04 -16.17
C THR A 109 -1.23 -34.55 -16.32
N THR A 110 -2.52 -34.98 -16.22
CA THR A 110 -3.05 -36.37 -16.07
C THR A 110 -3.05 -37.24 -17.36
N THR A 111 -2.67 -36.65 -18.50
CA THR A 111 -2.59 -37.36 -19.78
C THR A 111 -1.08 -37.38 -20.10
N THR A 112 -0.53 -38.54 -20.51
CA THR A 112 0.89 -38.65 -20.89
C THR A 112 1.20 -37.80 -22.14
N CYS A 113 0.34 -37.93 -23.19
CA CYS A 113 0.51 -37.45 -24.57
C CYS A 113 0.50 -35.93 -24.77
N CYS A 114 -0.19 -35.24 -23.80
CA CYS A 114 -1.07 -34.08 -23.91
C CYS A 114 -0.97 -33.23 -22.62
N ARG A 115 -0.41 -31.99 -22.72
CA ARG A 115 -0.53 -31.03 -21.64
C ARG A 115 -1.67 -30.06 -21.98
N ARG A 116 -2.53 -29.76 -21.01
CA ARG A 116 -3.54 -28.74 -21.20
C ARG A 116 -3.13 -27.45 -20.49
N SER A 117 -3.60 -26.35 -21.09
CA SER A 117 -3.43 -25.01 -20.55
C SER A 117 -4.78 -24.32 -20.55
N TYR A 118 -4.97 -23.51 -19.51
CA TYR A 118 -6.26 -23.01 -19.15
C TYR A 118 -6.20 -21.49 -19.07
N ALA A 119 -7.31 -20.85 -19.44
CA ALA A 119 -7.51 -19.43 -19.32
C ALA A 119 -8.91 -19.15 -18.80
N ALA A 120 -9.04 -18.02 -18.11
CA ALA A 120 -10.31 -17.52 -17.60
C ALA A 120 -11.30 -17.32 -18.75
N SER A 121 -12.58 -17.66 -18.47
CA SER A 121 -13.69 -17.23 -19.28
C SER A 121 -14.20 -15.94 -18.66
N PRO A 122 -14.94 -15.15 -19.44
CA PRO A 122 -15.42 -13.85 -19.01
C PRO A 122 -16.10 -13.87 -17.65
N VAL A 123 -16.70 -15.02 -17.39
CA VAL A 123 -17.53 -15.17 -16.22
C VAL A 123 -16.68 -15.10 -14.95
N CYS A 124 -15.41 -15.45 -15.09
CA CYS A 124 -14.62 -15.78 -13.94
C CYS A 124 -14.32 -14.54 -13.15
N LYS A 125 -14.44 -13.39 -13.83
CA LYS A 125 -14.09 -12.11 -13.17
C LYS A 125 -14.94 -11.94 -11.92
N TRP A 126 -16.18 -12.49 -11.94
CA TRP A 126 -17.12 -12.46 -10.83
C TRP A 126 -16.65 -13.35 -9.65
N PHE A 127 -15.53 -14.08 -9.81
CA PHE A 127 -14.99 -14.83 -8.69
C PHE A 127 -13.76 -14.17 -8.13
N ALA A 128 -13.36 -12.97 -8.61
CA ALA A 128 -12.13 -12.31 -8.19
C ALA A 128 -12.15 -12.13 -6.67
N ARG A 129 -10.98 -12.43 -6.05
CA ARG A 129 -10.63 -12.07 -4.68
C ARG A 129 -10.15 -10.63 -4.70
N ASN A 130 -9.63 -10.31 -3.50
CA ASN A 130 -9.28 -8.96 -3.04
C ASN A 130 -10.48 -8.01 -3.12
N GLY A 131 -11.73 -8.56 -3.10
CA GLY A 131 -12.99 -7.97 -3.56
C GLY A 131 -12.92 -6.53 -4.10
N VAL A 132 -13.23 -6.38 -5.42
CA VAL A 132 -13.02 -5.15 -6.19
C VAL A 132 -14.17 -5.01 -7.18
N GLU A 133 -14.87 -3.86 -7.11
CA GLU A 133 -15.80 -3.39 -8.15
C GLU A 133 -16.85 -4.48 -8.48
N ASP A 134 -16.34 -5.60 -9.10
CA ASP A 134 -17.18 -6.42 -9.97
C ASP A 134 -16.96 -7.90 -9.62
N SER A 135 -17.08 -8.28 -8.33
CA SER A 135 -16.86 -9.66 -7.84
C SER A 135 -18.02 -10.03 -6.94
N VAL A 136 -18.50 -11.28 -6.93
CA VAL A 136 -19.60 -11.67 -6.04
C VAL A 136 -19.05 -12.78 -5.15
N LEU A 137 -17.73 -12.83 -5.10
CA LEU A 137 -17.10 -13.94 -4.37
C LEU A 137 -17.60 -14.00 -2.92
N PRO A 138 -17.62 -12.87 -2.12
CA PRO A 138 -18.02 -12.93 -0.73
C PRO A 138 -19.39 -13.56 -0.63
N LEU A 139 -20.23 -13.13 -1.55
CA LEU A 139 -21.59 -13.75 -1.60
C LEU A 139 -21.52 -15.23 -1.98
N GLY A 140 -20.65 -15.56 -2.92
CA GLY A 140 -20.36 -16.96 -3.23
C GLY A 140 -19.94 -17.83 -2.02
N MET A 141 -19.05 -17.24 -1.23
CA MET A 141 -18.53 -17.95 -0.07
C MET A 141 -19.65 -18.24 0.92
N MET A 142 -20.69 -17.38 0.96
CA MET A 142 -21.86 -17.71 1.81
C MET A 142 -22.82 -18.73 1.15
N ILE A 143 -23.06 -18.59 -0.19
CA ILE A 143 -23.88 -19.56 -0.90
C ILE A 143 -23.35 -20.96 -0.62
N LEU A 144 -22.00 -21.12 -0.50
CA LEU A 144 -21.37 -22.46 -0.53
C LEU A 144 -20.78 -22.83 0.81
N ASN A 145 -21.21 -22.11 1.84
CA ASN A 145 -20.72 -22.41 3.16
C ASN A 145 -21.41 -23.69 3.64
N LYS A 146 -20.67 -24.62 4.25
CA LYS A 146 -21.20 -25.93 4.63
C LYS A 146 -22.23 -25.77 5.74
N THR A 147 -22.12 -24.73 6.56
CA THR A 147 -23.17 -24.58 7.55
C THR A 147 -24.51 -24.38 6.84
N PHE A 148 -24.51 -23.56 5.80
CA PHE A 148 -25.73 -23.26 5.09
C PHE A 148 -26.12 -24.47 4.23
N LEU A 149 -25.14 -25.12 3.63
CA LEU A 149 -25.49 -26.15 2.69
C LEU A 149 -26.03 -27.40 3.37
N ASP A 150 -25.71 -27.61 4.66
CA ASP A 150 -26.11 -28.82 5.36
C ASP A 150 -27.62 -28.83 5.56
N SER A 151 -28.22 -27.63 5.75
CA SER A 151 -29.66 -27.45 5.75
C SER A 151 -30.34 -28.05 4.52
N TRP A 152 -29.74 -27.99 3.34
CA TRP A 152 -30.45 -28.54 2.21
C TRP A 152 -30.55 -30.06 2.28
N GLN A 153 -29.92 -30.70 3.27
CA GLN A 153 -29.96 -32.16 3.35
C GLN A 153 -31.08 -32.60 4.28
N ASN A 154 -31.81 -31.60 4.76
CA ASN A 154 -32.86 -31.77 5.76
C ASN A 154 -34.18 -31.13 5.33
N ILE A 155 -34.33 -30.91 4.02
CA ILE A 155 -35.59 -30.41 3.49
C ILE A 155 -36.74 -31.41 3.71
N THR A 156 -36.53 -32.71 3.41
CA THR A 156 -37.61 -33.67 3.56
C THR A 156 -38.31 -33.50 4.91
N ASP A 157 -37.54 -33.72 5.98
CA ASP A 157 -38.10 -33.81 7.32
C ASP A 157 -38.65 -32.46 7.76
N ALA A 158 -38.02 -31.39 7.26
CA ALA A 158 -38.45 -30.04 7.53
C ALA A 158 -39.83 -29.78 6.94
N VAL A 159 -40.03 -30.12 5.65
CA VAL A 159 -41.32 -29.96 5.03
C VAL A 159 -42.42 -30.68 5.84
N LEU A 160 -42.16 -31.91 6.28
CA LEU A 160 -43.18 -32.65 6.98
C LEU A 160 -43.67 -31.89 8.20
N GLU A 161 -42.73 -31.37 8.96
CA GLU A 161 -43.07 -30.67 10.18
C GLU A 161 -43.56 -29.24 9.88
N GLY A 162 -43.56 -28.86 8.60
CA GLY A 162 -43.78 -27.47 8.19
C GLY A 162 -42.84 -26.50 8.90
N ALA A 163 -41.53 -26.83 8.88
CA ALA A 163 -40.49 -26.06 9.54
C ALA A 163 -39.54 -25.54 8.49
N ALA A 164 -38.72 -24.52 8.88
CA ALA A 164 -37.56 -24.17 8.06
C ALA A 164 -36.39 -25.19 8.21
N PRO A 165 -35.84 -25.77 7.11
CA PRO A 165 -34.71 -26.68 7.18
C PRO A 165 -33.56 -26.10 8.05
N PHE A 166 -33.24 -24.81 7.97
CA PHE A 166 -32.23 -24.30 8.86
C PHE A 166 -32.52 -24.66 10.32
N GLU A 167 -33.71 -24.37 10.79
CA GLU A 167 -34.13 -24.64 12.19
C GLU A 167 -34.20 -26.15 12.48
N LYS A 168 -34.67 -26.97 11.55
CA LYS A 168 -34.66 -28.41 11.67
C LYS A 168 -33.23 -28.85 11.98
N THR A 169 -32.27 -28.19 11.31
CA THR A 169 -30.88 -28.59 11.35
C THR A 169 -30.16 -28.03 12.60
N TYR A 170 -30.48 -26.78 13.01
CA TYR A 170 -29.74 -26.10 14.10
C TYR A 170 -30.60 -25.64 15.32
N GLY A 171 -31.93 -25.77 15.24
CA GLY A 171 -32.82 -25.77 16.38
C GLY A 171 -33.19 -24.33 16.73
N MET A 172 -32.95 -23.45 15.75
CA MET A 172 -33.30 -22.06 15.95
C MET A 172 -33.20 -21.31 14.63
N PRO A 173 -33.81 -20.10 14.61
CA PRO A 173 -33.76 -19.34 13.39
C PRO A 173 -32.33 -18.83 13.14
N MET A 174 -31.99 -18.85 11.87
CA MET A 174 -30.76 -18.24 11.36
C MET A 174 -30.25 -16.99 12.07
N PHE A 175 -31.04 -15.98 12.28
CA PHE A 175 -30.43 -14.74 12.77
C PHE A 175 -29.98 -14.91 14.18
N GLU A 176 -30.75 -15.68 14.95
CA GLU A 176 -30.36 -15.99 16.31
C GLU A 176 -29.05 -16.82 16.27
N TYR A 177 -28.95 -17.70 15.23
CA TYR A 177 -27.87 -18.68 15.13
C TYR A 177 -26.58 -17.92 14.87
N LEU A 178 -26.67 -16.90 13.97
CA LEU A 178 -25.57 -15.98 13.68
C LEU A 178 -24.97 -15.32 14.94
N SER A 179 -25.73 -15.01 16.00
CA SER A 179 -25.15 -14.54 17.27
C SER A 179 -24.25 -15.53 17.97
N THR A 180 -24.44 -16.85 17.74
CA THR A 180 -23.66 -17.94 18.33
C THR A 180 -22.33 -18.12 17.57
N ASN A 181 -22.29 -17.94 16.21
CA ASN A 181 -21.14 -18.30 15.36
C ASN A 181 -20.52 -17.05 14.70
N GLY A 182 -19.51 -16.41 15.38
CA GLY A 182 -18.90 -15.21 14.81
C GLY A 182 -18.48 -15.44 13.34
N PRO A 183 -17.77 -16.57 13.02
CA PRO A 183 -17.26 -16.83 11.68
C PRO A 183 -18.28 -16.83 10.58
N LEU A 184 -19.44 -17.42 10.85
CA LEU A 184 -20.56 -17.46 9.91
C LEU A 184 -21.26 -16.11 9.91
N ASN A 185 -21.29 -15.41 11.05
CA ASN A 185 -21.80 -14.04 11.05
C ASN A 185 -21.03 -13.14 10.07
N THR A 186 -19.70 -13.31 10.10
CA THR A 186 -18.84 -12.49 9.26
C THR A 186 -19.11 -12.81 7.80
N VAL A 187 -19.18 -14.12 7.51
CA VAL A 187 -19.52 -14.57 6.18
C VAL A 187 -20.80 -13.94 5.66
N PHE A 188 -21.82 -13.99 6.54
CA PHE A 188 -23.13 -13.48 6.17
C PHE A 188 -23.08 -11.95 5.93
N HIS A 189 -22.48 -11.20 6.87
CA HIS A 189 -22.41 -9.75 6.74
C HIS A 189 -21.62 -9.35 5.50
N GLU A 190 -20.57 -10.11 5.22
CA GLU A 190 -19.68 -9.77 4.11
C GLU A 190 -20.38 -9.99 2.77
N ALA A 191 -21.15 -11.02 2.73
CA ALA A 191 -21.95 -11.37 1.60
C ALA A 191 -22.98 -10.26 1.35
N MET A 192 -23.70 -9.82 2.42
CA MET A 192 -24.81 -8.88 2.23
C MET A 192 -24.24 -7.50 1.80
N ALA A 193 -23.06 -7.15 2.37
CA ALA A 193 -22.41 -5.90 2.09
C ALA A 193 -21.92 -5.89 0.67
N ASN A 194 -21.46 -7.07 0.25
CA ASN A 194 -20.95 -7.36 -1.11
C ASN A 194 -22.01 -6.98 -2.11
N HIS A 195 -23.15 -7.64 -1.93
CA HIS A 195 -24.23 -7.57 -2.94
C HIS A 195 -24.85 -6.18 -2.85
N SER A 196 -24.88 -5.66 -1.65
CA SER A 196 -25.46 -4.35 -1.48
C SER A 196 -24.58 -3.33 -2.21
N MET A 197 -23.28 -3.54 -2.24
CA MET A 197 -22.37 -2.58 -2.83
C MET A 197 -22.59 -2.54 -4.34
N ILE A 198 -22.61 -3.71 -4.94
CA ILE A 198 -22.81 -3.84 -6.37
C ILE A 198 -24.14 -3.26 -6.71
N ILE A 199 -25.15 -3.67 -5.95
CA ILE A 199 -26.51 -3.26 -6.32
C ILE A 199 -26.66 -1.76 -6.19
N THR A 200 -26.05 -1.19 -5.16
CA THR A 200 -26.11 0.22 -4.99
C THR A 200 -25.39 0.89 -6.13
N LYS A 201 -24.26 0.33 -6.62
CA LYS A 201 -23.55 1.07 -7.68
C LYS A 201 -24.43 1.14 -8.91
N LYS A 202 -25.12 -0.01 -9.25
CA LYS A 202 -25.94 -0.07 -10.45
C LYS A 202 -27.17 0.81 -10.27
N LEU A 203 -27.69 0.85 -9.05
CA LEU A 203 -28.82 1.70 -8.74
C LEU A 203 -28.50 3.15 -9.10
N LEU A 204 -27.34 3.65 -8.66
CA LEU A 204 -26.94 5.05 -8.88
C LEU A 204 -26.82 5.35 -10.37
N LYS A 205 -26.60 4.31 -11.21
CA LYS A 205 -26.47 4.49 -12.65
C LYS A 205 -27.86 4.59 -13.29
N PHE A 206 -28.79 3.73 -12.85
CA PHE A 206 -29.96 3.32 -13.63
C PHE A 206 -31.30 3.71 -12.96
N PHE A 207 -31.25 4.17 -11.70
CA PHE A 207 -32.46 4.43 -10.94
C PHE A 207 -32.51 5.91 -10.65
N ARG A 208 -33.69 6.55 -10.76
CA ARG A 208 -33.86 7.99 -10.70
C ARG A 208 -34.70 8.35 -9.48
N GLY A 209 -35.17 7.33 -8.78
CA GLY A 209 -36.07 7.52 -7.65
C GLY A 209 -35.37 8.03 -6.40
N PHE A 210 -34.09 8.40 -6.44
CA PHE A 210 -33.59 9.12 -5.26
C PHE A 210 -33.61 10.61 -5.48
N GLU A 211 -33.86 11.05 -6.72
CA GLU A 211 -33.98 12.46 -7.01
C GLU A 211 -34.99 13.09 -6.03
N GLY A 212 -34.51 14.19 -5.41
CA GLY A 212 -35.39 15.16 -4.75
C GLY A 212 -35.84 14.73 -3.38
N LEU A 213 -35.10 13.76 -2.76
CA LEU A 213 -35.44 13.23 -1.44
C LEU A 213 -34.69 13.93 -0.33
N ASP A 214 -35.41 14.50 0.66
CA ASP A 214 -34.69 15.19 1.72
C ASP A 214 -34.13 14.20 2.73
N VAL A 215 -34.93 13.21 3.14
CA VAL A 215 -34.47 12.18 4.07
C VAL A 215 -34.75 10.79 3.49
N LEU A 216 -33.75 9.93 3.61
CA LEU A 216 -33.90 8.54 3.30
C LEU A 216 -33.60 7.66 4.50
N VAL A 217 -34.48 6.71 4.72
CA VAL A 217 -34.29 5.81 5.83
C VAL A 217 -33.93 4.46 5.26
N ASP A 218 -32.76 3.93 5.65
CA ASP A 218 -32.37 2.60 5.29
C ASP A 218 -32.63 1.68 6.47
N VAL A 219 -33.46 0.68 6.17
CA VAL A 219 -33.79 -0.30 7.19
C VAL A 219 -33.01 -1.60 7.02
N GLY A 220 -32.30 -1.92 8.11
CA GLY A 220 -31.33 -3.01 8.08
C GLY A 220 -30.17 -2.80 7.11
N GLY A 221 -29.64 -1.55 7.05
CA GLY A 221 -28.47 -1.28 6.24
C GLY A 221 -27.20 -0.99 7.07
N GLY A 222 -27.06 -1.64 8.22
CA GLY A 222 -25.74 -2.04 8.69
C GLY A 222 -24.97 -0.88 9.32
N ASN A 223 -23.82 -0.53 8.71
CA ASN A 223 -22.93 0.54 9.18
C ASN A 223 -23.16 1.88 8.46
N GLY A 224 -24.21 1.87 7.61
CA GLY A 224 -24.61 3.00 6.77
C GLY A 224 -23.82 3.12 5.47
N THR A 225 -23.11 2.05 5.09
CA THR A 225 -22.28 2.11 3.92
C THR A 225 -23.14 2.58 2.74
N THR A 226 -24.31 1.96 2.66
CA THR A 226 -25.21 2.21 1.56
C THR A 226 -25.65 3.68 1.49
N LEU A 227 -26.15 4.22 2.62
CA LEU A 227 -26.50 5.63 2.65
C LEU A 227 -25.34 6.59 2.28
N GLN A 228 -24.13 6.24 2.72
CA GLN A 228 -22.90 6.95 2.37
C GLN A 228 -22.76 7.01 0.85
N MET A 229 -22.99 5.89 0.15
CA MET A 229 -22.70 5.82 -1.28
C MET A 229 -23.69 6.71 -2.04
N ILE A 230 -24.93 6.62 -1.53
CA ILE A 230 -26.03 7.32 -2.16
C ILE A 230 -25.84 8.81 -1.98
N ARG A 231 -25.67 9.18 -0.71
CA ARG A 231 -25.51 10.56 -0.30
C ARG A 231 -24.33 11.18 -1.06
N GLY A 232 -23.27 10.36 -1.24
CA GLY A 232 -22.20 10.69 -2.17
C GLY A 232 -22.68 11.20 -3.55
N GLN A 233 -23.81 10.72 -4.16
CA GLN A 233 -24.25 11.29 -5.43
C GLN A 233 -25.38 12.33 -5.30
N TYR A 234 -26.11 12.35 -4.15
CA TYR A 234 -27.15 13.31 -3.86
C TYR A 234 -26.73 14.03 -2.55
N LYS A 235 -26.01 15.13 -2.66
CA LYS A 235 -25.24 15.61 -1.53
C LYS A 235 -26.20 16.21 -0.51
N ASN A 236 -27.38 16.72 -0.95
CA ASN A 236 -28.37 17.42 -0.12
C ASN A 236 -29.37 16.49 0.55
N MET A 237 -29.08 15.19 0.52
CA MET A 237 -29.96 14.15 1.00
C MET A 237 -29.38 13.69 2.30
N ARG A 238 -30.19 13.74 3.36
CA ARG A 238 -29.77 13.11 4.60
C ARG A 238 -30.28 11.68 4.65
N GLY A 239 -29.55 10.85 5.39
CA GLY A 239 -29.98 9.49 5.60
C GLY A 239 -30.19 9.21 7.08
N ILE A 240 -30.92 8.16 7.33
CA ILE A 240 -31.10 7.62 8.65
C ILE A 240 -30.89 6.13 8.51
N ASN A 241 -29.98 5.64 9.35
CA ASN A 241 -29.62 4.25 9.20
C ASN A 241 -30.32 3.50 10.30
N TYR A 242 -31.36 2.71 9.96
CA TYR A 242 -32.10 2.05 11.02
C TYR A 242 -31.69 0.58 11.01
N ASP A 243 -31.38 0.09 12.21
CA ASP A 243 -31.15 -1.32 12.47
C ASP A 243 -31.24 -1.55 13.97
N LEU A 244 -31.01 -2.81 14.40
CA LEU A 244 -31.06 -3.17 15.82
C LEU A 244 -30.03 -2.40 16.65
N PRO A 245 -30.21 -2.16 17.97
CA PRO A 245 -29.20 -1.42 18.74
C PRO A 245 -27.85 -2.13 18.75
N HIS A 246 -27.85 -3.49 18.88
CA HIS A 246 -26.59 -4.23 18.85
C HIS A 246 -25.78 -3.85 17.59
N VAL A 247 -26.42 -3.74 16.41
CA VAL A 247 -25.79 -3.45 15.11
C VAL A 247 -25.32 -1.99 15.03
N ILE A 248 -26.09 -1.10 15.67
CA ILE A 248 -25.93 0.35 15.58
C ILE A 248 -24.85 0.84 16.50
N ALA A 249 -24.85 0.33 17.75
CA ALA A 249 -23.83 0.69 18.74
C ALA A 249 -22.42 0.32 18.24
N GLN A 250 -22.32 -0.55 17.18
CA GLN A 250 -21.04 -0.81 16.54
C GLN A 250 -20.87 -0.18 15.15
N ALA A 251 -21.53 0.92 14.84
CA ALA A 251 -21.44 1.40 13.47
C ALA A 251 -20.79 2.78 13.54
N ALA A 252 -19.81 3.00 12.64
CA ALA A 252 -18.99 4.21 12.61
C ALA A 252 -19.85 5.43 12.16
N PRO A 253 -19.72 6.63 12.80
CA PRO A 253 -20.16 7.89 12.22
C PRO A 253 -19.86 8.05 10.73
N VAL A 254 -20.89 8.62 10.08
CA VAL A 254 -20.90 8.83 8.63
C VAL A 254 -21.50 10.22 8.42
N GLU A 255 -20.93 11.01 7.48
CA GLU A 255 -21.35 12.40 7.28
C GLU A 255 -22.77 12.36 6.70
N GLY A 256 -23.66 13.16 7.34
CA GLY A 256 -25.06 13.29 6.95
C GLY A 256 -25.99 12.08 7.22
N VAL A 257 -25.55 11.16 8.10
CA VAL A 257 -26.34 10.00 8.46
C VAL A 257 -26.45 9.91 9.98
N GLU A 258 -27.71 10.03 10.50
CA GLU A 258 -28.07 9.66 11.86
C GLU A 258 -28.30 8.14 11.89
N HIS A 259 -27.64 7.45 12.80
CA HIS A 259 -27.86 6.04 13.11
C HIS A 259 -28.94 5.85 14.18
N VAL A 260 -30.04 5.15 13.88
CA VAL A 260 -31.09 4.91 14.86
C VAL A 260 -31.20 3.40 15.14
N GLY A 261 -31.36 3.07 16.44
CA GLY A 261 -31.49 1.70 16.94
C GLY A 261 -32.94 1.37 17.29
N GLY A 262 -33.38 0.18 16.93
CA GLY A 262 -34.78 -0.14 17.16
C GLY A 262 -35.20 -1.34 16.33
N SER A 263 -36.43 -1.82 16.57
CA SER A 263 -37.05 -2.90 15.77
C SER A 263 -38.00 -2.30 14.71
N MET A 264 -37.87 -2.82 13.47
CA MET A 264 -38.74 -2.38 12.38
C MET A 264 -40.17 -2.92 12.61
N PHE A 265 -40.34 -3.90 13.52
CA PHE A 265 -41.66 -4.40 13.88
C PHE A 265 -42.46 -3.49 14.82
N ASP A 266 -41.73 -2.63 15.60
CA ASP A 266 -42.26 -1.63 16.49
C ASP A 266 -42.60 -0.40 15.67
N ASN A 267 -41.61 0.14 14.95
CA ASN A 267 -41.78 1.41 14.24
C ASN A 267 -40.58 1.67 13.38
N ILE A 268 -40.60 2.83 12.69
CA ILE A 268 -39.58 3.20 11.71
C ILE A 268 -39.44 4.72 11.72
N PRO A 269 -38.20 5.27 11.72
CA PRO A 269 -38.01 6.70 11.64
C PRO A 269 -38.70 7.33 10.44
N ARG A 270 -38.97 8.63 10.58
CA ARG A 270 -39.79 9.34 9.61
C ARG A 270 -38.85 9.70 8.45
N GLY A 271 -39.33 9.61 7.21
CA GLY A 271 -38.69 10.33 6.14
C GLY A 271 -39.52 10.35 4.87
N ASN A 272 -38.85 10.76 3.77
CA ASN A 272 -39.46 10.92 2.45
C ASN A 272 -39.57 9.57 1.74
N ALA A 273 -38.58 8.71 1.98
CA ALA A 273 -38.63 7.37 1.46
C ALA A 273 -37.96 6.46 2.46
N VAL A 274 -38.33 5.19 2.35
CA VAL A 274 -37.74 4.08 3.07
C VAL A 274 -37.19 3.06 2.08
N LEU A 275 -35.99 2.57 2.37
CA LEU A 275 -35.32 1.54 1.60
C LEU A 275 -35.36 0.20 2.33
N LEU A 276 -35.83 -0.83 1.59
CA LEU A 276 -35.87 -2.20 2.07
C LEU A 276 -35.19 -3.10 1.07
N LYS A 277 -33.87 -3.33 1.28
CA LYS A 277 -33.09 -4.21 0.42
C LYS A 277 -32.95 -5.59 1.11
N TRP A 278 -33.58 -6.58 0.42
CA TRP A 278 -33.48 -7.96 0.85
C TRP A 278 -33.97 -8.12 2.27
N ILE A 279 -35.02 -7.35 2.61
CA ILE A 279 -35.68 -7.44 3.92
C ILE A 279 -36.94 -8.27 3.79
N LEU A 280 -37.84 -7.81 2.96
CA LEU A 280 -39.15 -8.44 2.82
C LEU A 280 -39.07 -9.93 2.54
N HIS A 281 -38.06 -10.36 1.80
CA HIS A 281 -38.14 -11.73 1.29
C HIS A 281 -37.77 -12.69 2.44
N ASP A 282 -37.43 -12.15 3.61
CA ASP A 282 -37.03 -12.95 4.76
C ASP A 282 -38.23 -13.44 5.58
N TRP A 283 -39.43 -12.88 5.26
CA TRP A 283 -40.57 -12.83 6.16
C TRP A 283 -41.81 -13.29 5.41
N ASP A 284 -42.81 -13.76 6.13
CA ASP A 284 -44.07 -14.17 5.56
C ASP A 284 -44.90 -12.92 5.36
N ASP A 285 -46.09 -13.13 4.71
CA ASP A 285 -46.96 -12.02 4.32
C ASP A 285 -47.28 -11.17 5.55
N LYS A 286 -47.55 -11.84 6.66
CA LYS A 286 -48.07 -11.13 7.84
C LYS A 286 -46.98 -10.23 8.44
N ALA A 287 -45.73 -10.65 8.40
CA ALA A 287 -44.66 -9.90 9.02
C ALA A 287 -44.33 -8.71 8.15
N CYS A 288 -44.30 -8.98 6.84
CA CYS A 288 -44.11 -7.97 5.83
C CYS A 288 -45.15 -6.88 5.98
N ILE A 289 -46.41 -7.23 6.23
CA ILE A 289 -47.47 -6.22 6.35
C ILE A 289 -47.26 -5.43 7.63
N LYS A 290 -46.81 -6.06 8.74
CA LYS A 290 -46.42 -5.25 9.90
C LYS A 290 -45.39 -4.19 9.51
N ILE A 291 -44.34 -4.60 8.79
CA ILE A 291 -43.19 -3.77 8.46
C ILE A 291 -43.58 -2.60 7.54
N LEU A 292 -44.36 -2.95 6.54
CA LEU A 292 -44.84 -1.95 5.60
C LEU A 292 -45.84 -0.99 6.26
N LYS A 293 -46.65 -1.45 7.19
CA LYS A 293 -47.54 -0.54 7.88
C LYS A 293 -46.76 0.51 8.64
N ASN A 294 -45.79 0.05 9.43
CA ASN A 294 -44.79 0.91 10.09
C ASN A 294 -44.08 1.90 9.15
N CYS A 295 -43.83 1.48 7.90
CA CYS A 295 -43.30 2.37 6.87
C CYS A 295 -44.33 3.38 6.40
N TYR A 296 -45.55 2.90 6.26
CA TYR A 296 -46.63 3.80 5.87
C TYR A 296 -46.71 4.96 6.89
N THR A 297 -46.71 4.65 8.20
CA THR A 297 -46.91 5.68 9.25
C THR A 297 -45.67 6.61 9.29
N ALA A 298 -44.46 6.03 9.30
CA ALA A 298 -43.19 6.72 9.13
C ALA A 298 -43.22 7.79 8.00
N LEU A 299 -43.69 7.45 6.81
CA LEU A 299 -43.49 8.33 5.66
C LEU A 299 -44.38 9.60 5.68
N HIS A 300 -43.84 10.77 5.31
N HIS A 300 -43.77 10.71 5.23
CA HIS A 300 -44.78 11.88 5.16
CA HIS A 300 -44.49 11.96 4.99
C HIS A 300 -45.39 11.73 3.79
C HIS A 300 -45.35 11.74 3.75
N VAL A 301 -46.44 12.50 3.55
CA VAL A 301 -47.31 12.17 2.45
C VAL A 301 -46.56 12.37 1.13
N ARG A 302 -46.94 11.57 0.11
CA ARG A 302 -46.24 11.44 -1.19
C ARG A 302 -44.90 10.70 -1.03
N GLY A 303 -44.64 10.17 0.21
CA GLY A 303 -43.49 9.36 0.54
C GLY A 303 -43.57 8.04 -0.17
N LYS A 304 -42.46 7.27 -0.20
CA LYS A 304 -42.41 6.00 -0.93
C LYS A 304 -41.60 4.97 -0.13
N VAL A 305 -41.96 3.71 -0.32
CA VAL A 305 -41.10 2.60 0.02
C VAL A 305 -40.41 2.22 -1.27
N ILE A 306 -39.10 1.92 -1.18
CA ILE A 306 -38.31 1.39 -2.29
C ILE A 306 -37.81 0.01 -1.89
N VAL A 307 -38.27 -1.01 -2.63
CA VAL A 307 -38.08 -2.41 -2.29
C VAL A 307 -37.10 -2.88 -3.34
N LEU A 308 -36.01 -3.52 -2.87
CA LEU A 308 -34.97 -4.05 -3.70
C LEU A 308 -34.92 -5.55 -3.44
N GLU A 309 -35.49 -6.23 -4.42
CA GLU A 309 -35.73 -7.65 -4.33
C GLU A 309 -35.82 -8.23 -5.73
N TYR A 310 -35.67 -9.57 -5.78
CA TYR A 310 -36.03 -10.29 -7.00
C TYR A 310 -37.55 -10.29 -7.14
N VAL A 311 -38.02 -10.55 -8.35
CA VAL A 311 -39.44 -10.63 -8.60
C VAL A 311 -39.69 -11.86 -9.40
N VAL A 312 -40.19 -12.93 -8.76
CA VAL A 312 -40.46 -14.14 -9.51
C VAL A 312 -41.50 -13.87 -10.56
N PRO A 313 -41.40 -14.40 -11.81
CA PRO A 313 -42.53 -14.38 -12.77
C PRO A 313 -43.75 -15.15 -12.27
N ASP A 314 -44.89 -14.90 -12.93
CA ASP A 314 -46.17 -15.45 -12.48
C ASP A 314 -46.20 -16.96 -12.76
N GLU A 315 -45.26 -17.43 -13.59
CA GLU A 315 -45.25 -18.83 -14.02
C GLU A 315 -43.80 -19.33 -14.06
N PRO A 316 -43.52 -20.63 -13.79
CA PRO A 316 -42.15 -21.15 -13.91
C PRO A 316 -41.73 -21.35 -15.36
N GLU A 317 -41.31 -20.23 -15.94
CA GLU A 317 -40.82 -20.18 -17.29
C GLU A 317 -39.41 -20.74 -17.26
N PRO A 318 -39.02 -21.54 -18.28
CA PRO A 318 -37.70 -22.17 -18.26
C PRO A 318 -36.60 -21.19 -18.69
N THR A 319 -36.45 -20.01 -18.07
CA THR A 319 -35.46 -19.01 -18.50
C THR A 319 -34.36 -18.91 -17.49
N LEU A 320 -33.19 -18.45 -17.91
CA LEU A 320 -32.08 -18.38 -16.99
C LEU A 320 -32.47 -17.45 -15.81
N ALA A 321 -33.30 -16.42 -16.05
CA ALA A 321 -33.62 -15.40 -15.08
C ALA A 321 -34.63 -15.94 -14.07
N ALA A 322 -35.64 -16.57 -14.60
CA ALA A 322 -36.68 -17.26 -13.84
C ALA A 322 -36.03 -18.31 -12.96
N GLN A 323 -35.12 -19.10 -13.54
CA GLN A 323 -34.48 -20.14 -12.74
C GLN A 323 -33.77 -19.58 -11.52
N GLY A 324 -33.14 -18.44 -11.72
CA GLY A 324 -32.34 -17.85 -10.66
C GLY A 324 -33.20 -17.24 -9.54
N ALA A 325 -34.37 -16.78 -9.94
CA ALA A 325 -35.31 -16.31 -8.95
C ALA A 325 -35.95 -17.47 -8.18
N PHE A 326 -36.35 -18.55 -8.85
CA PHE A 326 -36.88 -19.71 -8.09
C PHE A 326 -35.79 -20.36 -7.26
N GLU A 327 -34.53 -20.26 -7.71
CA GLU A 327 -33.44 -20.76 -6.88
C GLU A 327 -33.30 -19.93 -5.56
N LEU A 328 -33.44 -18.58 -5.73
CA LEU A 328 -33.45 -17.73 -4.57
C LEU A 328 -34.64 -18.05 -3.70
N ASP A 329 -35.78 -18.41 -4.33
CA ASP A 329 -36.97 -18.70 -3.55
C ASP A 329 -36.62 -19.84 -2.61
N LEU A 330 -35.91 -20.85 -3.17
CA LEU A 330 -35.71 -22.06 -2.39
C LEU A 330 -34.76 -21.77 -1.24
N THR A 331 -33.76 -20.91 -1.51
CA THR A 331 -32.84 -20.47 -0.48
C THR A 331 -33.59 -19.83 0.69
N MET A 332 -34.62 -19.03 0.33
CA MET A 332 -35.45 -18.45 1.39
C MET A 332 -36.14 -19.55 2.16
N LEU A 333 -36.74 -20.47 1.40
CA LEU A 333 -37.43 -21.62 1.96
C LEU A 333 -36.56 -22.40 2.92
N VAL A 334 -35.32 -22.70 2.53
CA VAL A 334 -34.39 -23.45 3.37
C VAL A 334 -34.01 -22.64 4.63
N THR A 335 -33.75 -21.34 4.39
CA THR A 335 -33.11 -20.49 5.38
C THR A 335 -34.12 -20.14 6.48
N PHE A 336 -35.34 -19.76 6.05
CA PHE A 336 -36.38 -19.18 6.92
C PHE A 336 -37.68 -19.97 6.93
N GLY A 337 -37.93 -20.74 5.85
CA GLY A 337 -39.18 -21.47 5.74
C GLY A 337 -40.26 -20.61 5.10
N SER A 338 -40.73 -19.63 5.87
CA SER A 338 -41.82 -18.78 5.43
C SER A 338 -41.30 -17.55 4.71
N GLY A 339 -39.99 -17.22 4.88
CA GLY A 339 -39.29 -16.30 3.97
C GLY A 339 -39.56 -16.80 2.56
N LYS A 340 -39.59 -15.92 1.54
CA LYS A 340 -40.08 -16.30 0.20
C LYS A 340 -39.82 -15.19 -0.77
N GLU A 341 -39.74 -15.58 -2.06
CA GLU A 341 -39.71 -14.62 -3.19
C GLU A 341 -41.11 -14.42 -3.70
N ARG A 342 -41.36 -13.24 -4.33
CA ARG A 342 -42.71 -12.71 -4.60
C ARG A 342 -42.81 -12.21 -6.03
N THR A 343 -44.02 -12.37 -6.59
CA THR A 343 -44.42 -11.85 -7.88
C THR A 343 -44.82 -10.40 -7.61
N GLN A 344 -44.79 -9.59 -8.67
CA GLN A 344 -45.25 -8.21 -8.73
C GLN A 344 -46.60 -8.11 -8.05
N ARG A 345 -47.56 -8.93 -8.51
CA ARG A 345 -48.91 -8.96 -7.97
C ARG A 345 -48.86 -9.14 -6.43
N GLU A 346 -48.08 -10.11 -5.93
CA GLU A 346 -48.04 -10.38 -4.50
C GLU A 346 -47.45 -9.19 -3.72
N PHE A 347 -46.45 -8.54 -4.26
CA PHE A 347 -45.85 -7.36 -3.65
C PHE A 347 -46.94 -6.28 -3.53
N SER A 348 -47.67 -6.09 -4.65
CA SER A 348 -48.72 -5.10 -4.71
C SER A 348 -49.76 -5.33 -3.63
N GLU A 349 -50.13 -6.58 -3.37
CA GLU A 349 -51.12 -6.90 -2.39
C GLU A 349 -50.54 -6.61 -1.01
N LEU A 350 -49.25 -6.81 -0.78
CA LEU A 350 -48.71 -6.43 0.51
C LEU A 350 -48.83 -4.93 0.72
N ALA A 351 -48.53 -4.18 -0.34
CA ALA A 351 -48.58 -2.73 -0.25
C ALA A 351 -50.02 -2.26 0.00
N MET A 352 -50.98 -2.93 -0.60
CA MET A 352 -52.37 -2.49 -0.46
C MET A 352 -52.89 -2.86 0.91
N GLU A 353 -52.56 -4.04 1.41
CA GLU A 353 -52.90 -4.34 2.80
C GLU A 353 -52.33 -3.26 3.74
N ALA A 354 -51.15 -2.73 3.44
CA ALA A 354 -50.47 -1.92 4.44
C ALA A 354 -50.82 -0.46 4.29
N GLY A 355 -51.65 -0.18 3.26
CA GLY A 355 -52.33 1.13 3.12
C GLY A 355 -51.92 1.89 1.85
N PHE A 356 -50.87 1.44 1.13
CA PHE A 356 -50.39 2.17 -0.01
C PHE A 356 -51.40 2.08 -1.18
N SER A 357 -51.36 3.06 -2.11
CA SER A 357 -52.32 3.18 -3.20
C SER A 357 -52.19 2.10 -4.30
N ARG A 358 -53.15 2.03 -5.22
CA ARG A 358 -53.05 1.10 -6.38
C ARG A 358 -52.23 1.84 -7.44
N GLU A 359 -50.93 1.84 -7.17
CA GLU A 359 -49.93 2.59 -7.94
C GLU A 359 -48.57 1.98 -7.62
N PHE A 360 -47.82 1.62 -8.66
CA PHE A 360 -46.68 0.71 -8.45
C PHE A 360 -45.67 1.02 -9.52
N LYS A 361 -44.40 1.11 -9.13
CA LYS A 361 -43.33 1.42 -10.11
C LYS A 361 -42.27 0.37 -9.97
N ALA A 362 -41.74 -0.05 -11.14
CA ALA A 362 -40.79 -1.14 -11.15
C ALA A 362 -39.68 -0.75 -12.08
N THR A 363 -38.46 -0.77 -11.57
CA THR A 363 -37.28 -0.46 -12.38
C THR A 363 -36.32 -1.64 -12.23
N TYR A 364 -35.98 -2.26 -13.33
CA TYR A 364 -34.97 -3.32 -13.34
C TYR A 364 -33.64 -2.70 -12.97
N ILE A 365 -32.85 -3.36 -12.13
CA ILE A 365 -31.49 -2.86 -11.85
C ILE A 365 -30.40 -3.72 -12.51
N PHE A 366 -30.27 -4.96 -12.01
CA PHE A 366 -29.15 -5.81 -12.31
C PHE A 366 -29.35 -7.10 -11.56
N ALA A 367 -28.86 -8.19 -12.11
CA ALA A 367 -28.76 -9.48 -11.50
C ALA A 367 -30.08 -9.97 -10.90
N ASN A 368 -31.19 -9.77 -11.65
CA ASN A 368 -32.55 -10.14 -11.27
C ASN A 368 -33.21 -9.28 -10.19
N VAL A 369 -32.46 -8.33 -9.62
CA VAL A 369 -32.97 -7.36 -8.65
C VAL A 369 -33.65 -6.17 -9.31
N TRP A 370 -34.88 -5.89 -8.78
CA TRP A 370 -35.68 -4.72 -9.17
C TRP A 370 -35.81 -3.74 -7.99
N ALA A 371 -35.94 -2.46 -8.35
CA ALA A 371 -36.45 -1.45 -7.44
C ALA A 371 -37.94 -1.24 -7.69
N LEU A 372 -38.75 -1.66 -6.68
CA LEU A 372 -40.20 -1.51 -6.66
C LEU A 372 -40.58 -0.38 -5.76
N GLU A 373 -41.39 0.55 -6.24
CA GLU A 373 -41.76 1.67 -5.41
C GLU A 373 -43.27 1.70 -5.18
N PHE A 374 -43.60 1.86 -3.90
CA PHE A 374 -44.98 2.09 -3.48
C PHE A 374 -45.10 3.49 -2.92
N THR A 375 -46.20 4.19 -3.26
CA THR A 375 -46.48 5.57 -2.82
C THR A 375 -47.58 5.69 -1.77
N LYS A 376 -47.32 6.51 -0.71
CA LYS A 376 -48.33 6.74 0.36
C LYS A 376 -49.48 7.64 -0.13
N SER B 13 19.19 23.56 26.18
CA SER B 13 19.99 24.81 26.10
C SER B 13 20.81 24.95 27.40
N SER B 14 21.29 23.78 27.92
CA SER B 14 21.39 23.44 29.36
C SER B 14 22.17 22.13 29.63
N ALA B 15 22.47 21.81 30.92
CA ALA B 15 23.30 20.67 31.34
C ALA B 15 22.46 19.48 31.89
N ARG B 16 21.63 19.77 32.90
CA ARG B 16 20.57 18.98 33.51
C ARG B 16 19.65 18.41 32.41
N ASN B 17 19.33 19.28 31.43
CA ASN B 17 18.68 18.88 30.20
C ASN B 17 19.55 17.98 29.34
N GLU B 18 20.86 18.23 29.23
CA GLU B 18 21.65 17.48 28.27
C GLU B 18 21.72 16.03 28.78
N GLU B 19 21.90 15.90 30.13
CA GLU B 19 21.88 14.63 30.84
C GLU B 19 20.56 13.86 30.68
N ASP B 20 19.48 14.57 30.86
CA ASP B 20 18.12 14.07 30.66
C ASP B 20 17.95 13.62 29.21
N GLU B 21 18.43 14.39 28.19
CA GLU B 21 18.24 14.08 26.79
C GLU B 21 18.99 12.81 26.40
N SER B 22 20.17 12.73 26.97
N SER B 22 20.16 12.73 26.96
CA SER B 22 21.09 11.64 26.76
CA SER B 22 21.07 11.63 26.74
C SER B 22 20.49 10.37 27.37
C SER B 22 20.48 10.37 27.36
N CYS B 23 19.98 10.46 28.60
CA CYS B 23 19.26 9.32 29.16
C CYS B 23 18.13 8.79 28.24
N MET B 24 17.29 9.69 27.80
CA MET B 24 16.16 9.35 26.98
C MET B 24 16.61 8.86 25.60
N PHE B 25 17.77 9.39 25.13
CA PHE B 25 18.36 8.97 23.87
C PHE B 25 18.75 7.49 23.99
N ALA B 26 19.40 7.15 25.14
CA ALA B 26 19.72 5.77 25.44
C ALA B 26 18.45 4.94 25.25
N LEU B 27 17.34 5.38 25.87
CA LEU B 27 16.13 4.55 25.87
C LEU B 27 15.57 4.42 24.46
N LYS B 28 15.65 5.54 23.71
CA LYS B 28 15.21 5.50 22.34
C LYS B 28 15.96 4.40 21.56
N LEU B 29 17.28 4.36 21.71
CA LEU B 29 18.10 3.44 20.96
C LEU B 29 17.72 2.01 21.31
N LEU B 30 17.61 1.75 22.62
CA LEU B 30 17.21 0.42 23.07
C LEU B 30 15.82 -0.02 22.60
N GLY B 31 14.88 0.89 22.26
CA GLY B 31 13.52 0.42 22.04
C GLY B 31 12.98 0.59 20.60
N GLY B 32 13.84 0.97 19.67
CA GLY B 32 13.52 1.32 18.30
C GLY B 32 12.88 0.21 17.43
N PHE B 33 12.68 -1.01 17.94
CA PHE B 33 11.83 -2.05 17.37
C PHE B 33 10.32 -1.72 17.46
N ALA B 34 9.93 -0.81 18.36
CA ALA B 34 8.50 -0.55 18.54
C ALA B 34 7.90 0.00 17.23
N VAL B 35 8.58 0.93 16.56
CA VAL B 35 8.08 1.48 15.31
C VAL B 35 7.77 0.38 14.29
N PRO B 36 8.73 -0.48 13.94
CA PRO B 36 8.50 -1.58 13.03
C PRO B 36 7.34 -2.46 13.39
N PHE B 37 7.22 -2.80 14.66
CA PHE B 37 6.29 -3.83 15.07
C PHE B 37 4.87 -3.31 15.12
N THR B 38 4.78 -2.01 15.44
CA THR B 38 3.54 -1.29 15.40
C THR B 38 3.08 -1.17 13.96
N ILE B 39 3.97 -0.78 13.04
CA ILE B 39 3.59 -0.79 11.63
C ILE B 39 3.05 -2.15 11.13
N LYS B 40 3.74 -3.22 11.45
CA LYS B 40 3.32 -4.56 11.11
C LYS B 40 1.88 -4.79 11.50
N ALA B 41 1.59 -4.47 12.76
CA ALA B 41 0.26 -4.74 13.32
C ALA B 41 -0.81 -3.92 12.60
N VAL B 42 -0.46 -2.67 12.31
CA VAL B 42 -1.38 -1.77 11.63
C VAL B 42 -1.68 -2.24 10.19
N ILE B 43 -0.67 -2.81 9.52
CA ILE B 43 -0.84 -3.46 8.23
C ILE B 43 -1.67 -4.76 8.34
N GLU B 44 -1.32 -5.68 9.26
CA GLU B 44 -2.07 -6.92 9.38
C GLU B 44 -3.51 -6.69 9.80
N LEU B 45 -3.81 -5.58 10.47
CA LEU B 45 -5.22 -5.28 10.80
C LEU B 45 -6.07 -4.68 9.66
N GLY B 46 -5.42 -4.27 8.57
CA GLY B 46 -6.14 -3.66 7.46
C GLY B 46 -6.15 -2.14 7.60
N VAL B 47 -5.55 -1.60 8.64
CA VAL B 47 -5.81 -0.21 8.92
C VAL B 47 -4.96 0.69 8.01
N MET B 48 -3.74 0.23 7.72
CA MET B 48 -2.90 0.94 6.79
C MET B 48 -3.57 1.03 5.42
N ASP B 49 -4.10 -0.12 4.88
CA ASP B 49 -4.80 -0.04 3.63
C ASP B 49 -5.95 0.92 3.70
N GLN B 50 -6.64 1.01 4.85
CA GLN B 50 -7.81 1.87 4.88
C GLN B 50 -7.35 3.31 4.76
N LEU B 51 -6.28 3.67 5.47
CA LEU B 51 -5.76 5.03 5.37
C LEU B 51 -5.43 5.38 3.92
N LEU B 52 -4.90 4.39 3.21
CA LEU B 52 -4.38 4.61 1.88
C LEU B 52 -5.49 4.71 0.84
N THR B 53 -6.67 4.16 1.10
CA THR B 53 -7.83 4.28 0.20
C THR B 53 -8.83 5.29 0.78
N ALA B 54 -8.48 6.05 1.82
CA ALA B 54 -9.40 6.96 2.50
C ALA B 54 -9.48 8.24 1.71
N GLU B 55 -10.59 8.95 1.79
CA GLU B 55 -10.73 10.23 1.09
C GLU B 55 -10.38 11.40 2.03
N ARG B 56 -10.50 11.23 3.34
CA ARG B 56 -10.26 12.30 4.31
C ARG B 56 -9.64 11.62 5.53
N ALA B 57 -9.31 12.42 6.57
CA ALA B 57 -8.80 11.89 7.83
C ALA B 57 -9.81 10.89 8.39
N MET B 58 -9.40 9.87 9.16
CA MET B 58 -10.35 8.93 9.74
C MET B 58 -9.97 8.53 11.14
N SER B 59 -10.94 8.37 12.01
CA SER B 59 -10.69 8.05 13.40
C SER B 59 -10.43 6.58 13.52
N ALA B 60 -9.93 6.15 14.69
CA ALA B 60 -9.79 4.73 15.02
C ALA B 60 -11.09 3.96 14.81
N GLU B 61 -12.20 4.43 15.38
CA GLU B 61 -13.54 3.85 15.18
C GLU B 61 -13.81 3.62 13.69
N GLU B 62 -13.63 4.66 12.85
CA GLU B 62 -13.94 4.57 11.44
C GLU B 62 -13.05 3.54 10.81
N LEU B 63 -11.79 3.55 11.19
CA LEU B 63 -10.79 2.66 10.59
C LEU B 63 -11.02 1.19 10.96
N VAL B 64 -11.38 0.91 12.22
CA VAL B 64 -11.72 -0.45 12.59
C VAL B 64 -13.02 -0.94 11.89
N ALA B 65 -14.08 -0.13 11.90
CA ALA B 65 -15.28 -0.50 11.19
C ALA B 65 -15.00 -0.79 9.70
N ALA B 66 -14.09 -0.06 9.06
CA ALA B 66 -13.89 -0.30 7.62
C ALA B 66 -12.87 -1.42 7.38
N ALA B 67 -11.98 -1.77 8.33
CA ALA B 67 -10.90 -2.69 8.02
C ALA B 67 -11.18 -4.12 8.45
N VAL B 68 -12.20 -4.30 9.30
CA VAL B 68 -12.51 -5.56 9.95
C VAL B 68 -14.00 -5.83 9.80
N ALA B 69 -14.36 -6.87 9.03
CA ALA B 69 -15.77 -7.14 8.80
C ALA B 69 -16.37 -7.94 9.98
N ALA B 70 -15.50 -8.76 10.62
CA ALA B 70 -15.72 -9.56 11.85
C ALA B 70 -16.42 -8.80 13.00
N GLN B 71 -17.42 -9.46 13.60
CA GLN B 71 -17.94 -9.15 14.93
C GLN B 71 -16.75 -9.09 15.92
N LEU B 72 -16.73 -8.05 16.77
CA LEU B 72 -15.67 -7.92 17.80
C LEU B 72 -16.30 -8.17 19.18
N PRO B 73 -15.64 -9.02 19.99
CA PRO B 73 -16.08 -9.26 21.38
C PRO B 73 -16.00 -8.06 22.32
N ARG B 74 -15.03 -7.17 22.09
CA ARG B 74 -14.95 -5.90 22.79
C ARG B 74 -14.54 -4.88 21.72
N PRO B 75 -15.51 -4.28 21.01
CA PRO B 75 -15.21 -3.22 20.02
C PRO B 75 -14.63 -1.91 20.60
N GLU B 76 -15.07 -1.45 21.77
CA GLU B 76 -14.54 -0.27 22.46
C GLU B 76 -13.05 -0.43 22.74
N VAL B 77 -12.64 -1.63 23.21
CA VAL B 77 -11.20 -1.87 23.46
C VAL B 77 -10.36 -2.01 22.18
N ALA B 78 -10.87 -2.74 21.19
CA ALA B 78 -10.20 -2.74 19.90
C ALA B 78 -9.88 -1.33 19.37
N CYS B 79 -10.91 -0.48 19.38
CA CYS B 79 -10.77 0.90 18.90
C CYS B 79 -9.71 1.64 19.67
N THR B 80 -9.73 1.57 21.02
CA THR B 80 -8.77 2.35 21.78
C THR B 80 -7.36 1.83 21.51
N MET B 81 -7.24 0.52 21.29
CA MET B 81 -5.93 -0.03 21.03
C MET B 81 -5.41 0.49 19.70
N VAL B 82 -6.29 0.56 18.70
CA VAL B 82 -5.80 1.04 17.42
C VAL B 82 -5.52 2.54 17.51
N ASP B 83 -6.36 3.30 18.22
CA ASP B 83 -6.05 4.70 18.51
C ASP B 83 -4.60 4.85 19.03
N ARG B 84 -4.21 4.00 19.97
CA ARG B 84 -2.94 4.13 20.66
C ARG B 84 -1.80 3.83 19.72
N LEU B 85 -2.03 2.87 18.82
CA LEU B 85 -1.04 2.47 17.82
C LEU B 85 -0.80 3.60 16.87
N LEU B 86 -1.90 4.19 16.43
CA LEU B 86 -1.79 5.24 15.43
C LEU B 86 -1.30 6.51 16.08
N ARG B 87 -1.67 6.71 17.36
CA ARG B 87 -1.10 7.83 18.13
C ARG B 87 0.42 7.73 18.14
N PHE B 88 0.95 6.51 18.21
CA PHE B 88 2.39 6.40 18.29
C PHE B 88 2.99 6.71 16.94
N LEU B 89 2.41 6.16 15.89
CA LEU B 89 2.94 6.39 14.56
C LEU B 89 2.92 7.84 14.21
N ALA B 90 1.93 8.56 14.67
CA ALA B 90 1.80 9.96 14.35
C ALA B 90 2.93 10.73 15.01
N SER B 91 3.39 10.29 16.19
CA SER B 91 4.49 10.97 16.86
C SER B 91 5.81 10.81 16.10
N HIS B 92 5.83 9.76 15.28
CA HIS B 92 6.91 9.44 14.37
C HIS B 92 6.58 9.84 12.95
N SER B 93 5.56 10.68 12.72
CA SER B 93 5.41 11.31 11.42
C SER B 93 5.11 10.32 10.30
N VAL B 94 4.54 9.14 10.67
CA VAL B 94 4.14 8.12 9.71
C VAL B 94 2.71 8.30 9.21
N VAL B 95 1.88 8.90 10.07
CA VAL B 95 0.51 9.33 9.87
C VAL B 95 0.40 10.77 10.40
N ARG B 96 -0.58 11.50 9.83
CA ARG B 96 -0.96 12.80 10.34
C ARG B 96 -2.19 12.60 11.22
N CYS B 97 -2.30 13.49 12.21
CA CYS B 97 -3.28 13.38 13.28
C CYS B 97 -3.88 14.77 13.48
N THR B 98 -5.23 14.79 13.47
CA THR B 98 -6.03 15.97 13.75
C THR B 98 -6.93 15.56 14.91
N THR B 99 -7.23 16.51 15.79
CA THR B 99 -7.87 16.28 17.06
C THR B 99 -9.04 17.26 17.20
N GLU B 100 -10.23 16.72 17.50
CA GLU B 100 -11.49 17.45 17.53
C GLU B 100 -12.11 17.29 18.93
N VAL B 101 -12.86 18.31 19.37
CA VAL B 101 -13.62 18.18 20.63
C VAL B 101 -14.86 17.32 20.40
N VAL B 102 -15.19 16.48 21.43
CA VAL B 102 -16.25 15.47 21.38
C VAL B 102 -17.63 16.06 21.82
N VAL B 103 -18.72 15.54 21.19
CA VAL B 103 -20.13 15.66 21.58
C VAL B 103 -20.69 14.33 22.15
N GLY B 104 -20.41 14.02 23.45
CA GLY B 104 -21.09 12.98 24.24
C GLY B 104 -20.15 12.13 25.13
N THR B 105 -20.54 10.87 25.43
CA THR B 105 -19.62 9.90 26.06
C THR B 105 -19.14 8.91 24.97
N ASP B 106 -18.01 9.26 24.30
CA ASP B 106 -17.35 8.52 23.21
C ASP B 106 -16.23 7.63 23.76
N ASP B 107 -16.53 6.31 23.79
CA ASP B 107 -15.70 5.30 24.46
C ASP B 107 -14.89 4.49 23.44
N ALA B 108 -14.46 5.09 22.33
CA ALA B 108 -13.84 4.42 21.18
C ALA B 108 -12.49 5.05 20.76
N THR B 109 -12.14 6.17 21.45
CA THR B 109 -10.87 6.89 21.59
C THR B 109 -10.43 6.76 23.08
N THR B 110 -9.10 6.69 23.35
CA THR B 110 -8.46 6.56 24.68
C THR B 110 -8.37 7.88 25.48
N THR B 111 -8.52 9.04 24.80
CA THR B 111 -8.75 10.34 25.42
C THR B 111 -10.29 10.58 25.39
N THR B 112 -10.89 10.89 26.56
CA THR B 112 -12.33 11.08 26.69
C THR B 112 -12.80 12.32 25.91
N CYS B 113 -12.07 13.46 26.11
CA CYS B 113 -12.35 14.85 25.72
C CYS B 113 -12.41 15.10 24.20
N CYS B 114 -11.62 14.24 23.45
CA CYS B 114 -10.78 14.53 22.28
C CYS B 114 -10.65 13.27 21.41
N ARG B 115 -11.27 13.27 20.22
CA ARG B 115 -11.12 12.22 19.23
C ARG B 115 -10.05 12.63 18.19
N ARG B 116 -9.17 11.70 17.87
CA ARG B 116 -8.20 11.88 16.83
C ARG B 116 -8.65 11.19 15.54
N SER B 117 -8.33 11.86 14.41
CA SER B 117 -8.44 11.34 13.07
C SER B 117 -7.07 11.34 12.38
N TYR B 118 -6.86 10.32 11.57
CA TYR B 118 -5.57 10.01 11.04
C TYR B 118 -5.61 9.96 9.52
N ALA B 119 -4.56 10.38 8.86
CA ALA B 119 -4.36 10.18 7.43
C ALA B 119 -2.91 9.78 7.17
N ALA B 120 -2.73 8.90 6.20
CA ALA B 120 -1.48 8.36 5.67
C ALA B 120 -0.51 9.49 5.47
N SER B 121 0.78 9.32 5.79
CA SER B 121 1.82 10.17 5.21
C SER B 121 2.25 9.55 3.88
N PRO B 122 2.91 10.29 3.00
CA PRO B 122 3.20 9.76 1.67
C PRO B 122 4.09 8.50 1.73
N VAL B 123 4.78 8.36 2.89
CA VAL B 123 5.62 7.21 3.09
C VAL B 123 4.77 5.94 3.13
N CYS B 124 3.50 6.07 3.52
CA CYS B 124 2.67 4.90 3.77
C CYS B 124 2.37 4.18 2.47
N LYS B 125 2.51 4.92 1.36
CA LYS B 125 2.21 4.39 0.03
C LYS B 125 3.06 3.15 -0.23
N TRP B 126 4.26 3.11 0.36
CA TRP B 126 5.22 2.03 0.26
C TRP B 126 4.72 0.83 1.04
N PHE B 127 3.62 0.95 1.82
CA PHE B 127 3.11 -0.24 2.52
C PHE B 127 1.88 -0.84 1.82
N ALA B 128 1.53 -0.26 0.66
CA ALA B 128 0.26 -0.57 0.01
C ALA B 128 0.21 -2.07 -0.36
N ARG B 129 -0.93 -2.75 -0.05
CA ARG B 129 -1.09 -4.22 -0.19
C ARG B 129 -1.61 -4.63 -1.57
N ASN B 130 -0.77 -5.41 -2.30
CA ASN B 130 -0.94 -6.31 -3.47
C ASN B 130 -0.74 -5.55 -4.80
N GLY B 131 -1.33 -4.34 -4.88
CA GLY B 131 -1.42 -3.57 -6.12
C GLY B 131 -0.29 -2.54 -6.23
N VAL B 132 -0.58 -1.46 -6.99
CA VAL B 132 0.43 -0.68 -7.74
C VAL B 132 1.80 -0.57 -7.07
N GLU B 133 2.73 -1.25 -7.71
CA GLU B 133 3.97 -1.81 -7.20
C GLU B 133 4.91 -0.70 -6.71
N ASP B 134 4.44 0.57 -6.61
CA ASP B 134 5.17 1.58 -5.86
C ASP B 134 5.10 1.25 -4.36
N SER B 135 5.23 -0.06 -4.06
CA SER B 135 5.00 -0.70 -2.76
C SER B 135 6.19 -1.60 -2.45
N VAL B 136 6.65 -1.71 -1.21
CA VAL B 136 7.81 -2.52 -0.86
C VAL B 136 7.34 -3.51 0.19
N LEU B 137 6.02 -3.67 0.18
CA LEU B 137 5.42 -4.41 1.28
C LEU B 137 5.95 -5.84 1.30
N PRO B 138 5.95 -6.66 0.19
CA PRO B 138 6.26 -8.10 0.29
C PRO B 138 7.68 -8.23 0.86
N LEU B 139 8.53 -7.27 0.47
CA LEU B 139 9.86 -7.17 1.03
C LEU B 139 9.79 -6.86 2.52
N GLY B 140 8.94 -5.88 2.90
CA GLY B 140 8.71 -5.60 4.32
C GLY B 140 8.23 -6.84 5.12
N MET B 141 7.43 -7.68 4.44
CA MET B 141 6.89 -8.85 5.13
C MET B 141 7.97 -9.87 5.45
N MET B 142 9.01 -9.87 4.60
CA MET B 142 10.18 -10.73 4.81
C MET B 142 11.12 -10.13 5.87
N ILE B 143 11.36 -8.80 5.79
CA ILE B 143 12.18 -8.13 6.79
C ILE B 143 11.64 -8.48 8.18
N LEU B 144 10.31 -8.57 8.33
CA LEU B 144 9.66 -8.53 9.64
C LEU B 144 9.17 -9.89 10.07
N ASN B 145 9.57 -10.91 9.31
CA ASN B 145 9.20 -12.27 9.59
C ASN B 145 9.79 -12.67 10.94
N LYS B 146 9.03 -13.42 11.75
CA LYS B 146 9.61 -13.86 13.02
C LYS B 146 10.76 -14.82 12.75
N THR B 147 10.72 -15.53 11.62
CA THR B 147 11.73 -16.55 11.43
C THR B 147 13.07 -15.88 11.30
N PHE B 148 13.12 -14.83 10.47
CA PHE B 148 14.31 -14.04 10.30
C PHE B 148 14.63 -13.24 11.55
N LEU B 149 13.64 -12.64 12.19
CA LEU B 149 14.03 -11.74 13.29
C LEU B 149 14.63 -12.43 14.52
N ASP B 150 14.39 -13.74 14.70
CA ASP B 150 14.81 -14.45 15.89
C ASP B 150 16.32 -14.62 15.87
N SER B 151 16.90 -14.60 14.64
CA SER B 151 18.33 -14.65 14.44
C SER B 151 19.00 -13.50 15.19
N TRP B 152 18.34 -12.32 15.23
CA TRP B 152 19.03 -11.19 15.80
C TRP B 152 19.20 -11.30 17.29
N GLN B 153 18.62 -12.28 17.93
CA GLN B 153 18.70 -12.37 19.39
C GLN B 153 19.87 -13.27 19.78
N ASN B 154 20.58 -13.76 18.75
CA ASN B 154 21.64 -14.77 18.87
C ASN B 154 22.92 -14.35 18.15
N ILE B 155 23.01 -13.07 17.88
CA ILE B 155 24.22 -12.47 17.37
C ILE B 155 25.36 -12.72 18.36
N THR B 156 25.21 -12.34 19.66
CA THR B 156 26.30 -12.52 20.60
C THR B 156 26.99 -13.88 20.40
N ASP B 157 26.24 -14.98 20.59
CA ASP B 157 26.81 -16.31 20.63
C ASP B 157 27.40 -16.70 19.29
N ALA B 158 26.75 -16.23 18.24
CA ALA B 158 27.17 -16.45 16.87
C ALA B 158 28.53 -15.81 16.60
N VAL B 159 28.71 -14.55 16.99
CA VAL B 159 30.00 -13.87 16.90
C VAL B 159 31.10 -14.66 17.58
N LEU B 160 30.85 -15.10 18.80
CA LEU B 160 31.89 -15.83 19.53
C LEU B 160 32.40 -17.03 18.71
N GLU B 161 31.44 -17.79 18.17
CA GLU B 161 31.77 -19.00 17.46
C GLU B 161 32.23 -18.67 16.03
N GLY B 162 32.21 -17.40 15.64
CA GLY B 162 32.44 -17.09 14.23
C GLY B 162 31.43 -17.76 13.27
N ALA B 163 30.13 -17.80 13.64
CA ALA B 163 29.06 -18.41 12.88
C ALA B 163 28.10 -17.35 12.41
N ALA B 164 27.26 -17.68 11.42
CA ALA B 164 26.18 -16.84 10.96
C ALA B 164 24.98 -17.01 11.91
N PRO B 165 24.41 -15.90 12.49
CA PRO B 165 23.34 -16.05 13.50
C PRO B 165 22.18 -16.91 12.96
N PHE B 166 21.80 -16.73 11.68
CA PHE B 166 20.77 -17.59 11.13
C PHE B 166 21.06 -19.07 11.43
N GLU B 167 22.24 -19.50 11.05
CA GLU B 167 22.68 -20.88 11.18
C GLU B 167 22.79 -21.35 12.64
N LYS B 168 23.31 -20.47 13.51
CA LYS B 168 23.40 -20.79 14.92
C LYS B 168 21.98 -21.09 15.40
N THR B 169 21.00 -20.35 14.87
CA THR B 169 19.63 -20.38 15.34
C THR B 169 18.86 -21.56 14.77
N TYR B 170 19.10 -21.89 13.50
CA TYR B 170 18.35 -22.94 12.84
C TYR B 170 19.25 -24.14 12.49
N GLY B 171 20.51 -24.17 12.99
CA GLY B 171 21.51 -25.15 12.58
C GLY B 171 21.59 -25.41 11.06
N MET B 172 21.49 -24.39 10.20
CA MET B 172 21.85 -24.53 8.80
C MET B 172 21.85 -23.17 8.08
N PRO B 173 22.51 -23.09 6.90
CA PRO B 173 22.30 -21.97 5.98
C PRO B 173 20.83 -21.80 5.59
N MET B 174 20.50 -20.54 5.53
CA MET B 174 19.22 -20.02 5.11
C MET B 174 18.74 -20.78 3.87
N PHE B 175 19.61 -20.93 2.84
CA PHE B 175 19.15 -21.44 1.55
C PHE B 175 18.65 -22.85 1.72
N GLU B 176 19.39 -23.63 2.52
CA GLU B 176 19.04 -25.00 2.85
C GLU B 176 17.67 -25.01 3.53
N TYR B 177 17.50 -24.04 4.45
CA TYR B 177 16.36 -24.01 5.37
C TYR B 177 15.09 -23.79 4.58
N LEU B 178 15.20 -22.90 3.59
CA LEU B 178 14.15 -22.50 2.65
C LEU B 178 13.48 -23.66 1.92
N SER B 179 14.15 -24.79 1.67
CA SER B 179 13.48 -25.97 1.13
C SER B 179 12.55 -26.64 2.16
N THR B 180 12.94 -26.64 3.44
CA THR B 180 12.09 -27.17 4.52
C THR B 180 11.09 -26.10 5.02
N ASN B 181 10.76 -25.07 4.22
CA ASN B 181 9.73 -24.08 4.55
C ASN B 181 9.29 -23.32 3.30
N GLY B 182 8.27 -23.85 2.59
CA GLY B 182 7.68 -23.25 1.41
C GLY B 182 7.08 -21.87 1.70
N PRO B 183 6.36 -21.69 2.84
CA PRO B 183 5.81 -20.36 3.20
C PRO B 183 6.86 -19.26 3.30
N LEU B 184 8.02 -19.60 3.88
CA LEU B 184 9.15 -18.70 3.99
C LEU B 184 9.87 -18.55 2.65
N ASN B 185 9.91 -19.61 1.87
CA ASN B 185 10.43 -19.51 0.51
C ASN B 185 9.64 -18.47 -0.32
N THR B 186 8.33 -18.48 -0.16
CA THR B 186 7.49 -17.59 -0.92
C THR B 186 7.68 -16.16 -0.42
N VAL B 187 7.78 -16.03 0.88
CA VAL B 187 8.12 -14.72 1.44
C VAL B 187 9.37 -14.14 0.76
N PHE B 188 10.40 -15.00 0.72
CA PHE B 188 11.68 -14.65 0.16
C PHE B 188 11.58 -14.31 -1.35
N HIS B 189 10.93 -15.19 -2.14
CA HIS B 189 10.93 -14.97 -3.58
C HIS B 189 10.09 -13.74 -3.92
N GLU B 190 9.07 -13.49 -3.09
CA GLU B 190 8.15 -12.38 -3.39
C GLU B 190 8.85 -11.07 -3.03
N ALA B 191 9.66 -11.14 -1.99
CA ALA B 191 10.45 -10.01 -1.55
C ALA B 191 11.44 -9.63 -2.64
N MET B 192 12.12 -10.65 -3.23
CA MET B 192 13.17 -10.39 -4.20
C MET B 192 12.54 -9.83 -5.47
N ALA B 193 11.39 -10.43 -5.87
CA ALA B 193 10.73 -10.08 -7.13
C ALA B 193 10.19 -8.66 -7.01
N ASN B 194 9.84 -8.32 -5.75
CA ASN B 194 9.24 -7.03 -5.43
C ASN B 194 10.31 -5.98 -5.69
N HIS B 195 11.44 -6.20 -5.01
CA HIS B 195 12.56 -5.27 -5.11
C HIS B 195 13.05 -5.19 -6.57
N SER B 196 13.09 -6.34 -7.20
CA SER B 196 13.55 -6.45 -8.56
C SER B 196 12.69 -5.58 -9.45
N MET B 197 11.36 -5.62 -9.21
CA MET B 197 10.42 -4.88 -10.04
C MET B 197 10.64 -3.38 -9.96
N ILE B 198 10.79 -2.91 -8.72
CA ILE B 198 10.95 -1.50 -8.44
C ILE B 198 12.22 -1.06 -9.13
N ILE B 199 13.25 -1.85 -8.89
CA ILE B 199 14.55 -1.45 -9.35
C ILE B 199 14.60 -1.49 -10.85
N THR B 200 14.05 -2.56 -11.45
CA THR B 200 14.10 -2.66 -12.88
C THR B 200 13.33 -1.51 -13.50
N LYS B 201 12.18 -1.12 -12.93
CA LYS B 201 11.46 0.01 -13.50
C LYS B 201 12.34 1.28 -13.57
N LYS B 202 13.03 1.59 -12.46
CA LYS B 202 13.81 2.84 -12.35
C LYS B 202 15.07 2.75 -13.21
N LEU B 203 15.57 1.50 -13.37
CA LEU B 203 16.71 1.21 -14.23
C LEU B 203 16.43 1.82 -15.61
N LEU B 204 15.24 1.48 -16.17
CA LEU B 204 14.90 1.85 -17.54
C LEU B 204 14.84 3.37 -17.73
N LYS B 205 14.58 4.09 -16.63
CA LYS B 205 14.42 5.53 -16.64
C LYS B 205 15.79 6.23 -16.54
N PHE B 206 16.75 5.65 -15.79
CA PHE B 206 17.95 6.37 -15.31
C PHE B 206 19.25 5.75 -15.84
N PHE B 207 19.16 4.51 -16.35
CA PHE B 207 20.32 3.74 -16.75
C PHE B 207 20.35 3.65 -18.27
N ARG B 208 21.53 3.76 -18.90
CA ARG B 208 21.67 3.75 -20.36
C ARG B 208 22.38 2.46 -20.77
N GLY B 209 22.92 1.71 -19.80
CA GLY B 209 23.93 0.69 -20.06
C GLY B 209 23.38 -0.61 -20.62
N PHE B 210 22.11 -0.65 -20.97
CA PHE B 210 21.59 -1.79 -21.72
C PHE B 210 21.61 -1.53 -23.21
N GLU B 211 21.88 -0.28 -23.62
CA GLU B 211 21.97 0.09 -25.03
C GLU B 211 23.05 -0.77 -25.70
N GLY B 212 22.82 -1.14 -26.96
CA GLY B 212 23.85 -1.69 -27.87
C GLY B 212 24.14 -3.17 -27.61
N LEU B 213 23.27 -3.85 -26.85
CA LEU B 213 23.56 -5.15 -26.26
C LEU B 213 22.76 -6.19 -26.99
N ASP B 214 23.42 -7.18 -27.58
CA ASP B 214 22.66 -8.21 -28.31
C ASP B 214 22.11 -9.26 -27.31
N VAL B 215 22.96 -9.68 -26.37
CA VAL B 215 22.58 -10.70 -25.41
C VAL B 215 23.01 -10.26 -24.00
N LEU B 216 22.10 -10.60 -23.09
CA LEU B 216 22.16 -10.25 -21.69
C LEU B 216 21.78 -11.47 -20.86
N VAL B 217 22.60 -11.73 -19.86
CA VAL B 217 22.42 -12.85 -18.99
C VAL B 217 21.95 -12.31 -17.65
N ASP B 218 20.99 -13.03 -17.03
CA ASP B 218 20.50 -12.78 -15.69
C ASP B 218 20.82 -13.98 -14.81
N VAL B 219 21.54 -13.67 -13.72
CA VAL B 219 21.85 -14.70 -12.75
C VAL B 219 20.95 -14.64 -11.53
N GLY B 220 20.32 -15.79 -11.26
CA GLY B 220 19.34 -15.87 -10.19
C GLY B 220 18.10 -15.07 -10.60
N GLY B 221 17.66 -15.33 -11.84
CA GLY B 221 16.43 -14.79 -12.37
C GLY B 221 15.20 -15.45 -11.74
N GLY B 222 15.24 -16.79 -11.54
CA GLY B 222 14.03 -17.55 -11.25
C GLY B 222 13.24 -17.73 -12.54
N ASN B 223 12.30 -16.80 -12.85
CA ASN B 223 11.78 -16.58 -14.22
C ASN B 223 12.38 -15.28 -14.83
N GLY B 224 11.95 -15.03 -16.08
CA GLY B 224 12.50 -13.94 -16.89
C GLY B 224 11.75 -12.61 -16.77
N THR B 225 11.26 -12.31 -15.57
CA THR B 225 10.50 -11.09 -15.37
C THR B 225 11.35 -9.92 -15.85
N THR B 226 12.61 -10.02 -15.39
CA THR B 226 13.48 -8.86 -15.36
C THR B 226 13.92 -8.66 -16.81
N LEU B 227 14.26 -9.76 -17.50
CA LEU B 227 14.75 -9.63 -18.86
C LEU B 227 13.63 -9.20 -19.81
N GLN B 228 12.43 -9.72 -19.56
CA GLN B 228 11.24 -9.38 -20.33
C GLN B 228 10.96 -7.89 -20.21
N MET B 229 11.20 -7.33 -19.00
CA MET B 229 10.83 -5.97 -18.72
C MET B 229 11.79 -5.04 -19.48
N ILE B 230 13.05 -5.45 -19.46
CA ILE B 230 14.11 -4.70 -20.10
C ILE B 230 13.90 -4.76 -21.60
N ARG B 231 13.79 -6.02 -22.09
CA ARG B 231 13.48 -6.37 -23.47
C ARG B 231 12.31 -5.56 -23.99
N GLY B 232 11.27 -5.44 -23.13
CA GLY B 232 10.19 -4.48 -23.23
C GLY B 232 10.61 -3.13 -23.84
N GLN B 233 11.71 -2.51 -23.37
CA GLN B 233 12.09 -1.20 -23.89
C GLN B 233 13.33 -1.22 -24.84
N TYR B 234 14.04 -2.36 -24.91
CA TYR B 234 15.08 -2.63 -25.91
C TYR B 234 14.60 -3.81 -26.78
N LYS B 235 13.85 -3.51 -27.85
CA LYS B 235 13.07 -4.50 -28.60
C LYS B 235 13.95 -5.71 -28.99
N ASN B 236 15.11 -5.42 -29.62
CA ASN B 236 15.94 -6.36 -30.36
C ASN B 236 16.87 -7.22 -29.49
N MET B 237 16.90 -6.97 -28.18
CA MET B 237 17.91 -7.55 -27.31
C MET B 237 17.33 -8.82 -26.67
N ARG B 238 18.08 -9.91 -26.81
CA ARG B 238 17.62 -11.20 -26.31
C ARG B 238 18.18 -11.38 -24.90
N GLY B 239 17.64 -12.32 -24.15
CA GLY B 239 18.00 -12.48 -22.74
C GLY B 239 18.17 -13.97 -22.42
N ILE B 240 18.99 -14.26 -21.43
CA ILE B 240 19.27 -15.64 -21.05
C ILE B 240 19.20 -15.68 -19.53
N ASN B 241 18.44 -16.64 -19.02
CA ASN B 241 18.07 -16.58 -17.63
C ASN B 241 18.73 -17.73 -16.90
N TYR B 242 19.68 -17.45 -16.01
CA TYR B 242 20.44 -18.51 -15.36
C TYR B 242 19.98 -18.61 -13.93
N ASP B 243 19.75 -19.86 -13.52
CA ASP B 243 19.58 -20.24 -12.12
C ASP B 243 19.78 -21.76 -12.00
N LEU B 244 19.63 -22.31 -10.78
CA LEU B 244 19.76 -23.74 -10.49
C LEU B 244 18.79 -24.59 -11.35
N PRO B 245 19.05 -25.89 -11.63
CA PRO B 245 18.24 -26.59 -12.64
C PRO B 245 16.77 -26.76 -12.20
N HIS B 246 16.55 -27.21 -10.96
CA HIS B 246 15.20 -27.56 -10.57
C HIS B 246 14.38 -26.25 -10.54
N VAL B 247 15.03 -25.08 -10.28
CA VAL B 247 14.37 -23.76 -10.28
C VAL B 247 13.99 -23.31 -11.70
N ILE B 248 14.83 -23.66 -12.70
CA ILE B 248 14.64 -23.28 -14.10
C ILE B 248 13.59 -24.16 -14.77
N ALA B 249 13.61 -25.48 -14.45
CA ALA B 249 12.61 -26.45 -14.85
C ALA B 249 11.17 -25.99 -14.52
N GLN B 250 10.99 -25.01 -13.60
CA GLN B 250 9.68 -24.44 -13.32
C GLN B 250 9.64 -22.96 -13.75
N ALA B 251 9.68 -22.79 -15.10
CA ALA B 251 9.62 -21.46 -15.71
C ALA B 251 8.78 -21.45 -17.01
N ALA B 252 7.81 -20.52 -16.98
CA ALA B 252 6.91 -20.21 -18.08
C ALA B 252 7.66 -19.59 -19.27
N PRO B 253 7.39 -20.02 -20.54
CA PRO B 253 7.89 -19.33 -21.73
C PRO B 253 7.82 -17.79 -21.63
N VAL B 254 8.94 -17.11 -21.95
CA VAL B 254 8.91 -15.67 -22.23
C VAL B 254 9.64 -15.39 -23.55
N GLU B 255 9.02 -14.54 -24.40
CA GLU B 255 9.48 -14.17 -25.74
C GLU B 255 10.90 -13.58 -25.62
N GLY B 256 11.80 -14.13 -26.47
CA GLY B 256 13.20 -13.71 -26.58
C GLY B 256 14.11 -14.19 -25.43
N VAL B 257 13.66 -15.19 -24.65
CA VAL B 257 14.30 -15.56 -23.38
C VAL B 257 14.47 -17.09 -23.27
N GLU B 258 15.72 -17.59 -23.34
CA GLU B 258 16.01 -18.98 -22.99
C GLU B 258 16.32 -19.01 -21.50
N HIS B 259 15.75 -20.04 -20.85
CA HIS B 259 16.04 -20.39 -19.48
C HIS B 259 17.08 -21.50 -19.43
N VAL B 260 18.19 -21.28 -18.70
CA VAL B 260 19.25 -22.29 -18.59
C VAL B 260 19.53 -22.58 -17.11
N GLY B 261 19.71 -23.88 -16.81
CA GLY B 261 20.08 -24.42 -15.53
C GLY B 261 21.58 -24.74 -15.42
N GLY B 262 22.01 -24.87 -14.16
CA GLY B 262 23.41 -24.96 -13.78
C GLY B 262 23.72 -24.09 -12.55
N SER B 263 24.86 -24.37 -11.89
CA SER B 263 25.42 -23.61 -10.76
C SER B 263 26.42 -22.53 -11.21
N MET B 264 26.29 -21.34 -10.60
CA MET B 264 27.04 -20.15 -11.00
C MET B 264 28.51 -20.23 -10.54
N PHE B 265 28.81 -21.19 -9.65
CA PHE B 265 30.17 -21.52 -9.22
C PHE B 265 30.94 -22.35 -10.25
N ASP B 266 30.20 -23.11 -11.10
CA ASP B 266 30.77 -23.97 -12.13
C ASP B 266 30.86 -23.18 -13.44
N ASN B 267 29.76 -22.60 -13.92
CA ASN B 267 29.71 -22.03 -15.26
C ASN B 267 28.70 -20.88 -15.29
N ILE B 268 28.75 -20.11 -16.39
CA ILE B 268 27.76 -19.08 -16.73
C ILE B 268 27.58 -19.04 -18.27
N PRO B 269 26.37 -18.81 -18.82
CA PRO B 269 26.23 -18.67 -20.28
C PRO B 269 26.85 -17.40 -20.87
N ARG B 270 27.11 -17.38 -22.18
CA ARG B 270 27.75 -16.22 -22.82
C ARG B 270 26.76 -15.12 -23.21
N GLY B 271 27.07 -13.86 -22.78
CA GLY B 271 26.39 -12.65 -23.26
C GLY B 271 27.35 -11.51 -23.66
N ASN B 272 26.79 -10.32 -24.00
CA ASN B 272 27.55 -9.07 -24.08
C ASN B 272 27.53 -8.33 -22.72
N ALA B 273 26.69 -8.81 -21.82
CA ALA B 273 26.69 -8.39 -20.46
C ALA B 273 26.08 -9.50 -19.61
N VAL B 274 26.49 -9.52 -18.34
CA VAL B 274 25.93 -10.39 -17.32
C VAL B 274 25.46 -9.49 -16.18
N LEU B 275 24.31 -9.88 -15.59
CA LEU B 275 23.57 -9.11 -14.61
C LEU B 275 23.49 -9.90 -13.29
N LEU B 276 23.89 -9.23 -12.21
CA LEU B 276 23.89 -9.78 -10.88
C LEU B 276 23.22 -8.76 -9.96
N LYS B 277 21.92 -8.94 -9.68
CA LYS B 277 21.26 -8.19 -8.61
C LYS B 277 21.21 -9.00 -7.30
N TRP B 278 21.86 -8.45 -6.27
CA TRP B 278 21.75 -8.94 -4.90
C TRP B 278 22.20 -10.40 -4.82
N ILE B 279 23.26 -10.69 -5.59
CA ILE B 279 23.90 -11.99 -5.61
C ILE B 279 25.18 -11.94 -4.75
N LEU B 280 26.06 -11.04 -5.17
CA LEU B 280 27.40 -10.98 -4.59
C LEU B 280 27.36 -10.74 -3.08
N HIS B 281 26.36 -9.98 -2.62
CA HIS B 281 26.40 -9.52 -1.25
C HIS B 281 26.10 -10.69 -0.32
N ASP B 282 25.76 -11.88 -0.88
CA ASP B 282 25.40 -13.06 -0.11
C ASP B 282 26.64 -13.87 0.33
N TRP B 283 27.80 -13.56 -0.26
CA TRP B 283 28.94 -14.48 -0.36
C TRP B 283 30.23 -13.80 0.11
N ASP B 284 31.19 -14.58 0.61
CA ASP B 284 32.48 -14.01 0.96
C ASP B 284 33.28 -13.66 -0.30
N ASP B 285 34.44 -13.00 -0.10
CA ASP B 285 35.33 -12.59 -1.18
C ASP B 285 35.71 -13.78 -2.07
N LYS B 286 36.04 -14.94 -1.47
CA LYS B 286 36.53 -16.12 -2.21
C LYS B 286 35.46 -16.60 -3.20
N ALA B 287 34.22 -16.62 -2.74
CA ALA B 287 33.15 -17.18 -3.50
C ALA B 287 32.79 -16.22 -4.62
N CYS B 288 32.74 -14.95 -4.26
CA CYS B 288 32.54 -13.88 -5.20
C CYS B 288 33.55 -13.95 -6.34
N ILE B 289 34.83 -14.21 -6.01
CA ILE B 289 35.84 -14.25 -7.06
C ILE B 289 35.62 -15.46 -7.96
N LYS B 290 35.23 -16.64 -7.42
CA LYS B 290 34.81 -17.74 -8.30
C LYS B 290 33.74 -17.26 -9.30
N ILE B 291 32.71 -16.60 -8.79
CA ILE B 291 31.55 -16.26 -9.59
C ILE B 291 31.92 -15.29 -10.72
N LEU B 292 32.67 -14.29 -10.33
CA LEU B 292 33.08 -13.25 -11.24
C LEU B 292 34.07 -13.74 -12.29
N LYS B 293 34.92 -14.69 -11.92
CA LYS B 293 35.80 -15.29 -12.90
C LYS B 293 34.99 -15.94 -14.01
N ASN B 294 34.00 -16.76 -13.63
CA ASN B 294 32.96 -17.36 -14.45
C ASN B 294 32.27 -16.34 -15.37
N CYS B 295 32.00 -15.12 -14.85
CA CYS B 295 31.59 -14.01 -15.71
C CYS B 295 32.67 -13.54 -16.70
N TYR B 296 33.92 -13.44 -16.23
CA TYR B 296 34.99 -13.04 -17.12
C TYR B 296 35.07 -13.99 -18.34
N THR B 297 35.06 -15.34 -18.08
CA THR B 297 35.19 -16.36 -19.14
C THR B 297 33.93 -16.33 -20.04
N ALA B 298 32.73 -16.33 -19.45
CA ALA B 298 31.47 -16.10 -20.15
C ALA B 298 31.52 -14.96 -21.18
N LEU B 299 31.97 -13.78 -20.76
CA LEU B 299 31.77 -12.58 -21.56
C LEU B 299 32.67 -12.59 -22.79
N HIS B 300 32.20 -12.05 -23.93
CA HIS B 300 33.18 -11.82 -24.99
C HIS B 300 33.91 -10.56 -24.61
N VAL B 301 35.05 -10.36 -25.24
CA VAL B 301 35.83 -9.15 -25.05
C VAL B 301 34.95 -7.93 -25.36
N ARG B 302 35.16 -6.81 -24.63
CA ARG B 302 34.32 -5.61 -24.64
C ARG B 302 33.00 -5.82 -23.87
N GLY B 303 32.76 -7.03 -23.31
CA GLY B 303 31.55 -7.33 -22.56
C GLY B 303 31.62 -6.67 -21.19
N LYS B 304 30.52 -6.71 -20.42
CA LYS B 304 30.39 -6.01 -19.15
C LYS B 304 29.62 -6.84 -18.12
N VAL B 305 30.02 -6.75 -16.86
CA VAL B 305 29.20 -7.25 -15.77
C VAL B 305 28.56 -6.04 -15.12
N ILE B 306 27.26 -6.19 -14.79
CA ILE B 306 26.41 -5.13 -14.27
C ILE B 306 25.88 -5.63 -12.94
N VAL B 307 26.25 -4.86 -11.89
CA VAL B 307 26.17 -5.35 -10.52
C VAL B 307 25.30 -4.35 -9.79
N LEU B 308 24.25 -4.90 -9.15
CA LEU B 308 23.21 -4.10 -8.54
C LEU B 308 23.20 -4.43 -7.05
N GLU B 309 23.76 -3.46 -6.33
CA GLU B 309 24.00 -3.61 -4.91
C GLU B 309 24.08 -2.20 -4.34
N TYR B 310 23.85 -2.12 -3.03
CA TYR B 310 24.18 -0.94 -2.27
C TYR B 310 25.72 -0.81 -2.22
N VAL B 311 26.18 0.41 -1.93
CA VAL B 311 27.60 0.63 -1.84
C VAL B 311 27.92 1.35 -0.54
N VAL B 312 28.38 0.65 0.48
CA VAL B 312 28.67 1.30 1.72
C VAL B 312 29.76 2.35 1.49
N PRO B 313 29.68 3.53 2.15
CA PRO B 313 30.76 4.52 2.04
C PRO B 313 32.06 4.04 2.68
N ASP B 314 33.13 4.79 2.40
CA ASP B 314 34.46 4.42 2.86
C ASP B 314 34.52 4.55 4.39
N GLU B 315 33.55 5.28 4.96
CA GLU B 315 33.53 5.71 6.33
C GLU B 315 32.11 5.73 6.87
N PRO B 316 31.88 5.52 8.19
CA PRO B 316 30.51 5.42 8.69
C PRO B 316 29.87 6.78 8.92
N GLU B 317 29.43 7.36 7.81
CA GLU B 317 28.82 8.68 7.77
C GLU B 317 27.45 8.65 8.43
N PRO B 318 27.09 9.70 9.18
CA PRO B 318 25.85 9.67 9.94
C PRO B 318 24.66 10.09 9.09
N THR B 319 24.43 9.48 7.90
CA THR B 319 23.34 9.92 7.03
C THR B 319 22.30 8.83 6.90
N LEU B 320 21.08 9.17 6.47
CA LEU B 320 20.05 8.16 6.30
C LEU B 320 20.54 7.11 5.27
N ALA B 321 21.27 7.53 4.23
CA ALA B 321 21.63 6.64 3.14
C ALA B 321 22.72 5.65 3.58
N ALA B 322 23.70 6.21 4.28
CA ALA B 322 24.75 5.41 4.93
C ALA B 322 24.12 4.43 5.90
N GLN B 323 23.20 4.89 6.72
CA GLN B 323 22.61 4.05 7.77
C GLN B 323 21.97 2.84 7.13
N GLY B 324 21.29 3.12 6.03
CA GLY B 324 20.49 2.08 5.37
C GLY B 324 21.36 0.98 4.79
N ALA B 325 22.50 1.42 4.28
CA ALA B 325 23.52 0.51 3.76
C ALA B 325 24.17 -0.28 4.86
N PHE B 326 24.58 0.38 5.96
CA PHE B 326 25.16 -0.38 7.08
C PHE B 326 24.14 -1.32 7.71
N GLU B 327 22.86 -0.93 7.71
CA GLU B 327 21.83 -1.81 8.21
C GLU B 327 21.72 -3.09 7.37
N LEU B 328 21.77 -2.90 6.03
CA LEU B 328 21.68 -4.03 5.12
C LEU B 328 22.91 -4.85 5.33
N ASP B 329 24.09 -4.22 5.59
CA ASP B 329 25.30 -4.97 5.93
C ASP B 329 24.97 -5.94 7.06
N LEU B 330 24.25 -5.45 8.07
CA LEU B 330 24.06 -6.27 9.25
C LEU B 330 23.11 -7.43 8.96
N THR B 331 22.10 -7.14 8.12
CA THR B 331 21.18 -8.16 7.69
C THR B 331 21.97 -9.28 6.99
N MET B 332 22.96 -8.87 6.14
CA MET B 332 23.77 -9.87 5.47
C MET B 332 24.50 -10.67 6.52
N LEU B 333 25.11 -9.95 7.46
CA LEU B 333 25.85 -10.62 8.52
C LEU B 333 25.01 -11.66 9.23
N VAL B 334 23.78 -11.27 9.63
CA VAL B 334 22.88 -12.11 10.42
C VAL B 334 22.45 -13.34 9.60
N THR B 335 22.15 -13.06 8.33
CA THR B 335 21.58 -14.06 7.45
C THR B 335 22.66 -15.09 7.07
N PHE B 336 23.86 -14.59 6.68
CA PHE B 336 24.90 -15.38 6.01
C PHE B 336 26.26 -15.46 6.73
N GLY B 337 26.54 -14.47 7.60
CA GLY B 337 27.82 -14.31 8.26
C GLY B 337 28.81 -13.58 7.35
N SER B 338 29.27 -14.29 6.34
CA SER B 338 30.32 -13.81 5.45
C SER B 338 29.72 -12.99 4.30
N GLY B 339 28.39 -13.15 4.08
CA GLY B 339 27.67 -12.21 3.23
C GLY B 339 27.91 -10.83 3.85
N LYS B 340 27.87 -9.76 3.04
CA LYS B 340 28.30 -8.43 3.45
C LYS B 340 28.07 -7.44 2.30
N GLU B 341 27.98 -6.15 2.72
CA GLU B 341 27.90 -5.02 1.81
C GLU B 341 29.31 -4.50 1.62
N ARG B 342 29.55 -3.87 0.42
CA ARG B 342 30.88 -3.58 -0.10
C ARG B 342 31.02 -2.12 -0.52
N THR B 343 32.27 -1.61 -0.41
CA THR B 343 32.60 -0.23 -0.79
C THR B 343 32.87 -0.34 -2.26
N GLN B 344 32.82 0.79 -2.99
CA GLN B 344 33.17 0.75 -4.41
C GLN B 344 34.58 0.17 -4.53
N ARG B 345 35.51 0.64 -3.68
CA ARG B 345 36.88 0.14 -3.64
C ARG B 345 36.92 -1.39 -3.51
N GLU B 346 36.16 -1.99 -2.58
CA GLU B 346 36.18 -3.43 -2.38
C GLU B 346 35.64 -4.18 -3.61
N PHE B 347 34.59 -3.64 -4.24
CA PHE B 347 34.02 -4.20 -5.47
C PHE B 347 35.07 -4.15 -6.57
N SER B 348 35.76 -3.00 -6.72
CA SER B 348 36.87 -2.89 -7.66
C SER B 348 37.90 -3.99 -7.44
N GLU B 349 38.30 -4.30 -6.19
CA GLU B 349 39.35 -5.26 -5.92
C GLU B 349 38.86 -6.66 -6.27
N LEU B 350 37.59 -6.95 -6.04
CA LEU B 350 37.07 -8.25 -6.45
C LEU B 350 37.10 -8.36 -7.98
N ALA B 351 36.72 -7.28 -8.68
CA ALA B 351 36.76 -7.30 -10.16
C ALA B 351 38.18 -7.52 -10.67
N MET B 352 39.16 -6.96 -9.98
CA MET B 352 40.52 -7.07 -10.45
C MET B 352 41.04 -8.47 -10.19
N GLU B 353 40.76 -9.06 -9.03
CA GLU B 353 41.12 -10.46 -8.83
C GLU B 353 40.50 -11.34 -9.94
N ALA B 354 39.32 -11.00 -10.42
CA ALA B 354 38.58 -11.91 -11.26
C ALA B 354 38.95 -11.69 -12.75
N GLY B 355 39.72 -10.64 -13.00
CA GLY B 355 40.38 -10.47 -14.29
C GLY B 355 40.07 -9.14 -14.98
N PHE B 356 39.16 -8.34 -14.40
CA PHE B 356 38.66 -7.19 -15.13
C PHE B 356 39.67 -6.07 -15.08
N SER B 357 39.65 -5.19 -16.11
CA SER B 357 40.51 -4.01 -16.16
C SER B 357 40.11 -2.93 -15.13
N ARG B 358 41.07 -2.01 -14.92
CA ARG B 358 40.98 -0.88 -13.98
C ARG B 358 40.09 0.23 -14.58
N GLU B 359 38.77 -0.07 -14.68
CA GLU B 359 37.81 0.79 -15.41
C GLU B 359 36.41 0.51 -14.89
N PHE B 360 35.74 1.52 -14.33
CA PHE B 360 34.53 1.29 -13.53
C PHE B 360 33.51 2.36 -13.88
N LYS B 361 32.24 1.94 -14.09
CA LYS B 361 31.15 2.89 -14.22
C LYS B 361 30.15 2.66 -13.09
N ALA B 362 29.77 3.78 -12.46
CA ALA B 362 28.84 3.74 -11.36
C ALA B 362 27.69 4.71 -11.65
N THR B 363 26.51 4.14 -11.60
CA THR B 363 25.27 4.85 -11.91
C THR B 363 24.35 4.63 -10.71
N TYR B 364 23.95 5.73 -10.06
CA TYR B 364 23.00 5.61 -8.94
C TYR B 364 21.66 5.23 -9.53
N ILE B 365 20.96 4.26 -8.90
CA ILE B 365 19.63 3.92 -9.42
C ILE B 365 18.54 4.50 -8.48
N PHE B 366 18.29 3.77 -7.40
CA PHE B 366 17.19 4.12 -6.55
C PHE B 366 17.35 3.36 -5.22
N ALA B 367 16.88 3.93 -4.11
CA ALA B 367 16.74 3.16 -2.87
C ALA B 367 18.04 2.46 -2.49
N ASN B 368 19.12 3.28 -2.51
CA ASN B 368 20.48 2.87 -2.16
C ASN B 368 21.24 2.03 -3.19
N VAL B 369 20.54 1.52 -4.22
CA VAL B 369 21.09 0.62 -5.21
C VAL B 369 21.74 1.40 -6.33
N TRP B 370 22.99 0.95 -6.63
CA TRP B 370 23.79 1.39 -7.77
C TRP B 370 23.92 0.26 -8.78
N ALA B 371 24.06 0.71 -10.04
CA ALA B 371 24.56 -0.14 -11.12
C ALA B 371 26.05 0.12 -11.30
N LEU B 372 26.85 -0.91 -11.01
CA LEU B 372 28.30 -0.86 -11.19
C LEU B 372 28.68 -1.75 -12.37
N GLU B 373 29.48 -1.16 -13.27
CA GLU B 373 29.88 -1.87 -14.47
C GLU B 373 31.38 -2.10 -14.49
N PHE B 374 31.71 -3.38 -14.74
CA PHE B 374 33.09 -3.78 -14.98
C PHE B 374 33.22 -4.28 -16.40
N THR B 375 34.27 -3.83 -17.12
CA THR B 375 34.50 -4.17 -18.51
C THR B 375 35.74 -5.07 -18.73
N LYS B 376 35.64 -6.02 -19.71
CA LYS B 376 36.61 -7.08 -19.91
C LYS B 376 37.74 -6.59 -20.82
N SER C 13 13.81 19.76 -10.99
CA SER C 13 13.10 18.51 -10.56
C SER C 13 13.95 17.75 -9.52
N SER C 14 13.70 18.09 -8.21
CA SER C 14 14.00 17.28 -7.04
C SER C 14 12.89 16.19 -6.88
N ALA C 15 12.41 15.71 -8.05
CA ALA C 15 11.28 14.79 -8.19
C ALA C 15 11.72 13.34 -7.95
N ARG C 16 12.79 12.94 -8.66
CA ARG C 16 13.45 11.65 -8.51
C ARG C 16 13.95 11.42 -7.08
N ASN C 17 14.49 12.49 -6.48
CA ASN C 17 15.14 12.47 -5.18
C ASN C 17 14.09 12.32 -4.07
N GLU C 18 12.93 13.01 -4.20
CA GLU C 18 11.93 13.00 -3.14
C GLU C 18 11.43 11.56 -2.97
N GLU C 19 11.16 10.92 -4.10
CA GLU C 19 10.67 9.55 -4.21
C GLU C 19 11.69 8.54 -3.66
N ASP C 20 12.95 8.77 -4.04
CA ASP C 20 14.07 7.99 -3.55
C ASP C 20 14.14 8.09 -2.02
N GLU C 21 14.03 9.31 -1.47
CA GLU C 21 14.18 9.57 -0.03
C GLU C 21 13.10 8.88 0.78
N SER C 22 11.92 9.02 0.19
CA SER C 22 10.69 8.53 0.74
C SER C 22 10.75 7.00 0.80
N CYS C 23 11.17 6.40 -0.31
CA CYS C 23 11.28 4.94 -0.31
C CYS C 23 12.24 4.44 0.76
N MET C 24 13.39 5.06 0.87
CA MET C 24 14.36 4.65 1.88
C MET C 24 13.87 4.88 3.33
N PHE C 25 13.07 5.95 3.51
CA PHE C 25 12.45 6.26 4.81
C PHE C 25 11.51 5.11 5.19
N ALA C 26 10.79 4.61 4.20
CA ALA C 26 9.95 3.43 4.43
C ALA C 26 10.77 2.32 5.06
N LEU C 27 11.89 1.99 4.41
CA LEU C 27 12.74 0.87 4.78
C LEU C 27 13.35 1.10 6.13
N LYS C 28 13.69 2.35 6.40
CA LYS C 28 14.20 2.72 7.73
C LYS C 28 13.21 2.33 8.80
N LEU C 29 11.95 2.68 8.61
CA LEU C 29 10.89 2.43 9.57
C LEU C 29 10.71 0.96 9.78
N LEU C 30 10.65 0.21 8.68
CA LEU C 30 10.51 -1.25 8.81
C LEU C 30 11.72 -1.94 9.45
N GLY C 31 12.91 -1.31 9.47
CA GLY C 31 14.07 -2.02 10.03
C GLY C 31 14.72 -1.36 11.21
N GLY C 32 13.88 -0.62 11.97
CA GLY C 32 14.31 0.17 13.11
C GLY C 32 14.76 -0.69 14.28
N PHE C 33 14.44 -2.03 14.27
CA PHE C 33 14.89 -2.96 15.31
C PHE C 33 16.41 -3.28 15.26
N ALA C 34 17.02 -3.11 14.09
CA ALA C 34 18.43 -3.49 13.92
C ALA C 34 19.33 -2.73 14.93
N VAL C 35 19.08 -1.43 15.18
CA VAL C 35 19.90 -0.66 16.15
C VAL C 35 19.90 -1.30 17.52
N PRO C 36 18.72 -1.42 18.14
CA PRO C 36 18.60 -2.05 19.46
C PRO C 36 19.26 -3.40 19.55
N PHE C 37 19.11 -4.24 18.49
CA PHE C 37 19.55 -5.62 18.64
C PHE C 37 21.08 -5.70 18.57
N THR C 38 21.61 -4.86 17.71
CA THR C 38 23.04 -4.75 17.53
C THR C 38 23.63 -4.22 18.87
N ILE C 39 23.03 -3.17 19.47
CA ILE C 39 23.51 -2.68 20.75
C ILE C 39 23.56 -3.75 21.83
N LYS C 40 22.48 -4.53 21.95
CA LYS C 40 22.44 -5.60 22.92
C LYS C 40 23.69 -6.50 22.78
N ALA C 41 23.99 -6.89 21.55
CA ALA C 41 25.06 -7.85 21.30
C ALA C 41 26.41 -7.24 21.65
N VAL C 42 26.60 -5.96 21.35
CA VAL C 42 27.84 -5.27 21.67
C VAL C 42 28.05 -5.16 23.19
N ILE C 43 26.95 -4.98 23.93
CA ILE C 43 26.96 -4.98 25.36
C ILE C 43 27.24 -6.40 25.91
N GLU C 44 26.48 -7.41 25.47
CA GLU C 44 26.68 -8.80 25.93
C GLU C 44 28.10 -9.31 25.74
N LEU C 45 28.75 -8.85 24.67
CA LEU C 45 30.12 -9.30 24.33
C LEU C 45 31.20 -8.62 25.17
N GLY C 46 30.85 -7.60 25.93
CA GLY C 46 31.79 -6.90 26.76
C GLY C 46 32.34 -5.68 26.06
N VAL C 47 31.93 -5.44 24.83
CA VAL C 47 32.70 -4.53 23.98
C VAL C 47 32.35 -3.11 24.40
N MET C 48 31.04 -2.92 24.70
CA MET C 48 30.58 -1.63 25.15
C MET C 48 31.28 -1.19 26.47
N ASP C 49 31.43 -2.09 27.43
CA ASP C 49 32.16 -1.81 28.64
C ASP C 49 33.59 -1.43 28.34
N GLN C 50 34.19 -2.10 27.35
CA GLN C 50 35.59 -1.78 27.06
C GLN C 50 35.66 -0.36 26.49
N LEU C 51 34.71 -0.02 25.60
CA LEU C 51 34.71 1.34 25.09
C LEU C 51 34.68 2.39 26.20
N LEU C 52 33.88 2.07 27.22
CA LEU C 52 33.57 2.99 28.32
C LEU C 52 34.76 3.21 29.22
N THR C 53 35.67 2.22 29.34
CA THR C 53 36.82 2.27 30.26
C THR C 53 38.12 2.55 29.51
N ALA C 54 38.06 2.66 28.16
CA ALA C 54 39.18 2.91 27.26
C ALA C 54 39.77 4.32 27.35
N GLU C 55 41.11 4.47 27.29
CA GLU C 55 41.77 5.75 27.33
C GLU C 55 41.73 6.49 25.98
N ARG C 56 41.89 5.72 24.91
CA ARG C 56 41.82 6.20 23.55
C ARG C 56 40.91 5.27 22.75
N ALA C 57 40.67 5.68 21.50
CA ALA C 57 40.00 4.91 20.47
C ALA C 57 40.65 3.54 20.36
N MET C 58 39.90 2.48 20.07
CA MET C 58 40.47 1.15 20.01
C MET C 58 39.79 0.35 18.90
N SER C 59 40.53 -0.54 18.27
CA SER C 59 40.02 -1.25 17.12
C SER C 59 39.13 -2.38 17.59
N ALA C 60 38.47 -3.05 16.64
CA ALA C 60 37.68 -4.25 16.88
C ALA C 60 38.57 -5.33 17.48
N GLU C 61 39.75 -5.55 16.89
CA GLU C 61 40.65 -6.55 17.40
C GLU C 61 41.00 -6.24 18.86
N GLU C 62 41.37 -4.99 19.18
CA GLU C 62 41.77 -4.66 20.54
C GLU C 62 40.57 -4.89 21.45
N LEU C 63 39.38 -4.51 21.01
CA LEU C 63 38.20 -4.61 21.85
C LEU C 63 37.79 -6.07 22.10
N VAL C 64 37.90 -6.94 21.11
CA VAL C 64 37.65 -8.35 21.35
C VAL C 64 38.72 -8.98 22.26
N ALA C 65 40.00 -8.74 22.01
CA ALA C 65 41.04 -9.20 22.91
C ALA C 65 40.78 -8.76 24.37
N ALA C 66 40.24 -7.55 24.60
CA ALA C 66 40.12 -7.08 25.96
C ALA C 66 38.80 -7.52 26.58
N ALA C 67 37.80 -7.87 25.80
CA ALA C 67 36.49 -8.16 26.36
C ALA C 67 36.25 -9.67 26.55
N VAL C 68 37.03 -10.48 25.85
CA VAL C 68 36.97 -11.93 25.84
C VAL C 68 38.36 -12.46 26.15
N ALA C 69 38.53 -13.07 27.34
CA ALA C 69 39.87 -13.59 27.70
C ALA C 69 40.03 -15.02 27.16
N ALA C 70 38.91 -15.76 26.96
CA ALA C 70 38.78 -17.04 26.25
C ALA C 70 39.41 -17.04 24.84
N GLN C 71 40.17 -18.08 24.50
CA GLN C 71 40.56 -18.27 23.12
C GLN C 71 39.29 -18.55 22.28
N LEU C 72 39.23 -17.99 21.08
CA LEU C 72 38.10 -18.08 20.18
C LEU C 72 38.43 -19.02 19.06
N PRO C 73 37.47 -19.87 18.65
CA PRO C 73 37.70 -20.83 17.55
C PRO C 73 37.90 -20.21 16.16
N ARG C 74 37.30 -19.05 15.89
CA ARG C 74 37.53 -18.31 14.66
C ARG C 74 37.74 -16.84 15.00
N PRO C 75 38.95 -16.44 15.46
CA PRO C 75 39.16 -15.06 16.01
C PRO C 75 39.10 -13.93 14.95
N GLU C 76 39.63 -14.15 13.75
CA GLU C 76 39.61 -13.22 12.63
C GLU C 76 38.18 -12.87 12.26
N VAL C 77 37.31 -13.89 12.20
CA VAL C 77 35.92 -13.65 11.87
C VAL C 77 35.14 -12.93 12.98
N ALA C 78 35.30 -13.37 14.23
CA ALA C 78 34.72 -12.61 15.31
C ALA C 78 35.05 -11.11 15.25
N CYS C 79 36.31 -10.78 15.00
CA CYS C 79 36.78 -9.41 14.93
C CYS C 79 36.12 -8.68 13.79
N THR C 80 36.10 -9.23 12.57
CA THR C 80 35.45 -8.56 11.43
C THR C 80 33.95 -8.32 11.70
N MET C 81 33.33 -9.28 12.38
CA MET C 81 31.93 -9.12 12.69
C MET C 81 31.76 -8.00 13.68
N VAL C 82 32.60 -7.94 14.69
CA VAL C 82 32.42 -6.86 15.66
C VAL C 82 32.71 -5.54 14.98
N ASP C 83 33.74 -5.48 14.12
CA ASP C 83 34.00 -4.26 13.34
C ASP C 83 32.70 -3.79 12.63
N ARG C 84 31.98 -4.74 12.00
CA ARG C 84 30.84 -4.43 11.18
C ARG C 84 29.70 -3.90 12.06
N LEU C 85 29.57 -4.49 13.25
CA LEU C 85 28.54 -4.06 14.23
C LEU C 85 28.78 -2.64 14.68
N LEU C 86 30.03 -2.34 14.93
CA LEU C 86 30.37 -1.05 15.47
C LEU C 86 30.36 -0.03 14.36
N ARG C 87 30.69 -0.47 13.14
CA ARG C 87 30.56 0.42 11.99
C ARG C 87 29.11 0.81 11.81
N PHE C 88 28.15 -0.07 12.10
CA PHE C 88 26.77 0.32 11.97
C PHE C 88 26.38 1.31 13.07
N LEU C 89 26.77 1.04 14.31
CA LEU C 89 26.50 1.97 15.43
C LEU C 89 27.11 3.32 15.16
N ALA C 90 28.25 3.33 14.51
CA ALA C 90 28.91 4.59 14.20
C ALA C 90 28.06 5.42 13.23
N SER C 91 27.34 4.76 12.33
CA SER C 91 26.59 5.46 11.29
C SER C 91 25.38 6.17 11.91
N HIS C 92 25.04 5.67 13.11
CA HIS C 92 23.98 6.21 13.94
C HIS C 92 24.49 7.12 15.03
N SER C 93 25.81 7.43 15.05
CA SER C 93 26.36 8.31 16.08
C SER C 93 26.25 7.77 17.52
N VAL C 94 26.21 6.44 17.66
CA VAL C 94 26.30 5.82 18.99
C VAL C 94 27.75 5.71 19.49
N VAL C 95 28.66 5.43 18.54
CA VAL C 95 30.11 5.36 18.71
C VAL C 95 30.75 6.27 17.64
N ARG C 96 31.97 6.75 17.99
CA ARG C 96 32.81 7.49 17.09
C ARG C 96 33.77 6.51 16.45
N CYS C 97 34.05 6.75 15.17
CA CYS C 97 34.91 5.91 14.37
C CYS C 97 35.98 6.76 13.71
N THR C 98 37.24 6.29 13.79
CA THR C 98 38.40 6.96 13.18
C THR C 98 39.05 5.84 12.39
N THR C 99 39.80 6.26 11.35
CA THR C 99 40.36 5.35 10.37
C THR C 99 41.84 5.65 10.25
N GLU C 100 42.62 4.58 10.40
CA GLU C 100 44.07 4.65 10.24
C GLU C 100 44.47 3.78 9.03
N VAL C 101 45.60 4.16 8.44
CA VAL C 101 46.27 3.37 7.44
C VAL C 101 46.89 2.12 8.10
N VAL C 102 46.82 0.96 7.43
CA VAL C 102 47.50 -0.26 7.90
C VAL C 102 48.87 -0.37 7.21
N VAL C 103 49.94 -0.80 7.94
CA VAL C 103 51.28 -0.92 7.36
C VAL C 103 51.47 -2.35 6.81
N GLY C 104 51.30 -3.42 7.64
CA GLY C 104 51.13 -4.79 7.14
C GLY C 104 49.99 -4.89 6.12
N THR C 105 49.11 -5.93 6.22
CA THR C 105 47.75 -5.93 5.66
C THR C 105 46.82 -6.68 6.66
N ASP C 106 46.05 -5.93 7.51
CA ASP C 106 45.34 -6.44 8.69
C ASP C 106 43.92 -6.88 8.33
N ASP C 107 43.75 -8.22 8.45
CA ASP C 107 42.60 -8.99 8.00
C ASP C 107 41.59 -9.26 9.14
N ALA C 108 41.71 -8.61 10.32
CA ALA C 108 40.81 -8.74 11.49
C ALA C 108 39.99 -7.47 11.80
N THR C 109 40.29 -6.42 10.99
CA THR C 109 39.73 -5.07 10.87
C THR C 109 39.41 -4.94 9.34
N THR C 110 39.81 -3.88 8.58
CA THR C 110 39.27 -3.64 7.22
C THR C 110 40.32 -4.12 6.19
N THR C 111 40.44 -3.46 5.00
CA THR C 111 41.10 -3.95 3.77
C THR C 111 42.65 -3.90 3.86
N THR C 112 43.33 -3.77 2.71
CA THR C 112 44.75 -3.38 2.62
C THR C 112 45.02 -2.03 3.32
N CYS C 113 44.13 -1.03 3.10
CA CYS C 113 44.31 0.38 3.48
C CYS C 113 44.04 0.68 4.95
N CYS C 114 42.95 0.08 5.52
CA CYS C 114 42.03 0.77 6.46
C CYS C 114 41.74 -0.11 7.68
N ARG C 115 41.85 0.45 8.87
CA ARG C 115 41.48 -0.17 10.12
C ARG C 115 40.70 0.90 10.87
N ARG C 116 39.56 0.49 11.45
CA ARG C 116 38.76 1.45 12.20
C ARG C 116 39.00 1.26 13.69
N SER C 117 38.92 2.39 14.40
CA SER C 117 39.01 2.40 15.85
C SER C 117 37.82 3.20 16.38
N TYR C 118 37.32 2.73 17.53
CA TYR C 118 36.07 3.21 18.02
C TYR C 118 36.26 3.81 19.41
N ALA C 119 35.51 4.89 19.69
CA ALA C 119 35.27 5.32 21.04
C ALA C 119 33.77 5.52 21.32
N ALA C 120 33.42 5.39 22.60
CA ALA C 120 32.14 5.71 23.19
C ALA C 120 31.68 7.12 22.87
N SER C 121 30.42 7.29 22.53
CA SER C 121 29.69 8.54 22.61
C SER C 121 29.17 8.73 24.01
N PRO C 122 28.91 9.98 24.42
CA PRO C 122 28.41 10.24 25.77
C PRO C 122 27.26 9.35 26.24
N VAL C 123 26.42 8.98 25.26
CA VAL C 123 25.19 8.28 25.54
C VAL C 123 25.52 6.88 26.04
N CYS C 124 26.67 6.35 25.68
CA CYS C 124 26.98 4.95 25.87
C CYS C 124 27.07 4.61 27.35
N LYS C 125 27.36 5.65 28.19
CA LYS C 125 27.56 5.40 29.61
C LYS C 125 26.30 4.77 30.20
N TRP C 126 25.13 5.11 29.61
CA TRP C 126 23.83 4.58 30.03
C TRP C 126 23.71 3.09 29.68
N PHE C 127 24.70 2.51 28.97
CA PHE C 127 24.65 1.07 28.73
C PHE C 127 25.61 0.30 29.63
N ALA C 128 26.20 1.00 30.65
CA ALA C 128 27.19 0.32 31.49
C ALA C 128 26.57 -0.96 32.03
N ARG C 129 27.35 -2.01 32.13
CA ARG C 129 26.93 -3.32 32.61
C ARG C 129 27.48 -3.45 34.02
N ASN C 130 28.78 -3.39 34.14
CA ASN C 130 29.56 -3.27 35.36
C ASN C 130 29.27 -2.01 36.21
N GLY C 131 28.64 -0.97 35.66
CA GLY C 131 28.36 0.22 36.44
C GLY C 131 26.88 0.25 36.81
N VAL C 132 26.62 0.61 38.06
CA VAL C 132 25.28 0.68 38.66
C VAL C 132 24.71 2.12 38.46
N GLU C 133 25.36 3.18 38.98
CA GLU C 133 24.92 4.57 38.91
C GLU C 133 24.80 5.03 37.45
N ASP C 134 23.68 5.68 37.05
CA ASP C 134 23.68 6.24 35.72
C ASP C 134 23.80 5.17 34.62
N SER C 135 23.10 4.03 34.75
CA SER C 135 22.98 3.01 33.73
C SER C 135 21.51 2.61 33.66
N VAL C 136 20.97 2.31 32.46
CA VAL C 136 19.58 1.86 32.36
C VAL C 136 19.59 0.46 31.78
N LEU C 137 20.76 -0.17 31.93
CA LEU C 137 20.93 -1.44 31.28
C LEU C 137 19.92 -2.49 31.78
N PRO C 138 19.74 -2.72 33.10
CA PRO C 138 18.86 -3.80 33.60
C PRO C 138 17.49 -3.59 33.01
N LEU C 139 17.14 -2.31 32.91
CA LEU C 139 15.86 -1.95 32.31
C LEU C 139 15.88 -2.32 30.83
N GLY C 140 17.00 -2.03 30.14
CA GLY C 140 17.27 -2.48 28.80
C GLY C 140 17.10 -3.99 28.60
N MET C 141 17.57 -4.75 29.59
CA MET C 141 17.52 -6.20 29.49
C MET C 141 16.10 -6.70 29.47
N MET C 142 15.19 -5.92 30.07
CA MET C 142 13.79 -6.27 30.15
C MET C 142 13.09 -5.81 28.88
N ILE C 143 13.31 -4.51 28.52
CA ILE C 143 12.75 -4.02 27.26
C ILE C 143 13.09 -5.00 26.11
N LEU C 144 14.28 -5.66 26.11
CA LEU C 144 14.80 -6.42 24.98
C LEU C 144 14.76 -7.91 25.23
N ASN C 145 13.89 -8.34 26.15
CA ASN C 145 13.80 -9.73 26.48
C ASN C 145 12.84 -10.48 25.56
N LYS C 146 13.28 -11.64 25.06
CA LYS C 146 12.58 -12.53 24.13
C LYS C 146 11.09 -12.61 24.50
N THR C 147 10.84 -12.63 25.81
CA THR C 147 9.49 -12.92 26.22
C THR C 147 8.57 -11.76 25.88
N PHE C 148 9.00 -10.55 26.23
CA PHE C 148 8.30 -9.34 25.92
C PHE C 148 8.37 -9.03 24.43
N LEU C 149 9.49 -9.31 23.79
CA LEU C 149 9.58 -8.97 22.38
C LEU C 149 8.66 -9.84 21.48
N ASP C 150 8.32 -11.02 21.96
CA ASP C 150 7.53 -11.99 21.22
C ASP C 150 6.05 -11.63 21.32
N SER C 151 5.71 -10.97 22.45
CA SER C 151 4.38 -10.43 22.63
C SER C 151 4.20 -9.35 21.56
N TRP C 152 5.26 -8.55 21.29
CA TRP C 152 5.06 -7.46 20.38
C TRP C 152 4.76 -7.91 18.97
N GLN C 153 5.00 -9.17 18.65
CA GLN C 153 4.84 -9.62 17.27
C GLN C 153 3.45 -10.26 17.15
N ASN C 154 2.69 -10.18 18.26
CA ASN C 154 1.40 -10.81 18.44
C ASN C 154 0.33 -9.77 18.87
N ILE C 155 0.48 -8.56 18.32
CA ILE C 155 -0.47 -7.50 18.57
C ILE C 155 -1.80 -7.74 17.80
N THR C 156 -1.70 -8.07 16.51
CA THR C 156 -2.88 -8.05 15.66
C THR C 156 -4.00 -8.83 16.37
N ASP C 157 -3.76 -10.13 16.69
CA ASP C 157 -4.80 -11.02 17.19
C ASP C 157 -5.35 -10.53 18.52
N ALA C 158 -4.42 -9.96 19.32
CA ALA C 158 -4.75 -9.41 20.62
C ALA C 158 -5.72 -8.24 20.49
N VAL C 159 -5.45 -7.28 19.57
CA VAL C 159 -6.38 -6.18 19.36
C VAL C 159 -7.76 -6.70 18.96
N LEU C 160 -7.85 -7.67 18.06
CA LEU C 160 -9.16 -8.15 17.67
C LEU C 160 -9.99 -8.59 18.89
N GLU C 161 -9.32 -9.38 19.75
CA GLU C 161 -10.02 -9.96 20.90
C GLU C 161 -10.17 -8.92 22.01
N GLY C 162 -9.60 -7.73 21.82
CA GLY C 162 -9.55 -6.75 22.90
C GLY C 162 -8.79 -7.27 24.14
N ALA C 163 -7.68 -8.03 23.90
CA ALA C 163 -6.90 -8.71 24.92
C ALA C 163 -5.51 -8.08 24.97
N ALA C 164 -4.71 -8.48 26.00
CA ALA C 164 -3.32 -8.03 26.12
C ALA C 164 -2.45 -8.93 25.24
N PRO C 165 -1.60 -8.38 24.31
CA PRO C 165 -0.72 -9.25 23.52
C PRO C 165 0.09 -10.21 24.41
N PHE C 166 0.63 -9.73 25.53
CA PHE C 166 1.34 -10.63 26.42
C PHE C 166 0.50 -11.89 26.71
N GLU C 167 -0.71 -11.68 27.17
CA GLU C 167 -1.57 -12.75 27.66
C GLU C 167 -2.01 -13.65 26.51
N LYS C 168 -2.33 -13.07 25.37
CA LYS C 168 -2.72 -13.80 24.16
C LYS C 168 -1.57 -14.76 23.85
N THR C 169 -0.34 -14.31 24.07
CA THR C 169 0.86 -15.03 23.71
C THR C 169 1.25 -16.07 24.76
N TYR C 170 1.08 -15.80 26.05
CA TYR C 170 1.56 -16.67 27.12
C TYR C 170 0.41 -17.26 27.92
N GLY C 171 -0.85 -17.00 27.52
CA GLY C 171 -2.00 -17.55 28.20
C GLY C 171 -2.18 -17.04 29.64
N MET C 172 -1.55 -15.93 30.05
CA MET C 172 -1.85 -15.38 31.36
C MET C 172 -1.31 -13.97 31.52
N PRO C 173 -1.87 -13.23 32.51
CA PRO C 173 -1.34 -11.94 32.92
C PRO C 173 0.14 -12.09 33.29
N MET C 174 0.88 -11.04 32.87
CA MET C 174 2.30 -11.00 33.05
C MET C 174 2.66 -11.25 34.53
N PHE C 175 1.89 -10.72 35.47
CA PHE C 175 2.32 -10.79 36.83
C PHE C 175 2.33 -12.22 37.31
N GLU C 176 1.22 -12.90 36.93
CA GLU C 176 1.08 -14.31 37.23
C GLU C 176 2.22 -15.10 36.60
N TYR C 177 2.64 -14.64 35.38
CA TYR C 177 3.66 -15.31 34.59
C TYR C 177 4.98 -15.32 35.33
N LEU C 178 5.27 -14.13 35.90
CA LEU C 178 6.47 -13.88 36.70
C LEU C 178 6.62 -14.82 37.89
N SER C 179 5.54 -15.21 38.62
CA SER C 179 5.73 -16.18 39.71
C SER C 179 5.79 -17.63 39.23
N THR C 180 5.74 -17.93 37.92
CA THR C 180 6.11 -19.24 37.39
C THR C 180 7.44 -19.21 36.62
N ASN C 181 8.07 -18.04 36.39
CA ASN C 181 9.37 -17.94 35.72
C ASN C 181 10.30 -17.05 36.56
N GLY C 182 11.12 -17.63 37.44
CA GLY C 182 12.07 -16.94 38.31
C GLY C 182 13.09 -16.10 37.52
N PRO C 183 13.68 -16.64 36.41
CA PRO C 183 14.58 -15.85 35.58
C PRO C 183 13.97 -14.54 35.04
N LEU C 184 12.72 -14.58 34.59
CA LEU C 184 12.03 -13.37 34.10
C LEU C 184 11.54 -12.51 35.28
N ASN C 185 11.23 -13.12 36.43
CA ASN C 185 10.98 -12.38 37.66
C ASN C 185 12.18 -11.51 38.04
N THR C 186 13.35 -12.11 37.95
CA THR C 186 14.60 -11.45 38.32
C THR C 186 14.85 -10.30 37.37
N VAL C 187 14.66 -10.58 36.06
CA VAL C 187 14.77 -9.54 35.05
C VAL C 187 13.88 -8.33 35.40
N PHE C 188 12.63 -8.66 35.75
CA PHE C 188 11.64 -7.62 35.99
C PHE C 188 12.01 -6.84 37.26
N HIS C 189 12.33 -7.54 38.38
CA HIS C 189 12.69 -6.86 39.65
C HIS C 189 13.89 -5.95 39.40
N GLU C 190 14.83 -6.42 38.54
CA GLU C 190 16.10 -5.74 38.37
C GLU C 190 15.90 -4.44 37.60
N ALA C 191 15.00 -4.54 36.65
CA ALA C 191 14.59 -3.44 35.81
C ALA C 191 13.99 -2.36 36.69
N MET C 192 13.06 -2.76 37.58
CA MET C 192 12.23 -1.79 38.27
C MET C 192 13.11 -1.11 39.34
N ALA C 193 14.00 -1.87 39.96
CA ALA C 193 14.88 -1.36 41.00
C ALA C 193 15.85 -0.36 40.37
N ASN C 194 16.20 -0.67 39.10
CA ASN C 194 17.12 0.13 38.31
C ASN C 194 16.48 1.51 38.14
N HIS C 195 15.27 1.49 37.58
CA HIS C 195 14.62 2.74 37.21
C HIS C 195 14.26 3.53 38.48
N SER C 196 13.91 2.76 39.51
CA SER C 196 13.51 3.36 40.76
C SER C 196 14.70 4.14 41.31
N MET C 197 15.88 3.53 41.20
CA MET C 197 17.09 4.10 41.76
C MET C 197 17.39 5.45 41.11
N ILE C 198 17.38 5.43 39.76
CA ILE C 198 17.71 6.65 39.03
C ILE C 198 16.72 7.75 39.41
N ILE C 199 15.45 7.32 39.35
CA ILE C 199 14.45 8.33 39.58
C ILE C 199 14.56 8.90 41.01
N THR C 200 14.83 8.05 41.97
CA THR C 200 14.86 8.47 43.32
C THR C 200 16.03 9.43 43.50
N LYS C 201 17.17 9.19 42.86
CA LYS C 201 18.30 10.07 43.05
C LYS C 201 17.86 11.51 42.67
N LYS C 202 17.16 11.60 41.52
CA LYS C 202 16.85 12.89 40.92
C LYS C 202 15.71 13.53 41.68
N LEU C 203 14.83 12.69 42.19
CA LEU C 203 13.74 13.15 43.07
C LEU C 203 14.34 13.97 44.21
N LEU C 204 15.38 13.46 44.85
CA LEU C 204 15.94 14.05 46.04
C LEU C 204 16.59 15.39 45.73
N LYS C 205 17.03 15.57 44.48
CA LYS C 205 17.69 16.79 44.03
C LYS C 205 16.69 17.89 43.68
N PHE C 206 15.56 17.51 43.09
CA PHE C 206 14.65 18.39 42.34
C PHE C 206 13.24 18.43 42.95
N PHE C 207 12.97 17.56 43.94
CA PHE C 207 11.62 17.38 44.40
C PHE C 207 11.61 17.77 45.87
N ARG C 208 10.62 18.57 46.24
CA ARG C 208 10.59 19.29 47.53
C ARG C 208 9.35 18.78 48.27
N GLY C 209 8.53 17.96 47.57
CA GLY C 209 7.30 17.46 48.15
C GLY C 209 7.50 16.38 49.21
N PHE C 210 8.73 16.04 49.62
CA PHE C 210 8.77 15.19 50.82
C PHE C 210 8.97 16.00 52.10
N GLU C 211 9.26 17.30 51.95
CA GLU C 211 9.48 18.14 53.11
C GLU C 211 8.28 18.12 54.06
N GLY C 212 8.53 17.99 55.39
CA GLY C 212 7.53 18.29 56.39
C GLY C 212 6.59 17.12 56.74
N LEU C 213 6.77 15.94 56.09
CA LEU C 213 5.95 14.75 56.22
C LEU C 213 6.37 13.87 57.41
N ASP C 214 5.46 13.60 58.35
CA ASP C 214 5.75 12.67 59.43
C ASP C 214 5.79 11.19 58.96
N VAL C 215 4.86 10.75 58.07
CA VAL C 215 4.80 9.35 57.67
C VAL C 215 4.55 9.26 56.17
N LEU C 216 5.30 8.37 55.50
CA LEU C 216 5.11 8.18 54.06
C LEU C 216 4.92 6.69 53.75
N VAL C 217 3.89 6.44 52.98
CA VAL C 217 3.53 5.10 52.62
C VAL C 217 3.95 4.81 51.19
N ASP C 218 4.83 3.81 51.02
CA ASP C 218 5.23 3.47 49.66
C ASP C 218 4.43 2.25 49.22
N VAL C 219 3.64 2.44 48.15
CA VAL C 219 2.92 1.34 47.61
C VAL C 219 3.63 0.64 46.46
N GLY C 220 3.82 -0.67 46.69
CA GLY C 220 4.63 -1.50 45.83
C GLY C 220 6.11 -1.29 46.08
N GLY C 221 6.49 -1.16 47.37
CA GLY C 221 7.87 -0.82 47.73
C GLY C 221 8.85 -2.00 47.78
N GLY C 222 8.37 -3.24 47.62
CA GLY C 222 9.26 -4.39 47.58
C GLY C 222 9.86 -4.66 48.97
N ASN C 223 11.07 -4.13 49.20
CA ASN C 223 11.78 -4.26 50.49
C ASN C 223 11.96 -2.90 51.19
N GLY C 224 11.48 -1.80 50.54
CA GLY C 224 11.58 -0.44 51.05
C GLY C 224 12.90 0.28 50.70
N THR C 225 13.63 -0.17 49.68
CA THR C 225 14.89 0.43 49.32
C THR C 225 14.67 1.93 49.11
N THR C 226 13.54 2.23 48.46
CA THR C 226 13.26 3.57 48.01
C THR C 226 12.99 4.46 49.22
N LEU C 227 12.07 3.99 50.12
CA LEU C 227 11.83 4.64 51.40
C LEU C 227 13.12 4.91 52.19
N GLN C 228 14.08 3.98 52.05
CA GLN C 228 15.34 4.01 52.77
C GLN C 228 16.16 5.19 52.26
N MET C 229 16.22 5.34 50.92
CA MET C 229 17.04 6.37 50.29
C MET C 229 16.48 7.77 50.67
N ILE C 230 15.14 7.84 50.67
CA ILE C 230 14.44 9.07 50.96
C ILE C 230 14.68 9.44 52.41
N ARG C 231 14.37 8.48 53.32
CA ARG C 231 14.57 8.59 54.75
C ARG C 231 15.99 9.08 55.03
N GLY C 232 16.93 8.50 54.29
CA GLY C 232 18.31 8.95 54.24
C GLY C 232 18.48 10.47 54.16
N GLN C 233 17.64 11.20 53.44
CA GLN C 233 17.78 12.67 53.35
C GLN C 233 16.75 13.44 54.21
N TYR C 234 15.68 12.78 54.68
CA TYR C 234 14.73 13.30 55.67
C TYR C 234 14.82 12.43 56.93
N LYS C 235 15.74 12.74 57.85
CA LYS C 235 16.14 11.77 58.85
C LYS C 235 14.98 11.58 59.84
N ASN C 236 14.09 12.59 60.04
CA ASN C 236 12.89 12.53 60.89
C ASN C 236 11.69 11.89 60.17
N MET C 237 11.86 11.26 59.00
CA MET C 237 10.74 10.71 58.24
C MET C 237 10.65 9.20 58.48
N ARG C 238 9.51 8.70 58.99
CA ARG C 238 9.26 7.28 59.03
C ARG C 238 8.45 6.88 57.79
N GLY C 239 8.70 5.65 57.29
CA GLY C 239 7.99 5.08 56.14
C GLY C 239 7.08 3.91 56.53
N ILE C 240 6.21 3.52 55.61
CA ILE C 240 5.39 2.33 55.75
C ILE C 240 5.39 1.68 54.38
N ASN C 241 5.98 0.50 54.28
CA ASN C 241 6.20 -0.07 52.97
C ASN C 241 5.07 -1.08 52.69
N TYR C 242 4.22 -0.74 51.71
CA TYR C 242 2.99 -1.49 51.54
C TYR C 242 3.10 -2.22 50.23
N ASP C 243 2.91 -3.54 50.36
CA ASP C 243 2.89 -4.43 49.20
C ASP C 243 2.17 -5.70 49.63
N LEU C 244 2.07 -6.67 48.68
CA LEU C 244 1.36 -7.94 48.87
C LEU C 244 1.93 -8.70 50.08
N PRO C 245 1.20 -9.62 50.75
CA PRO C 245 1.78 -10.37 51.85
C PRO C 245 2.97 -11.21 51.39
N HIS C 246 2.90 -11.88 50.21
CA HIS C 246 4.00 -12.77 49.79
C HIS C 246 5.27 -11.93 49.72
N VAL C 247 5.17 -10.66 49.25
CA VAL C 247 6.29 -9.75 49.04
C VAL C 247 6.86 -9.23 50.37
N ILE C 248 5.96 -9.02 51.34
CA ILE C 248 6.27 -8.42 52.64
C ILE C 248 6.88 -9.44 53.58
N ALA C 249 6.33 -10.69 53.55
CA ALA C 249 6.87 -11.85 54.26
C ALA C 249 8.38 -12.05 53.96
N GLN C 250 8.90 -11.53 52.82
CA GLN C 250 10.33 -11.60 52.54
C GLN C 250 11.07 -10.25 52.67
N ALA C 251 10.65 -9.30 53.50
CA ALA C 251 11.32 -8.01 53.44
C ALA C 251 12.13 -7.78 54.74
N ALA C 252 13.41 -7.39 54.54
CA ALA C 252 14.38 -7.21 55.62
C ALA C 252 14.04 -5.97 56.46
N PRO C 253 14.05 -5.99 57.81
CA PRO C 253 13.89 -4.74 58.58
C PRO C 253 14.81 -3.62 58.10
N VAL C 254 14.18 -2.43 58.02
CA VAL C 254 14.81 -1.20 57.60
C VAL C 254 14.62 -0.22 58.76
N GLU C 255 15.61 0.65 59.07
CA GLU C 255 15.49 1.60 60.18
C GLU C 255 14.42 2.62 59.76
N GLY C 256 13.41 2.83 60.63
CA GLY C 256 12.28 3.71 60.37
C GLY C 256 11.21 3.12 59.43
N VAL C 257 11.28 1.86 59.01
CA VAL C 257 10.28 1.32 58.09
C VAL C 257 9.61 0.05 58.64
N GLU C 258 8.31 0.20 58.98
CA GLU C 258 7.29 -0.86 59.12
C GLU C 258 6.87 -1.28 57.71
N HIS C 259 6.99 -2.59 57.49
CA HIS C 259 6.49 -3.35 56.35
C HIS C 259 5.06 -3.82 56.67
N VAL C 260 4.13 -3.51 55.76
CA VAL C 260 2.74 -3.94 55.96
C VAL C 260 2.28 -4.65 54.69
N GLY C 261 1.54 -5.77 54.90
CA GLY C 261 1.07 -6.66 53.85
C GLY C 261 -0.43 -6.47 53.62
N GLY C 262 -0.80 -6.50 52.34
CA GLY C 262 -2.20 -6.20 52.05
C GLY C 262 -2.34 -5.93 50.57
N SER C 263 -3.61 -5.88 50.10
CA SER C 263 -3.96 -5.48 48.74
C SER C 263 -4.29 -3.98 48.72
N MET C 264 -3.71 -3.27 47.73
CA MET C 264 -4.00 -1.86 47.53
C MET C 264 -5.42 -1.64 47.00
N PHE C 265 -6.06 -2.75 46.53
CA PHE C 265 -7.45 -2.75 46.13
C PHE C 265 -8.43 -2.88 47.30
N ASP C 266 -7.99 -3.33 48.49
CA ASP C 266 -8.83 -3.40 49.70
C ASP C 266 -8.65 -2.12 50.50
N ASN C 267 -7.42 -1.73 50.83
CA ASN C 267 -7.18 -0.54 51.65
C ASN C 267 -5.70 -0.16 51.55
N ILE C 268 -5.35 0.91 52.28
CA ILE C 268 -4.02 1.48 52.32
C ILE C 268 -3.72 2.06 53.71
N PRO C 269 -2.50 1.91 54.28
CA PRO C 269 -2.21 2.41 55.63
C PRO C 269 -2.22 3.94 55.73
N ARG C 270 -2.37 4.47 56.95
CA ARG C 270 -2.64 5.90 57.13
C ARG C 270 -1.30 6.63 57.12
N GLY C 271 -1.29 7.76 56.38
CA GLY C 271 -0.11 8.56 56.17
C GLY C 271 -0.44 10.05 55.97
N ASN C 272 0.65 10.82 55.86
CA ASN C 272 0.62 12.19 55.40
C ASN C 272 0.72 12.23 53.87
N ALA C 273 1.26 11.16 53.30
CA ALA C 273 1.41 11.09 51.86
C ALA C 273 1.48 9.62 51.48
N VAL C 274 1.10 9.33 50.25
CA VAL C 274 1.17 7.98 49.68
C VAL C 274 1.83 8.05 48.31
N LEU C 275 2.89 7.28 48.08
CA LEU C 275 3.65 7.30 46.84
C LEU C 275 3.36 6.10 45.92
N LEU C 276 3.05 6.38 44.66
CA LEU C 276 2.65 5.41 43.63
C LEU C 276 3.52 5.60 42.40
N LYS C 277 4.65 4.87 42.38
CA LYS C 277 5.58 4.88 41.27
C LYS C 277 5.34 3.70 40.33
N TRP C 278 4.92 4.06 39.09
CA TRP C 278 4.70 3.09 38.00
C TRP C 278 3.75 2.00 38.44
N ILE C 279 2.72 2.45 39.19
CA ILE C 279 1.63 1.59 39.66
C ILE C 279 0.43 1.80 38.75
N LEU C 280 -0.06 3.04 38.75
CA LEU C 280 -1.29 3.39 38.07
C LEU C 280 -1.23 3.04 36.58
N HIS C 281 -0.04 3.13 35.97
CA HIS C 281 -0.02 3.06 34.54
C HIS C 281 -0.24 1.59 34.13
N ASP C 282 -0.31 0.66 35.11
CA ASP C 282 -0.44 -0.78 34.89
C ASP C 282 -1.91 -1.14 34.66
N TRP C 283 -2.84 -0.19 35.00
CA TRP C 283 -4.23 -0.45 35.31
C TRP C 283 -5.13 0.46 34.47
N ASP C 284 -6.38 0.04 34.25
CA ASP C 284 -7.35 0.89 33.59
C ASP C 284 -7.91 1.91 34.61
N ASP C 285 -8.78 2.82 34.08
CA ASP C 285 -9.36 3.90 34.85
C ASP C 285 -10.08 3.36 36.09
N LYS C 286 -10.82 2.23 35.92
CA LYS C 286 -11.67 1.63 36.97
C LYS C 286 -10.84 1.30 38.21
N ALA C 287 -9.73 0.65 37.96
CA ALA C 287 -8.90 0.07 38.98
C ALA C 287 -8.15 1.18 39.67
N CYS C 288 -7.66 2.11 38.86
CA CYS C 288 -6.98 3.31 39.33
C CYS C 288 -7.87 4.07 40.30
N ILE C 289 -9.18 4.18 39.97
CA ILE C 289 -10.06 4.93 40.86
C ILE C 289 -10.25 4.12 42.16
N LYS C 290 -10.39 2.77 42.10
CA LYS C 290 -10.35 2.01 43.36
C LYS C 290 -9.14 2.36 44.24
N ILE C 291 -7.96 2.38 43.63
CA ILE C 291 -6.70 2.51 44.34
C ILE C 291 -6.66 3.85 45.05
N LEU C 292 -6.92 4.86 44.23
CA LEU C 292 -6.90 6.22 44.72
C LEU C 292 -7.98 6.51 45.77
N LYS C 293 -9.16 5.92 45.63
CA LYS C 293 -10.16 6.07 46.68
C LYS C 293 -9.62 5.56 48.03
N ASN C 294 -8.94 4.37 48.01
CA ASN C 294 -8.30 3.77 49.16
C ASN C 294 -7.22 4.66 49.74
N CYS C 295 -6.50 5.39 48.87
CA CYS C 295 -5.60 6.46 49.32
C CYS C 295 -6.35 7.64 49.94
N TYR C 296 -7.51 8.01 49.38
CA TYR C 296 -8.30 9.08 49.96
C TYR C 296 -8.70 8.72 51.40
N THR C 297 -9.17 7.48 51.65
CA THR C 297 -9.60 7.01 52.97
C THR C 297 -8.38 6.94 53.92
N ALA C 298 -7.29 6.31 53.49
CA ALA C 298 -6.00 6.37 54.18
C ALA C 298 -5.60 7.76 54.68
N LEU C 299 -5.63 8.73 53.78
CA LEU C 299 -4.97 10.01 54.03
C LEU C 299 -5.79 10.86 54.98
N HIS C 300 -5.12 11.65 55.82
CA HIS C 300 -5.87 12.69 56.54
C HIS C 300 -6.12 13.91 55.66
N VAL C 301 -6.72 14.89 56.30
CA VAL C 301 -6.91 16.19 55.69
C VAL C 301 -5.50 16.79 55.49
N ARG C 302 -5.33 17.51 54.35
CA ARG C 302 -4.06 18.10 53.91
C ARG C 302 -2.96 17.08 53.52
N GLY C 303 -3.20 15.78 53.58
CA GLY C 303 -2.24 14.85 53.04
C GLY C 303 -2.45 14.68 51.54
N LYS C 304 -1.65 13.83 50.87
CA LYS C 304 -1.31 13.97 49.46
C LYS C 304 -0.93 12.64 48.85
N VAL C 305 -1.35 12.41 47.60
CA VAL C 305 -0.84 11.28 46.87
C VAL C 305 0.24 11.81 45.95
N ILE C 306 1.38 11.10 45.89
CA ILE C 306 2.47 11.44 45.00
C ILE C 306 2.61 10.36 43.89
N VAL C 307 2.47 10.74 42.64
CA VAL C 307 2.32 9.86 41.51
C VAL C 307 3.54 10.09 40.65
N LEU C 308 4.26 8.98 40.35
CA LEU C 308 5.47 9.02 39.55
C LEU C 308 5.22 8.23 38.30
N GLU C 309 4.95 9.05 37.29
CA GLU C 309 4.58 8.48 35.99
C GLU C 309 5.05 9.46 34.93
N TYR C 310 5.09 8.90 33.70
CA TYR C 310 5.17 9.76 32.53
C TYR C 310 3.85 10.53 32.34
N VAL C 311 3.90 11.60 31.55
CA VAL C 311 2.72 12.36 31.21
C VAL C 311 2.69 12.56 29.71
N VAL C 312 1.94 11.74 28.96
CA VAL C 312 1.81 11.92 27.53
C VAL C 312 1.22 13.32 27.27
N PRO C 313 1.69 14.03 26.23
CA PRO C 313 1.01 15.26 25.83
C PRO C 313 -0.34 14.96 25.21
N ASP C 314 -1.16 16.02 25.11
CA ASP C 314 -2.53 15.92 24.67
C ASP C 314 -2.56 15.51 23.19
N GLU C 315 -1.40 15.57 22.51
CA GLU C 315 -1.25 15.58 21.08
C GLU C 315 0.03 14.85 20.65
N PRO C 316 0.02 14.15 19.52
CA PRO C 316 1.19 13.35 19.12
C PRO C 316 2.26 14.18 18.43
N GLU C 317 3.02 14.86 19.25
CA GLU C 317 4.06 15.78 18.83
C GLU C 317 5.28 14.96 18.45
N PRO C 318 6.04 15.38 17.40
CA PRO C 318 7.15 14.54 16.94
C PRO C 318 8.43 14.91 17.66
N THR C 319 8.41 14.84 19.00
CA THR C 319 9.57 15.21 19.79
C THR C 319 10.12 13.95 20.46
N LEU C 320 11.39 14.00 20.87
CA LEU C 320 12.02 12.82 21.42
C LEU C 320 11.27 12.41 22.69
N ALA C 321 10.80 13.38 23.48
CA ALA C 321 10.20 13.12 24.78
C ALA C 321 8.79 12.56 24.59
N ALA C 322 8.03 13.23 23.74
CA ALA C 322 6.75 12.66 23.24
C ALA C 322 6.90 11.21 22.73
N GLN C 323 7.90 10.94 21.91
CA GLN C 323 7.96 9.62 21.27
C GLN C 323 8.19 8.54 22.33
N GLY C 324 8.96 8.96 23.36
CA GLY C 324 9.33 8.07 24.42
C GLY C 324 8.14 7.69 25.27
N ALA C 325 7.28 8.67 25.43
CA ALA C 325 6.10 8.47 26.24
C ALA C 325 5.11 7.62 25.50
N PHE C 326 4.91 7.84 24.20
CA PHE C 326 3.99 6.99 23.45
C PHE C 326 4.57 5.59 23.33
N GLU C 327 5.90 5.49 23.30
CA GLU C 327 6.54 4.17 23.26
C GLU C 327 6.26 3.35 24.56
N LEU C 328 6.35 4.04 25.68
CA LEU C 328 6.03 3.43 26.96
C LEU C 328 4.53 3.11 26.94
N ASP C 329 3.71 3.97 26.33
CA ASP C 329 2.29 3.66 26.30
C ASP C 329 2.12 2.31 25.62
N LEU C 330 2.85 2.08 24.52
CA LEU C 330 2.55 0.87 23.75
C LEU C 330 3.08 -0.32 24.51
N THR C 331 4.19 -0.15 25.28
CA THR C 331 4.65 -1.19 26.20
C THR C 331 3.53 -1.59 27.16
N MET C 332 2.79 -0.59 27.67
CA MET C 332 1.74 -0.93 28.59
C MET C 332 0.68 -1.69 27.79
N LEU C 333 0.36 -1.17 26.64
CA LEU C 333 -0.61 -1.92 25.78
C LEU C 333 -0.22 -3.36 25.56
N VAL C 334 1.02 -3.63 25.13
CA VAL C 334 1.51 -4.98 24.87
C VAL C 334 1.49 -5.85 26.13
N THR C 335 1.99 -5.24 27.21
CA THR C 335 2.27 -5.95 28.45
C THR C 335 0.98 -6.29 29.16
N PHE C 336 0.10 -5.28 29.35
CA PHE C 336 -1.14 -5.34 30.13
C PHE C 336 -2.47 -5.26 29.35
N GLY C 337 -2.45 -4.60 28.18
CA GLY C 337 -3.62 -4.30 27.40
C GLY C 337 -4.20 -2.96 27.88
N SER C 338 -4.85 -3.00 29.06
CA SER C 338 -5.59 -1.82 29.39
C SER C 338 -4.76 -0.93 30.39
N GLY C 339 -3.58 -1.39 30.83
CA GLY C 339 -2.57 -0.48 31.35
C GLY C 339 -2.29 0.54 30.24
N LYS C 340 -1.89 1.78 30.63
CA LYS C 340 -1.79 2.91 29.72
C LYS C 340 -1.16 4.11 30.46
N GLU C 341 -0.56 4.97 29.61
CA GLU C 341 -0.04 6.27 29.97
C GLU C 341 -1.15 7.34 29.81
N ARG C 342 -1.02 8.42 30.64
CA ARG C 342 -2.03 9.41 30.88
C ARG C 342 -1.52 10.83 30.66
N THR C 343 -2.43 11.74 30.20
CA THR C 343 -2.22 13.16 30.15
C THR C 343 -2.50 13.71 31.54
N GLN C 344 -2.06 14.95 31.79
CA GLN C 344 -2.19 15.66 33.05
C GLN C 344 -3.67 15.64 33.37
N ARG C 345 -4.44 16.01 32.35
CA ARG C 345 -5.89 16.13 32.48
C ARG C 345 -6.45 14.78 32.91
N GLU C 346 -6.03 13.69 32.27
CA GLU C 346 -6.60 12.37 32.63
C GLU C 346 -6.28 11.97 34.06
N PHE C 347 -5.08 12.30 34.52
CA PHE C 347 -4.68 12.07 35.88
C PHE C 347 -5.50 12.88 36.87
N SER C 348 -5.71 14.16 36.58
CA SER C 348 -6.63 14.98 37.38
C SER C 348 -8.02 14.34 37.49
N GLU C 349 -8.56 13.75 36.41
CA GLU C 349 -9.93 13.23 36.38
C GLU C 349 -10.05 12.04 37.31
N LEU C 350 -9.03 11.20 37.32
CA LEU C 350 -9.02 10.05 38.20
C LEU C 350 -9.02 10.57 39.64
N ALA C 351 -8.16 11.58 39.92
CA ALA C 351 -8.04 12.09 41.27
C ALA C 351 -9.37 12.68 41.77
N MET C 352 -10.10 13.31 40.84
CA MET C 352 -11.34 13.94 41.24
C MET C 352 -12.42 12.87 41.45
N GLU C 353 -12.52 11.87 40.59
CA GLU C 353 -13.45 10.80 40.88
C GLU C 353 -13.17 10.16 42.24
N ALA C 354 -11.89 10.13 42.65
CA ALA C 354 -11.51 9.41 43.84
C ALA C 354 -11.71 10.28 45.09
N GLY C 355 -12.08 11.55 44.84
CA GLY C 355 -12.57 12.46 45.86
C GLY C 355 -11.65 13.66 46.12
N PHE C 356 -10.46 13.69 45.50
CA PHE C 356 -9.50 14.72 45.82
C PHE C 356 -9.93 16.08 45.29
N SER C 357 -9.38 17.15 45.92
CA SER C 357 -9.72 18.53 45.58
C SER C 357 -9.02 18.96 44.27
N ARG C 358 -9.44 20.12 43.75
CA ARG C 358 -8.97 20.78 42.53
C ARG C 358 -7.75 21.67 42.86
N GLU C 359 -6.65 20.97 43.00
CA GLU C 359 -5.38 21.39 43.57
C GLU C 359 -4.42 20.25 43.23
N PHE C 360 -3.51 20.62 42.32
CA PHE C 360 -2.60 19.75 41.61
C PHE C 360 -1.24 20.43 41.69
N LYS C 361 -0.17 19.65 41.94
CA LYS C 361 1.19 20.11 41.71
C LYS C 361 1.86 19.13 40.77
N ALA C 362 2.62 19.72 39.81
CA ALA C 362 3.34 18.87 38.87
C ALA C 362 4.78 19.37 38.84
N THR C 363 5.69 18.40 38.95
CA THR C 363 7.11 18.71 39.03
C THR C 363 7.84 17.74 38.14
N TYR C 364 8.61 18.28 37.17
CA TYR C 364 9.35 17.39 36.25
C TYR C 364 10.51 16.78 37.01
N ILE C 365 10.73 15.47 36.83
CA ILE C 365 11.91 14.88 37.47
C ILE C 365 13.00 14.60 36.42
N PHE C 366 12.81 13.55 35.64
CA PHE C 366 13.89 13.05 34.83
C PHE C 366 13.35 12.01 33.88
N ALA C 367 13.83 11.98 32.65
CA ALA C 367 13.66 10.81 31.82
C ALA C 367 12.16 10.54 31.55
N ASN C 368 11.40 11.61 31.31
CA ASN C 368 9.97 11.67 31.04
C ASN C 368 9.10 11.57 32.32
N VAL C 369 9.71 11.22 33.49
CA VAL C 369 8.95 11.06 34.74
C VAL C 369 8.72 12.38 35.49
N TRP C 370 7.43 12.56 35.90
CA TRP C 370 6.93 13.66 36.72
C TRP C 370 6.41 13.12 38.05
N ALA C 371 6.61 13.99 39.07
CA ALA C 371 5.92 13.88 40.34
C ALA C 371 4.65 14.73 40.32
N LEU C 372 3.49 14.04 40.42
CA LEU C 372 2.20 14.72 40.48
C LEU C 372 1.64 14.59 41.87
N GLU C 373 1.17 15.70 42.42
CA GLU C 373 0.62 15.66 43.76
C GLU C 373 -0.87 16.00 43.71
N PHE C 374 -1.63 15.16 44.40
CA PHE C 374 -3.02 15.47 44.72
C PHE C 374 -3.14 15.82 46.20
N THR C 375 -4.13 16.67 46.53
CA THR C 375 -4.42 16.89 47.94
C THR C 375 -5.89 16.64 48.33
N LYS C 376 -6.04 15.99 49.51
CA LYS C 376 -7.32 15.63 50.12
C LYS C 376 -8.03 16.83 50.81
N ASP D 12 2.44 28.61 -75.00
CA ASP D 12 0.98 28.63 -74.65
C ASP D 12 0.81 29.47 -73.35
N SER D 13 1.59 30.60 -73.26
CA SER D 13 2.12 31.30 -72.08
C SER D 13 1.53 30.80 -70.75
N SER D 14 0.51 31.52 -70.24
CA SER D 14 0.19 31.76 -68.83
C SER D 14 -0.97 30.88 -68.34
N ALA D 15 -1.93 30.64 -69.24
CA ALA D 15 -2.98 29.63 -69.10
C ALA D 15 -2.41 28.25 -68.73
N ARG D 16 -1.29 27.94 -69.41
CA ARG D 16 -0.58 26.67 -69.35
C ARG D 16 0.02 26.45 -67.98
N ASN D 17 0.54 27.52 -67.39
CA ASN D 17 1.15 27.45 -66.07
C ASN D 17 0.10 27.36 -64.99
N GLU D 18 -1.03 28.05 -65.13
CA GLU D 18 -2.11 28.07 -64.15
C GLU D 18 -2.60 26.63 -63.91
N GLU D 19 -2.82 25.96 -65.03
CA GLU D 19 -3.30 24.59 -65.18
C GLU D 19 -2.32 23.59 -64.57
N ASP D 20 -1.05 23.79 -64.93
CA ASP D 20 0.05 23.03 -64.39
C ASP D 20 0.09 23.20 -62.84
N GLU D 21 -0.07 24.43 -62.32
CA GLU D 21 0.09 24.71 -60.89
C GLU D 21 -0.99 24.04 -60.09
N SER D 22 -2.16 24.12 -60.73
CA SER D 22 -3.39 23.64 -60.14
C SER D 22 -3.30 22.10 -60.04
N CYS D 23 -2.90 21.45 -61.16
CA CYS D 23 -2.69 20.03 -61.13
C CYS D 23 -1.74 19.57 -60.04
N MET D 24 -0.61 20.24 -59.93
CA MET D 24 0.36 19.95 -58.88
C MET D 24 -0.19 20.16 -57.48
N PHE D 25 -1.05 21.13 -57.31
CA PHE D 25 -1.60 21.49 -55.99
C PHE D 25 -2.54 20.34 -55.59
N ALA D 26 -3.30 19.85 -56.58
CA ALA D 26 -4.11 18.64 -56.36
C ALA D 26 -3.26 17.52 -55.79
N LEU D 27 -2.11 17.27 -56.46
CA LEU D 27 -1.21 16.18 -56.07
C LEU D 27 -0.63 16.44 -54.70
N LYS D 28 -0.23 17.71 -54.46
CA LYS D 28 0.28 18.06 -53.15
C LYS D 28 -0.71 17.67 -52.05
N LEU D 29 -2.03 17.97 -52.25
CA LEU D 29 -2.99 17.71 -51.21
C LEU D 29 -3.12 16.24 -51.00
N LEU D 30 -3.28 15.49 -52.11
CA LEU D 30 -3.38 14.02 -52.01
C LEU D 30 -2.12 13.38 -51.39
N GLY D 31 -0.93 14.03 -51.33
CA GLY D 31 0.20 13.30 -50.77
C GLY D 31 0.80 13.85 -49.47
N GLY D 32 0.08 14.75 -48.78
CA GLY D 32 0.56 15.51 -47.63
C GLY D 32 0.88 14.65 -46.40
N PHE D 33 0.60 13.32 -46.46
CA PHE D 33 1.03 12.35 -45.46
C PHE D 33 2.51 12.01 -45.48
N ALA D 34 3.16 12.27 -46.60
CA ALA D 34 4.56 11.87 -46.75
C ALA D 34 5.48 12.53 -45.67
N VAL D 35 5.29 13.81 -45.45
CA VAL D 35 6.07 14.57 -44.48
C VAL D 35 6.01 13.95 -43.12
N PRO D 36 4.81 13.78 -42.56
CA PRO D 36 4.66 13.08 -41.28
C PRO D 36 5.31 11.70 -41.16
N PHE D 37 5.12 10.87 -42.17
CA PHE D 37 5.59 9.49 -42.07
C PHE D 37 7.12 9.38 -42.20
N THR D 38 7.67 10.29 -42.92
CA THR D 38 9.11 10.41 -43.07
C THR D 38 9.69 10.96 -41.77
N ILE D 39 9.07 11.96 -41.16
CA ILE D 39 9.49 12.39 -39.83
C ILE D 39 9.53 11.26 -38.78
N LYS D 40 8.47 10.48 -38.72
CA LYS D 40 8.43 9.34 -37.81
C LYS D 40 9.64 8.45 -38.01
N ALA D 41 9.90 8.13 -39.27
CA ALA D 41 10.96 7.16 -39.52
C ALA D 41 12.34 7.76 -39.21
N VAL D 42 12.54 9.05 -39.43
CA VAL D 42 13.79 9.71 -39.08
C VAL D 42 13.99 9.79 -37.56
N ILE D 43 12.89 9.92 -36.81
CA ILE D 43 12.91 9.84 -35.36
C ILE D 43 13.16 8.41 -34.87
N GLU D 44 12.42 7.43 -35.36
CA GLU D 44 12.65 6.08 -34.89
C GLU D 44 14.04 5.54 -35.24
N LEU D 45 14.79 6.14 -36.17
CA LEU D 45 16.17 5.65 -36.43
C LEU D 45 17.18 6.24 -35.46
N GLY D 46 16.75 7.22 -34.64
CA GLY D 46 17.64 8.05 -33.87
C GLY D 46 18.33 9.11 -34.69
N VAL D 47 17.90 9.33 -35.94
CA VAL D 47 18.66 10.29 -36.74
C VAL D 47 18.31 11.72 -36.33
N MET D 48 17.05 11.89 -35.98
CA MET D 48 16.61 13.16 -35.46
C MET D 48 17.30 13.51 -34.13
N ASP D 49 17.42 12.56 -33.20
CA ASP D 49 18.14 12.93 -31.98
C ASP D 49 19.58 13.35 -32.25
N GLN D 50 20.20 12.69 -33.23
CA GLN D 50 21.60 13.01 -33.51
C GLN D 50 21.67 14.41 -34.08
N LEU D 51 20.69 14.75 -34.98
CA LEU D 51 20.70 16.13 -35.48
C LEU D 51 20.70 17.17 -34.34
N LEU D 52 19.92 16.85 -33.31
CA LEU D 52 19.67 17.77 -32.20
C LEU D 52 20.85 17.91 -31.28
N THR D 53 21.73 16.89 -31.19
CA THR D 53 22.92 16.90 -30.32
C THR D 53 24.15 17.45 -31.08
N ALA D 54 24.03 17.55 -32.43
CA ALA D 54 25.09 17.98 -33.33
C ALA D 54 25.51 19.45 -33.23
N GLU D 55 26.81 19.73 -33.35
CA GLU D 55 27.35 21.07 -33.49
C GLU D 55 27.93 21.37 -34.89
N ARG D 56 27.83 20.44 -35.83
CA ARG D 56 28.07 20.76 -37.22
C ARG D 56 27.10 19.95 -38.05
N ALA D 57 27.03 20.33 -39.33
CA ALA D 57 26.23 19.62 -40.30
C ALA D 57 26.75 18.19 -40.40
N MET D 58 25.87 17.21 -40.68
CA MET D 58 26.28 15.82 -40.69
C MET D 58 25.66 15.06 -41.85
N SER D 59 26.40 14.22 -42.53
CA SER D 59 25.91 13.55 -43.70
C SER D 59 25.07 12.37 -43.22
N ALA D 60 24.37 11.71 -44.15
CA ALA D 60 23.63 10.49 -43.88
C ALA D 60 24.54 9.40 -43.34
N GLU D 61 25.68 9.16 -43.98
CA GLU D 61 26.62 8.19 -43.46
C GLU D 61 26.98 8.49 -41.98
N GLU D 62 27.33 9.75 -41.70
CA GLU D 62 27.74 10.10 -40.35
C GLU D 62 26.59 9.87 -39.39
N LEU D 63 25.38 10.24 -39.81
CA LEU D 63 24.23 10.18 -38.94
C LEU D 63 23.78 8.76 -38.68
N VAL D 64 23.84 7.86 -39.66
CA VAL D 64 23.56 6.46 -39.42
C VAL D 64 24.63 5.84 -38.50
N ALA D 65 25.92 6.09 -38.74
CA ALA D 65 26.95 5.58 -37.84
C ALA D 65 26.70 6.06 -36.40
N ALA D 66 26.24 7.30 -36.18
CA ALA D 66 26.01 7.82 -34.86
C ALA D 66 24.74 7.31 -34.17
N ALA D 67 23.71 7.02 -34.96
CA ALA D 67 22.39 6.79 -34.40
C ALA D 67 22.09 5.30 -34.18
N VAL D 68 22.86 4.45 -34.87
CA VAL D 68 22.57 3.04 -35.03
C VAL D 68 23.83 2.27 -34.69
N ALA D 69 23.84 1.61 -33.53
CA ALA D 69 25.02 1.01 -32.94
C ALA D 69 25.36 -0.32 -33.68
N ALA D 70 24.27 -1.06 -33.99
CA ALA D 70 24.19 -2.36 -34.68
C ALA D 70 24.99 -2.42 -36.00
N GLN D 71 25.75 -3.48 -36.23
CA GLN D 71 26.22 -3.83 -37.57
C GLN D 71 25.03 -3.88 -38.57
N LEU D 72 25.15 -3.19 -39.72
CA LEU D 72 24.05 -3.14 -40.68
C LEU D 72 24.34 -4.07 -41.85
N PRO D 73 23.32 -4.85 -42.27
CA PRO D 73 23.49 -5.84 -43.33
C PRO D 73 23.80 -5.27 -44.73
N ARG D 74 23.29 -4.07 -45.01
CA ARG D 74 23.62 -3.35 -46.23
C ARG D 74 23.82 -1.90 -45.83
N PRO D 75 25.03 -1.51 -45.34
CA PRO D 75 25.21 -0.17 -44.73
C PRO D 75 25.14 0.97 -45.77
N GLU D 76 25.68 0.77 -46.98
CA GLU D 76 25.67 1.79 -48.02
C GLU D 76 24.23 2.11 -48.44
N VAL D 77 23.34 1.09 -48.52
CA VAL D 77 21.95 1.35 -48.86
C VAL D 77 21.18 2.05 -47.73
N ALA D 78 21.39 1.66 -46.48
CA ALA D 78 20.73 2.37 -45.40
C ALA D 78 21.11 3.87 -45.42
N CYS D 79 22.36 4.17 -45.71
CA CYS D 79 22.83 5.55 -45.83
C CYS D 79 22.10 6.26 -46.96
N THR D 80 22.08 5.69 -48.15
CA THR D 80 21.45 6.42 -49.29
C THR D 80 19.94 6.64 -49.05
N MET D 81 19.32 5.67 -48.38
CA MET D 81 17.94 5.83 -48.01
C MET D 81 17.77 6.96 -47.03
N VAL D 82 18.58 7.05 -46.02
CA VAL D 82 18.44 8.15 -45.06
C VAL D 82 18.74 9.46 -45.77
N ASP D 83 19.74 9.49 -46.64
CA ASP D 83 20.03 10.72 -47.39
C ASP D 83 18.77 11.24 -48.10
N ARG D 84 18.03 10.30 -48.72
CA ARG D 84 16.93 10.68 -49.57
C ARG D 84 15.79 11.18 -48.69
N LEU D 85 15.63 10.56 -47.50
CA LEU D 85 14.59 10.98 -46.54
C LEU D 85 14.86 12.41 -46.06
N LEU D 86 16.13 12.69 -45.74
CA LEU D 86 16.48 13.98 -45.26
C LEU D 86 16.48 15.00 -46.37
N ARG D 87 16.79 14.58 -47.61
CA ARG D 87 16.69 15.51 -48.73
C ARG D 87 15.24 15.95 -48.86
N PHE D 88 14.28 15.03 -48.59
CA PHE D 88 12.91 15.41 -48.76
C PHE D 88 12.48 16.36 -47.67
N LEU D 89 12.85 16.06 -46.43
CA LEU D 89 12.56 16.96 -45.31
C LEU D 89 13.15 18.32 -45.54
N ALA D 90 14.33 18.36 -46.13
CA ALA D 90 15.02 19.63 -46.32
C ALA D 90 14.21 20.50 -47.28
N SER D 91 13.48 19.84 -48.26
CA SER D 91 12.83 20.61 -49.28
C SER D 91 11.63 21.32 -48.68
N HIS D 92 11.17 20.75 -47.56
CA HIS D 92 10.10 21.30 -46.73
C HIS D 92 10.63 22.14 -45.54
N SER D 93 11.94 22.41 -45.46
CA SER D 93 12.44 23.35 -44.45
C SER D 93 12.47 22.77 -43.05
N VAL D 94 12.38 21.42 -42.98
CA VAL D 94 12.52 20.75 -41.68
C VAL D 94 13.98 20.59 -41.24
N VAL D 95 14.89 20.37 -42.21
CA VAL D 95 16.35 20.33 -42.01
C VAL D 95 17.00 21.27 -43.04
N ARG D 96 18.16 21.73 -42.66
CA ARG D 96 19.07 22.53 -43.46
C ARG D 96 20.06 21.53 -44.07
N CYS D 97 20.45 21.84 -45.29
CA CYS D 97 21.18 20.98 -46.18
C CYS D 97 22.27 21.84 -46.82
N THR D 98 23.51 21.33 -46.79
CA THR D 98 24.65 21.97 -47.39
C THR D 98 25.28 20.85 -48.20
N THR D 99 26.08 21.25 -49.20
CA THR D 99 26.62 20.37 -50.21
C THR D 99 28.09 20.64 -50.37
N GLU D 100 28.92 19.61 -50.27
CA GLU D 100 30.36 19.64 -50.44
C GLU D 100 30.81 18.75 -51.63
N VAL D 101 31.95 19.09 -52.22
CA VAL D 101 32.59 18.31 -53.26
C VAL D 101 33.22 17.06 -52.67
N VAL D 102 33.11 15.97 -53.48
CA VAL D 102 33.73 14.63 -53.41
C VAL D 102 35.18 14.45 -52.84
N VAL D 103 36.23 14.50 -53.69
CA VAL D 103 37.66 14.23 -53.40
C VAL D 103 37.87 12.71 -53.33
N GLY D 104 37.61 12.02 -54.47
CA GLY D 104 37.40 10.58 -54.57
C GLY D 104 36.03 10.21 -55.20
N THR D 105 35.42 9.09 -54.73
CA THR D 105 34.01 8.75 -54.97
C THR D 105 33.49 8.05 -53.69
N ASP D 106 32.62 8.78 -52.93
CA ASP D 106 31.82 8.32 -51.78
C ASP D 106 30.45 7.77 -52.25
N ASP D 107 30.23 6.53 -51.79
CA ASP D 107 29.17 5.64 -52.23
C ASP D 107 27.90 5.74 -51.33
N ALA D 108 27.92 6.48 -50.17
CA ALA D 108 26.95 6.39 -49.06
C ALA D 108 25.98 7.60 -48.94
N THR D 109 26.14 8.55 -49.90
CA THR D 109 25.21 9.53 -50.49
C THR D 109 24.70 9.01 -51.88
N THR D 110 23.44 9.38 -52.24
CA THR D 110 22.72 9.11 -53.51
C THR D 110 23.19 9.95 -54.74
N THR D 111 24.27 10.80 -54.61
CA THR D 111 24.87 11.61 -55.68
C THR D 111 26.42 11.41 -55.64
N THR D 112 27.04 11.09 -56.80
CA THR D 112 28.48 10.84 -56.93
C THR D 112 29.29 12.12 -56.63
N CYS D 113 28.88 13.30 -57.21
CA CYS D 113 29.65 14.55 -57.28
C CYS D 113 29.86 15.29 -55.93
N CYS D 114 28.86 15.07 -55.04
CA CYS D 114 28.20 15.99 -54.11
C CYS D 114 27.69 15.19 -52.87
N ARG D 115 28.28 15.43 -51.67
CA ARG D 115 27.73 14.90 -50.43
C ARG D 115 26.89 15.98 -49.77
N ARG D 116 25.69 15.61 -49.33
CA ARG D 116 24.90 16.51 -48.55
C ARG D 116 25.08 16.24 -47.05
N SER D 117 25.07 17.32 -46.29
CA SER D 117 25.14 17.31 -44.84
C SER D 117 23.98 18.12 -44.31
N TYR D 118 23.43 17.60 -43.20
CA TYR D 118 22.16 18.06 -42.72
C TYR D 118 22.32 18.58 -41.32
N ALA D 119 21.50 19.55 -40.98
CA ALA D 119 21.40 20.09 -39.64
C ALA D 119 19.95 20.38 -39.34
N ALA D 120 19.57 20.14 -38.09
CA ALA D 120 18.25 20.48 -37.55
C ALA D 120 17.89 21.97 -37.79
N SER D 121 16.61 22.11 -38.15
CA SER D 121 15.85 23.33 -38.02
C SER D 121 15.42 23.49 -36.56
N PRO D 122 15.24 24.76 -36.13
CA PRO D 122 14.60 25.10 -34.87
C PRO D 122 13.44 24.21 -34.43
N VAL D 123 12.63 23.79 -35.43
CA VAL D 123 11.38 23.14 -35.10
C VAL D 123 11.70 21.78 -34.53
N CYS D 124 12.85 21.19 -34.91
CA CYS D 124 13.04 19.76 -34.71
C CYS D 124 13.19 19.46 -33.21
N LYS D 125 13.50 20.52 -32.40
CA LYS D 125 13.63 20.31 -30.96
C LYS D 125 12.39 19.66 -30.37
N TRP D 126 11.19 19.93 -30.99
CA TRP D 126 9.93 19.42 -30.51
C TRP D 126 9.85 17.93 -30.85
N PHE D 127 10.83 17.36 -31.58
CA PHE D 127 10.88 15.89 -31.73
C PHE D 127 11.86 15.16 -30.79
N ALA D 128 12.44 15.88 -29.79
CA ALA D 128 13.41 15.29 -28.88
C ALA D 128 12.77 14.07 -28.17
N ARG D 129 13.57 12.98 -28.10
CA ARG D 129 13.19 11.71 -27.52
C ARG D 129 13.55 11.73 -26.07
N ASN D 130 14.69 12.31 -25.75
CA ASN D 130 15.27 12.15 -24.40
C ASN D 130 14.16 12.32 -23.33
N GLY D 131 13.63 13.55 -23.14
CA GLY D 131 12.54 13.77 -22.20
C GLY D 131 11.77 15.02 -22.61
N VAL D 132 10.62 15.21 -21.95
CA VAL D 132 9.60 16.24 -22.24
C VAL D 132 10.21 17.63 -21.98
N GLU D 133 11.52 17.80 -22.20
CA GLU D 133 12.27 19.02 -21.90
C GLU D 133 11.82 20.15 -22.85
N ASP D 134 10.58 20.06 -23.36
CA ASP D 134 10.02 20.87 -24.44
C ASP D 134 10.00 20.08 -25.74
N SER D 135 9.33 18.90 -25.68
CA SER D 135 9.12 17.96 -26.78
C SER D 135 7.65 17.56 -26.88
N VAL D 136 7.09 17.28 -28.05
CA VAL D 136 5.70 16.85 -28.20
C VAL D 136 5.72 15.47 -28.83
N LEU D 137 6.89 14.84 -28.72
CA LEU D 137 7.08 13.59 -29.40
C LEU D 137 6.09 12.55 -28.86
N PRO D 138 5.95 12.27 -27.55
CA PRO D 138 5.06 11.18 -27.08
C PRO D 138 3.64 11.42 -27.58
N LEU D 139 3.26 12.70 -27.61
CA LEU D 139 2.01 13.08 -28.25
C LEU D 139 2.03 12.71 -29.74
N GLY D 140 3.15 13.04 -30.43
CA GLY D 140 3.35 12.60 -31.82
C GLY D 140 3.27 11.10 -32.03
N MET D 141 3.74 10.35 -31.08
CA MET D 141 3.76 8.91 -31.22
C MET D 141 2.36 8.37 -31.21
N MET D 142 1.48 9.12 -30.55
CA MET D 142 0.08 8.75 -30.52
C MET D 142 -0.64 9.20 -31.80
N ILE D 143 -0.41 10.48 -32.18
CA ILE D 143 -0.97 11.02 -33.41
C ILE D 143 -0.67 10.08 -34.56
N LEU D 144 0.49 9.38 -34.59
CA LEU D 144 0.93 8.58 -35.74
C LEU D 144 0.86 7.07 -35.48
N ASN D 145 0.14 6.63 -34.46
CA ASN D 145 0.08 5.21 -34.19
C ASN D 145 -0.90 4.56 -35.17
N LYS D 146 -0.48 3.36 -35.64
CA LYS D 146 -1.17 2.47 -36.58
C LYS D 146 -2.67 2.48 -36.29
N THR D 147 -2.98 2.50 -35.00
CA THR D 147 -4.35 2.15 -34.65
C THR D 147 -5.26 3.31 -34.97
N PHE D 148 -4.82 4.53 -34.61
CA PHE D 148 -5.54 5.73 -34.95
C PHE D 148 -5.44 6.05 -36.43
N LEU D 149 -4.31 5.79 -37.06
CA LEU D 149 -4.24 6.06 -38.48
C LEU D 149 -5.10 5.15 -39.36
N ASP D 150 -5.44 3.97 -38.87
CA ASP D 150 -6.25 3.03 -39.64
C ASP D 150 -7.68 3.53 -39.66
N SER D 151 -8.06 4.13 -38.51
CA SER D 151 -9.39 4.70 -38.34
C SER D 151 -9.65 5.75 -39.41
N TRP D 152 -8.66 6.62 -39.63
CA TRP D 152 -8.87 7.73 -40.49
C TRP D 152 -9.09 7.33 -41.94
N GLN D 153 -8.75 6.09 -42.28
CA GLN D 153 -8.87 5.66 -43.66
C GLN D 153 -10.25 5.07 -43.88
N ASN D 154 -11.05 5.09 -42.78
CA ASN D 154 -12.37 4.46 -42.73
C ASN D 154 -13.45 5.43 -42.23
N ILE D 155 -13.26 6.69 -42.59
CA ILE D 155 -14.25 7.72 -42.31
C ILE D 155 -15.54 7.55 -43.13
N THR D 156 -15.40 7.33 -44.43
CA THR D 156 -16.54 7.12 -45.30
C THR D 156 -17.64 6.30 -44.61
N ASP D 157 -17.33 5.06 -44.28
CA ASP D 157 -18.35 4.11 -43.84
C ASP D 157 -18.90 4.52 -42.49
N ALA D 158 -18.05 5.16 -41.70
CA ALA D 158 -18.43 5.69 -40.40
C ALA D 158 -19.41 6.82 -40.54
N VAL D 159 -19.18 7.79 -41.44
CA VAL D 159 -20.17 8.82 -41.75
C VAL D 159 -21.53 8.23 -42.12
N LEU D 160 -21.54 7.24 -43.01
CA LEU D 160 -22.83 6.73 -43.45
C LEU D 160 -23.65 6.22 -42.26
N GLU D 161 -22.96 5.47 -41.39
CA GLU D 161 -23.59 4.83 -40.24
C GLU D 161 -23.83 5.89 -39.14
N GLY D 162 -23.39 7.11 -39.35
CA GLY D 162 -23.37 8.10 -38.29
C GLY D 162 -22.59 7.66 -37.05
N ALA D 163 -21.46 6.95 -37.23
CA ALA D 163 -20.66 6.30 -36.19
C ALA D 163 -19.28 6.93 -36.12
N ALA D 164 -18.50 6.62 -35.07
CA ALA D 164 -17.11 7.11 -34.92
C ALA D 164 -16.23 6.16 -35.77
N PRO D 165 -15.38 6.67 -36.70
CA PRO D 165 -14.48 5.79 -37.46
C PRO D 165 -13.65 4.85 -36.56
N PHE D 166 -13.17 5.35 -35.39
CA PHE D 166 -12.50 4.46 -34.47
C PHE D 166 -13.29 3.17 -34.30
N GLU D 167 -14.53 3.37 -33.82
CA GLU D 167 -15.43 2.31 -33.40
C GLU D 167 -15.81 1.40 -34.57
N LYS D 168 -16.03 2.00 -35.75
CA LYS D 168 -16.38 1.27 -36.94
C LYS D 168 -15.27 0.26 -37.20
N THR D 169 -14.03 0.73 -36.96
CA THR D 169 -12.83 0.03 -37.35
C THR D 169 -12.42 -1.00 -36.30
N TYR D 170 -12.64 -0.71 -34.99
CA TYR D 170 -12.25 -1.62 -33.91
C TYR D 170 -13.47 -2.26 -33.22
N GLY D 171 -14.70 -1.99 -33.72
CA GLY D 171 -15.94 -2.42 -33.11
C GLY D 171 -16.13 -2.03 -31.64
N MET D 172 -15.57 -0.91 -31.16
CA MET D 172 -15.87 -0.41 -29.82
C MET D 172 -15.23 0.96 -29.58
N PRO D 173 -15.73 1.70 -28.58
CA PRO D 173 -15.20 3.01 -28.22
C PRO D 173 -13.73 2.90 -27.83
N MET D 174 -12.99 3.91 -28.23
CA MET D 174 -11.56 3.94 -28.06
C MET D 174 -11.24 3.66 -26.59
N PHE D 175 -12.02 4.26 -25.66
CA PHE D 175 -11.63 4.19 -24.27
C PHE D 175 -11.63 2.76 -23.80
N GLU D 176 -12.68 2.07 -24.24
CA GLU D 176 -12.93 0.68 -23.94
C GLU D 176 -11.75 -0.13 -24.49
N TYR D 177 -11.32 0.23 -25.70
CA TYR D 177 -10.29 -0.48 -26.47
C TYR D 177 -8.98 -0.44 -25.70
N LEU D 178 -8.67 0.76 -25.16
CA LEU D 178 -7.47 1.05 -24.39
C LEU D 178 -7.30 0.12 -23.18
N SER D 179 -8.39 -0.25 -22.49
CA SER D 179 -8.31 -1.17 -21.36
C SER D 179 -8.00 -2.60 -21.80
N THR D 180 -8.37 -2.99 -23.04
CA THR D 180 -8.12 -4.34 -23.58
C THR D 180 -6.70 -4.41 -24.20
N ASN D 181 -6.04 -3.28 -24.51
CA ASN D 181 -4.74 -3.19 -25.18
C ASN D 181 -3.87 -2.17 -24.42
N GLY D 182 -3.07 -2.76 -23.48
CA GLY D 182 -2.11 -2.07 -22.63
C GLY D 182 -1.08 -1.29 -23.45
N PRO D 183 -0.54 -1.85 -24.57
CA PRO D 183 0.44 -1.09 -25.38
C PRO D 183 -0.06 0.27 -25.88
N LEU D 184 -1.33 0.28 -26.36
CA LEU D 184 -1.96 1.49 -26.81
C LEU D 184 -2.36 2.38 -25.61
N ASN D 185 -2.82 1.76 -24.54
CA ASN D 185 -3.09 2.48 -23.30
C ASN D 185 -1.87 3.31 -22.84
N THR D 186 -0.69 2.67 -22.92
CA THR D 186 0.54 3.30 -22.48
C THR D 186 0.78 4.54 -23.32
N VAL D 187 0.70 4.33 -24.64
CA VAL D 187 0.89 5.40 -25.60
C VAL D 187 -0.07 6.56 -25.28
N PHE D 188 -1.33 6.23 -24.96
CA PHE D 188 -2.32 7.25 -24.80
C PHE D 188 -1.98 8.04 -23.53
N HIS D 189 -1.69 7.33 -22.42
CA HIS D 189 -1.46 8.02 -21.17
C HIS D 189 -0.18 8.87 -21.31
N GLU D 190 0.79 8.41 -22.14
CA GLU D 190 2.07 9.11 -22.27
C GLU D 190 1.88 10.40 -23.09
N ALA D 191 0.96 10.31 -24.06
CA ALA D 191 0.63 11.43 -24.86
C ALA D 191 -0.03 12.49 -24.00
N MET D 192 -0.98 12.06 -23.17
CA MET D 192 -1.78 13.01 -22.41
C MET D 192 -0.92 13.64 -21.31
N ALA D 193 0.01 12.87 -20.71
CA ALA D 193 0.91 13.36 -19.68
C ALA D 193 1.87 14.38 -20.28
N ASN D 194 2.24 14.08 -21.55
CA ASN D 194 3.14 14.89 -22.36
C ASN D 194 2.52 16.27 -22.49
N HIS D 195 1.32 16.27 -23.05
CA HIS D 195 0.64 17.52 -23.38
C HIS D 195 0.36 18.27 -22.07
N SER D 196 -0.07 17.47 -21.10
CA SER D 196 -0.39 18.01 -19.81
C SER D 196 0.82 18.77 -19.24
N MET D 197 2.00 18.18 -19.33
CA MET D 197 3.19 18.78 -18.74
C MET D 197 3.52 20.12 -19.39
N ILE D 198 3.51 20.14 -20.73
CA ILE D 198 3.86 21.38 -21.42
C ILE D 198 2.84 22.46 -21.04
N ILE D 199 1.57 22.04 -21.09
CA ILE D 199 0.54 23.02 -20.90
C ILE D 199 0.56 23.55 -19.45
N THR D 200 0.65 22.65 -18.50
CA THR D 200 0.63 23.04 -17.14
C THR D 200 1.85 23.94 -16.85
N LYS D 201 3.02 23.65 -17.45
CA LYS D 201 4.18 24.48 -17.16
C LYS D 201 3.89 25.93 -17.59
N LYS D 202 3.30 26.08 -18.76
CA LYS D 202 3.02 27.37 -19.39
C LYS D 202 1.96 28.12 -18.62
N LEU D 203 1.01 27.33 -18.10
CA LEU D 203 -0.07 27.87 -17.29
C LEU D 203 0.54 28.67 -16.15
N LEU D 204 1.51 28.06 -15.45
CA LEU D 204 2.16 28.61 -14.27
C LEU D 204 2.86 29.94 -14.58
N LYS D 205 3.26 30.12 -15.86
CA LYS D 205 3.95 31.33 -16.29
C LYS D 205 2.94 32.43 -16.63
N PHE D 206 1.79 32.08 -17.21
CA PHE D 206 0.96 33.05 -17.95
C PHE D 206 -0.43 33.27 -17.31
N PHE D 207 -0.85 32.34 -16.46
CA PHE D 207 -2.23 32.28 -16.05
C PHE D 207 -2.30 32.59 -14.56
N ARG D 208 -3.27 33.44 -14.16
CA ARG D 208 -3.34 34.05 -12.84
C ARG D 208 -4.70 33.63 -12.24
N GLY D 209 -5.23 32.50 -12.72
CA GLY D 209 -6.52 32.03 -12.23
C GLY D 209 -6.38 31.06 -11.06
N PHE D 210 -5.16 30.74 -10.61
CA PHE D 210 -5.06 29.79 -9.53
C PHE D 210 -4.83 30.46 -8.19
N GLU D 211 -4.65 31.78 -8.20
CA GLU D 211 -4.29 32.50 -6.97
C GLU D 211 -5.47 32.71 -6.03
N GLY D 212 -5.24 32.42 -4.74
CA GLY D 212 -6.22 32.68 -3.69
C GLY D 212 -7.35 31.64 -3.63
N LEU D 213 -7.14 30.49 -4.29
CA LEU D 213 -8.05 29.36 -4.28
C LEU D 213 -7.65 28.29 -3.28
N ASP D 214 -8.57 27.97 -2.38
CA ASP D 214 -8.25 27.10 -1.25
C ASP D 214 -8.32 25.62 -1.67
N VAL D 215 -9.31 25.23 -2.50
CA VAL D 215 -9.39 23.87 -3.02
C VAL D 215 -9.60 23.90 -4.55
N LEU D 216 -9.02 22.88 -5.17
CA LEU D 216 -9.05 22.77 -6.61
C LEU D 216 -9.22 21.30 -6.98
N VAL D 217 -10.21 21.08 -7.85
CA VAL D 217 -10.49 19.73 -8.26
C VAL D 217 -10.02 19.53 -9.67
N ASP D 218 -9.25 18.48 -9.86
CA ASP D 218 -8.71 18.11 -11.18
C ASP D 218 -9.51 16.89 -11.65
N VAL D 219 -10.10 17.04 -12.84
CA VAL D 219 -10.93 15.97 -13.35
C VAL D 219 -10.24 15.21 -14.46
N GLY D 220 -10.15 13.90 -14.24
CA GLY D 220 -9.33 13.02 -15.05
C GLY D 220 -7.82 13.23 -14.84
N GLY D 221 -7.29 13.45 -13.66
CA GLY D 221 -5.82 13.52 -13.63
C GLY D 221 -5.14 12.36 -12.89
N GLY D 222 -4.37 12.72 -11.87
CA GLY D 222 -3.87 11.76 -10.88
C GLY D 222 -2.74 10.99 -11.52
N ASN D 223 -1.58 10.88 -10.84
CA ASN D 223 -0.46 10.05 -11.29
C ASN D 223 0.75 10.90 -11.78
N GLY D 224 0.63 11.89 -12.73
CA GLY D 224 1.54 13.06 -12.87
C GLY D 224 0.91 14.25 -12.10
N THR D 225 -0.30 13.93 -11.70
CA THR D 225 -1.21 14.81 -11.05
C THR D 225 -1.31 16.17 -11.71
N THR D 226 -0.25 16.95 -11.99
CA THR D 226 -0.65 18.24 -12.54
C THR D 226 -1.01 19.13 -11.34
N LEU D 227 -1.87 18.66 -10.42
CA LEU D 227 -2.07 19.29 -9.14
C LEU D 227 -0.75 19.36 -8.33
N GLN D 228 0.14 18.38 -8.49
CA GLN D 228 1.42 18.47 -7.78
C GLN D 228 2.17 19.66 -8.32
N MET D 229 2.14 19.89 -9.65
CA MET D 229 2.91 20.98 -10.25
C MET D 229 2.35 22.34 -9.81
N ILE D 230 1.03 22.40 -9.80
CA ILE D 230 0.31 23.62 -9.48
C ILE D 230 0.50 23.95 -8.02
N ARG D 231 0.16 22.95 -7.18
CA ARG D 231 0.27 23.06 -5.72
C ARG D 231 1.71 23.43 -5.37
N GLY D 232 2.67 22.82 -6.09
CA GLY D 232 4.05 23.24 -6.17
C GLY D 232 4.28 24.77 -6.14
N GLN D 233 3.52 25.55 -6.91
CA GLN D 233 3.72 27.00 -6.97
C GLN D 233 2.69 27.81 -6.14
N TYR D 234 1.60 27.16 -5.68
CA TYR D 234 0.63 27.73 -4.73
C TYR D 234 0.66 26.83 -3.49
N LYS D 235 1.57 27.09 -2.54
CA LYS D 235 1.83 26.11 -1.50
C LYS D 235 0.56 25.86 -0.66
N ASN D 236 -0.23 26.93 -0.38
CA ASN D 236 -1.42 26.90 0.48
C ASN D 236 -2.69 26.53 -0.33
N MET D 237 -2.56 25.91 -1.50
CA MET D 237 -3.70 25.41 -2.24
C MET D 237 -3.82 23.91 -2.01
N ARG D 238 -5.00 23.40 -1.63
CA ARG D 238 -5.19 21.96 -1.58
C ARG D 238 -5.85 21.47 -2.87
N GLY D 239 -5.67 20.19 -3.15
CA GLY D 239 -6.09 19.61 -4.40
C GLY D 239 -6.98 18.40 -4.17
N ILE D 240 -7.85 18.11 -5.15
CA ILE D 240 -8.67 16.92 -5.12
C ILE D 240 -8.56 16.31 -6.50
N ASN D 241 -8.24 15.03 -6.55
CA ASN D 241 -7.96 14.44 -7.83
C ASN D 241 -9.13 13.56 -8.19
N TYR D 242 -10.02 14.00 -9.08
CA TYR D 242 -11.19 13.18 -9.38
C TYR D 242 -10.97 12.44 -10.69
N ASP D 243 -11.23 11.14 -10.63
CA ASP D 243 -11.17 10.27 -11.79
C ASP D 243 -11.85 8.97 -11.36
N LEU D 244 -11.97 8.03 -12.31
CA LEU D 244 -12.73 6.80 -12.12
C LEU D 244 -12.07 5.94 -11.02
N PRO D 245 -12.78 4.98 -10.39
CA PRO D 245 -12.15 4.22 -9.31
C PRO D 245 -11.00 3.36 -9.81
N HIS D 246 -11.10 2.76 -11.02
CA HIS D 246 -10.04 1.88 -11.50
C HIS D 246 -8.71 2.69 -11.46
N VAL D 247 -8.78 3.98 -11.85
CA VAL D 247 -7.64 4.87 -11.99
C VAL D 247 -7.15 5.35 -10.61
N ILE D 248 -8.09 5.52 -9.66
CA ILE D 248 -7.80 6.08 -8.34
C ILE D 248 -7.22 5.01 -7.39
N ALA D 249 -7.69 3.76 -7.51
CA ALA D 249 -7.07 2.59 -6.91
C ALA D 249 -5.56 2.46 -7.22
N GLN D 250 -5.04 3.15 -8.23
CA GLN D 250 -3.61 3.21 -8.50
C GLN D 250 -2.95 4.57 -8.16
N ALA D 251 -3.43 5.32 -7.19
CA ALA D 251 -2.81 6.61 -6.96
C ALA D 251 -2.04 6.53 -5.63
N ALA D 252 -0.81 7.04 -5.64
CA ALA D 252 0.00 7.18 -4.43
C ALA D 252 -0.55 8.31 -3.56
N PRO D 253 -0.59 8.23 -2.21
CA PRO D 253 -0.72 9.44 -1.38
C PRO D 253 0.32 10.53 -1.72
N VAL D 254 -0.19 11.77 -1.97
CA VAL D 254 0.56 12.92 -2.42
C VAL D 254 0.29 14.05 -1.43
N GLU D 255 1.31 14.87 -1.12
CA GLU D 255 1.24 15.89 -0.06
C GLU D 255 0.21 16.95 -0.49
N GLY D 256 -0.80 17.23 0.36
CA GLY D 256 -1.86 18.20 0.10
C GLY D 256 -2.92 17.83 -0.98
N VAL D 257 -3.03 16.54 -1.35
CA VAL D 257 -3.96 16.07 -2.37
C VAL D 257 -4.74 14.83 -1.87
N GLU D 258 -6.06 15.00 -1.70
CA GLU D 258 -7.10 13.98 -1.60
C GLU D 258 -7.37 13.43 -3.01
N HIS D 259 -7.32 12.10 -3.16
CA HIS D 259 -7.75 11.38 -4.36
C HIS D 259 -9.19 10.89 -4.18
N VAL D 260 -10.09 11.19 -5.13
CA VAL D 260 -11.46 10.68 -5.05
C VAL D 260 -11.85 9.93 -6.34
N GLY D 261 -12.54 8.78 -6.15
CA GLY D 261 -13.01 7.91 -7.22
C GLY D 261 -14.50 8.08 -7.53
N GLY D 262 -14.85 8.04 -8.81
CA GLY D 262 -16.25 8.14 -9.21
C GLY D 262 -16.37 8.67 -10.63
N SER D 263 -17.62 8.62 -11.17
CA SER D 263 -17.97 9.07 -12.53
C SER D 263 -18.43 10.54 -12.58
N MET D 264 -17.91 11.32 -13.53
CA MET D 264 -18.13 12.77 -13.57
C MET D 264 -19.52 13.10 -14.13
N PHE D 265 -20.16 12.08 -14.72
CA PHE D 265 -21.54 12.18 -15.18
C PHE D 265 -22.54 12.06 -14.03
N ASP D 266 -22.15 11.33 -12.95
CA ASP D 266 -22.94 11.07 -11.75
C ASP D 266 -22.72 12.21 -10.76
N ASN D 267 -21.49 12.65 -10.49
CA ASN D 267 -21.25 13.67 -9.48
C ASN D 267 -19.85 14.28 -9.68
N ILE D 268 -19.66 15.48 -9.08
CA ILE D 268 -18.34 16.10 -9.02
C ILE D 268 -18.02 16.67 -7.64
N PRO D 269 -16.78 16.50 -7.09
CA PRO D 269 -16.46 16.96 -5.74
C PRO D 269 -16.46 18.47 -5.56
N ARG D 270 -16.69 18.94 -4.31
CA ARG D 270 -16.87 20.37 -4.06
C ARG D 270 -15.49 20.99 -3.96
N GLY D 271 -15.30 22.13 -4.64
CA GLY D 271 -14.16 23.01 -4.43
C GLY D 271 -14.52 24.49 -4.67
N ASN D 272 -13.47 25.34 -4.72
CA ASN D 272 -13.64 26.73 -5.16
C ASN D 272 -13.44 26.91 -6.67
N ALA D 273 -12.90 25.84 -7.30
CA ALA D 273 -12.69 25.78 -8.73
C ALA D 273 -12.55 24.32 -9.17
N VAL D 274 -12.94 24.09 -10.42
CA VAL D 274 -12.83 22.79 -11.08
C VAL D 274 -12.05 22.95 -12.37
N LEU D 275 -11.27 21.92 -12.72
CA LEU D 275 -10.41 21.96 -13.90
C LEU D 275 -10.74 20.81 -14.86
N LEU D 276 -11.05 21.20 -16.11
CA LEU D 276 -11.37 20.25 -17.18
C LEU D 276 -10.45 20.55 -18.35
N LYS D 277 -9.36 19.76 -18.41
CA LYS D 277 -8.40 19.77 -19.48
C LYS D 277 -8.70 18.61 -20.44
N TRP D 278 -9.12 18.98 -21.66
CA TRP D 278 -9.29 18.05 -22.77
C TRP D 278 -10.25 16.96 -22.39
N ILE D 279 -11.31 17.40 -21.68
CA ILE D 279 -12.37 16.50 -21.24
C ILE D 279 -13.56 16.73 -22.17
N LEU D 280 -14.03 17.99 -22.13
CA LEU D 280 -15.21 18.38 -22.87
C LEU D 280 -15.17 17.99 -24.34
N HIS D 281 -13.99 18.11 -24.95
CA HIS D 281 -13.95 18.02 -26.38
C HIS D 281 -14.17 16.56 -26.80
N ASP D 282 -14.24 15.62 -25.86
CA ASP D 282 -14.39 14.21 -26.13
C ASP D 282 -15.87 13.80 -26.29
N TRP D 283 -16.79 14.74 -25.95
CA TRP D 283 -18.19 14.45 -25.66
C TRP D 283 -19.08 15.44 -26.44
N ASP D 284 -20.32 15.01 -26.70
CA ASP D 284 -21.26 15.89 -27.38
C ASP D 284 -21.81 16.92 -26.41
N ASP D 285 -22.57 17.90 -26.90
CA ASP D 285 -23.12 18.99 -26.08
C ASP D 285 -23.97 18.38 -24.95
N LYS D 286 -24.75 17.29 -25.22
CA LYS D 286 -25.70 16.75 -24.21
C LYS D 286 -24.92 16.19 -23.01
N ALA D 287 -23.82 15.51 -23.33
CA ALA D 287 -23.01 14.85 -22.35
C ALA D 287 -22.20 15.88 -21.56
N CYS D 288 -21.67 16.84 -22.29
CA CYS D 288 -21.02 18.02 -21.73
C CYS D 288 -21.93 18.71 -20.72
N ILE D 289 -23.23 18.85 -21.03
CA ILE D 289 -24.07 19.64 -20.15
C ILE D 289 -24.32 18.86 -18.87
N LYS D 290 -24.46 17.52 -18.95
CA LYS D 290 -24.51 16.71 -17.73
C LYS D 290 -23.30 17.04 -16.84
N ILE D 291 -22.10 16.97 -17.47
CA ILE D 291 -20.83 17.16 -16.77
C ILE D 291 -20.72 18.53 -16.06
N LEU D 292 -21.03 19.56 -16.84
CA LEU D 292 -20.94 20.91 -16.34
C LEU D 292 -21.99 21.20 -15.28
N LYS D 293 -23.17 20.56 -15.38
CA LYS D 293 -24.15 20.76 -14.33
C LYS D 293 -23.60 20.29 -13.00
N ASN D 294 -23.13 19.03 -12.93
CA ASN D 294 -22.38 18.44 -11.85
C ASN D 294 -21.25 19.34 -11.29
N CYS D 295 -20.62 20.15 -12.16
CA CYS D 295 -19.68 21.18 -11.74
C CYS D 295 -20.41 22.36 -11.10
N TYR D 296 -21.54 22.74 -11.70
CA TYR D 296 -22.33 23.81 -11.07
C TYR D 296 -22.70 23.41 -9.63
N THR D 297 -23.17 22.18 -9.41
CA THR D 297 -23.70 21.74 -8.10
C THR D 297 -22.50 21.55 -7.14
N ALA D 298 -21.37 20.95 -7.57
CA ALA D 298 -20.10 21.02 -6.86
C ALA D 298 -19.72 22.42 -6.36
N LEU D 299 -19.81 23.44 -7.19
CA LEU D 299 -19.11 24.70 -6.92
C LEU D 299 -19.92 25.48 -5.93
N HIS D 300 -19.27 26.33 -5.16
CA HIS D 300 -20.03 27.40 -4.52
C HIS D 300 -20.07 28.63 -5.44
N VAL D 301 -20.98 29.50 -5.07
CA VAL D 301 -21.11 30.80 -5.67
C VAL D 301 -19.80 31.59 -5.51
N ARG D 302 -19.42 32.39 -6.52
CA ARG D 302 -18.10 33.01 -6.69
C ARG D 302 -17.02 32.03 -7.21
N GLY D 303 -17.33 30.71 -7.31
CA GLY D 303 -16.33 29.72 -7.71
C GLY D 303 -16.25 29.66 -9.22
N LYS D 304 -15.45 28.76 -9.84
CA LYS D 304 -15.14 28.81 -11.27
C LYS D 304 -14.82 27.45 -11.84
N VAL D 305 -15.30 27.18 -13.07
CA VAL D 305 -14.78 26.08 -13.87
C VAL D 305 -13.71 26.67 -14.77
N ILE D 306 -12.59 25.94 -14.92
CA ILE D 306 -11.45 26.32 -15.76
C ILE D 306 -11.30 25.24 -16.81
N VAL D 307 -11.45 25.68 -18.08
CA VAL D 307 -11.54 24.79 -19.24
C VAL D 307 -10.30 25.03 -20.07
N LEU D 308 -9.55 23.95 -20.30
CA LEU D 308 -8.33 23.95 -21.12
C LEU D 308 -8.64 23.16 -22.38
N GLU D 309 -8.92 23.97 -23.39
CA GLU D 309 -9.33 23.48 -24.67
C GLU D 309 -8.83 24.46 -25.71
N TYR D 310 -8.77 23.91 -26.92
CA TYR D 310 -8.68 24.75 -28.11
C TYR D 310 -10.04 25.44 -28.31
N VAL D 311 -10.03 26.50 -29.10
CA VAL D 311 -11.20 27.28 -29.43
C VAL D 311 -11.18 27.51 -30.94
N VAL D 312 -11.94 26.72 -31.73
CA VAL D 312 -12.02 27.00 -33.18
C VAL D 312 -12.55 28.41 -33.42
N PRO D 313 -12.08 29.13 -34.46
CA PRO D 313 -12.70 30.43 -34.83
C PRO D 313 -14.12 30.22 -35.39
N ASP D 314 -14.85 31.36 -35.49
CA ASP D 314 -16.22 31.32 -35.98
C ASP D 314 -16.27 30.83 -37.42
N GLU D 315 -15.14 30.91 -38.13
CA GLU D 315 -15.10 30.65 -39.56
C GLU D 315 -13.82 29.97 -39.95
N PRO D 316 -13.79 29.17 -41.04
CA PRO D 316 -12.60 28.45 -41.42
C PRO D 316 -11.54 29.30 -42.14
N GLU D 317 -10.87 30.10 -41.33
CA GLU D 317 -9.78 30.94 -41.73
C GLU D 317 -8.55 30.10 -42.09
N PRO D 318 -7.85 30.49 -43.17
CA PRO D 318 -6.70 29.71 -43.59
C PRO D 318 -5.42 30.11 -42.85
N THR D 319 -5.42 30.03 -41.51
CA THR D 319 -4.20 30.33 -40.74
C THR D 319 -3.67 29.05 -40.14
N LEU D 320 -2.40 29.07 -39.76
CA LEU D 320 -1.80 27.88 -39.16
C LEU D 320 -2.59 27.52 -37.88
N ALA D 321 -3.07 28.55 -37.13
CA ALA D 321 -3.70 28.35 -35.82
C ALA D 321 -5.07 27.67 -35.97
N ALA D 322 -5.82 28.30 -36.87
CA ALA D 322 -7.11 27.78 -37.31
C ALA D 322 -6.96 26.34 -37.83
N GLN D 323 -5.98 26.08 -38.69
CA GLN D 323 -5.96 24.78 -39.34
C GLN D 323 -5.73 23.69 -38.32
N GLY D 324 -4.92 24.06 -37.33
CA GLY D 324 -4.56 23.11 -36.28
C GLY D 324 -5.77 22.76 -35.42
N ALA D 325 -6.61 23.75 -35.20
CA ALA D 325 -7.81 23.54 -34.43
C ALA D 325 -8.82 22.69 -35.20
N PHE D 326 -8.99 22.97 -36.50
CA PHE D 326 -9.93 22.15 -37.24
C PHE D 326 -9.41 20.71 -37.37
N GLU D 327 -8.07 20.60 -37.40
CA GLU D 327 -7.46 19.28 -37.42
C GLU D 327 -7.76 18.50 -36.14
N LEU D 328 -7.66 19.21 -34.99
CA LEU D 328 -8.02 18.61 -33.74
C LEU D 328 -9.50 18.20 -33.78
N ASP D 329 -10.33 19.05 -34.38
CA ASP D 329 -11.71 18.70 -34.50
C ASP D 329 -11.83 17.33 -35.21
N LEU D 330 -11.01 17.12 -36.22
CA LEU D 330 -11.26 15.93 -37.02
C LEU D 330 -10.73 14.71 -36.30
N THR D 331 -9.68 14.94 -35.51
CA THR D 331 -9.20 13.89 -34.62
C THR D 331 -10.29 13.47 -33.63
N MET D 332 -11.02 14.46 -33.12
CA MET D 332 -12.11 14.11 -32.22
C MET D 332 -13.18 13.39 -33.02
N LEU D 333 -13.49 13.86 -34.21
CA LEU D 333 -14.41 13.14 -35.07
C LEU D 333 -14.03 11.66 -35.24
N VAL D 334 -12.78 11.40 -35.63
CA VAL D 334 -12.29 10.06 -35.93
C VAL D 334 -12.31 9.17 -34.69
N THR D 335 -11.86 9.79 -33.59
CA THR D 335 -11.65 9.11 -32.34
C THR D 335 -12.98 8.79 -31.70
N PHE D 336 -13.88 9.79 -31.62
CA PHE D 336 -15.08 9.83 -30.77
C PHE D 336 -16.41 10.02 -31.53
N GLY D 337 -16.35 10.63 -32.73
CA GLY D 337 -17.53 10.89 -33.53
C GLY D 337 -18.15 12.22 -33.11
N SER D 338 -18.83 12.17 -31.96
CA SER D 338 -19.61 13.28 -31.47
C SER D 338 -18.78 14.19 -30.55
N GLY D 339 -17.62 13.70 -30.09
CA GLY D 339 -16.57 14.58 -29.56
C GLY D 339 -16.28 15.61 -30.63
N LYS D 340 -15.90 16.83 -30.28
CA LYS D 340 -15.80 17.95 -31.19
C LYS D 340 -15.14 19.14 -30.50
N GLU D 341 -14.55 20.01 -31.35
CA GLU D 341 -13.97 21.28 -30.95
C GLU D 341 -15.03 22.35 -31.10
N ARG D 342 -14.88 23.46 -30.34
CA ARG D 342 -15.91 24.43 -30.05
C ARG D 342 -15.37 25.84 -30.17
N THR D 343 -16.26 26.78 -30.51
CA THR D 343 -15.98 28.20 -30.55
C THR D 343 -16.17 28.73 -29.15
N GLN D 344 -15.80 30.01 -28.97
CA GLN D 344 -15.97 30.71 -27.72
C GLN D 344 -17.46 30.68 -27.40
N ARG D 345 -18.23 31.17 -28.39
CA ARG D 345 -19.67 31.25 -28.35
C ARG D 345 -20.26 29.90 -27.90
N GLU D 346 -19.81 28.80 -28.55
CA GLU D 346 -20.41 27.51 -28.28
C GLU D 346 -20.19 27.07 -26.84
N PHE D 347 -18.98 27.34 -26.32
CA PHE D 347 -18.64 27.04 -24.94
C PHE D 347 -19.51 27.85 -23.98
N SER D 348 -19.61 29.19 -24.21
CA SER D 348 -20.48 30.04 -23.40
C SER D 348 -21.88 29.45 -23.32
N GLU D 349 -22.41 28.94 -24.45
CA GLU D 349 -23.77 28.43 -24.52
C GLU D 349 -23.90 27.18 -23.66
N LEU D 350 -22.87 26.35 -23.67
CA LEU D 350 -22.86 25.20 -22.79
C LEU D 350 -22.92 25.64 -21.32
N ALA D 351 -22.11 26.65 -20.99
CA ALA D 351 -22.04 27.14 -19.62
C ALA D 351 -23.39 27.66 -19.18
N MET D 352 -24.08 28.34 -20.09
CA MET D 352 -25.35 28.96 -19.73
C MET D 352 -26.41 27.90 -19.57
N GLU D 353 -26.47 26.90 -20.45
CA GLU D 353 -27.37 25.77 -20.19
C GLU D 353 -27.15 25.19 -18.79
N ALA D 354 -25.90 25.13 -18.32
CA ALA D 354 -25.62 24.31 -17.14
C ALA D 354 -25.74 25.16 -15.88
N GLY D 355 -26.04 26.45 -16.07
CA GLY D 355 -26.48 27.30 -15.00
C GLY D 355 -25.56 28.50 -14.81
N PHE D 356 -24.44 28.58 -15.55
CA PHE D 356 -23.42 29.57 -15.19
C PHE D 356 -23.86 30.95 -15.65
N SER D 357 -23.32 31.99 -15.00
CA SER D 357 -23.68 33.39 -15.26
C SER D 357 -23.10 33.87 -16.60
N ARG D 358 -23.43 35.13 -17.04
CA ARG D 358 -22.90 35.70 -18.28
C ARG D 358 -21.65 36.53 -17.93
N GLU D 359 -20.64 35.78 -17.47
CA GLU D 359 -19.36 36.28 -17.04
C GLU D 359 -18.39 35.17 -17.43
N PHE D 360 -17.51 35.54 -18.34
CA PHE D 360 -16.68 34.62 -19.12
C PHE D 360 -15.28 35.22 -19.16
N LYS D 361 -14.26 34.38 -18.98
CA LYS D 361 -12.88 34.83 -19.11
C LYS D 361 -12.14 33.89 -20.01
N ALA D 362 -11.32 34.42 -20.91
CA ALA D 362 -10.51 33.58 -21.80
C ALA D 362 -9.09 34.14 -21.82
N THR D 363 -8.12 33.24 -21.58
CA THR D 363 -6.70 33.61 -21.58
C THR D 363 -5.93 32.62 -22.46
N TYR D 364 -5.09 33.13 -23.39
CA TYR D 364 -4.38 32.21 -24.29
C TYR D 364 -3.21 31.63 -23.51
N ILE D 365 -2.99 30.31 -23.65
CA ILE D 365 -1.87 29.69 -22.96
C ILE D 365 -0.70 29.40 -23.90
N PHE D 366 -0.91 28.43 -24.77
CA PHE D 366 0.16 27.92 -25.58
C PHE D 366 -0.43 26.87 -26.50
N ALA D 367 0.06 26.89 -27.75
CA ALA D 367 -0.17 25.80 -28.71
C ALA D 367 -1.65 25.48 -28.85
N ASN D 368 -2.38 26.60 -29.08
CA ASN D 368 -3.80 26.59 -29.47
C ASN D 368 -4.75 26.46 -28.27
N VAL D 369 -4.22 26.11 -27.11
CA VAL D 369 -4.97 25.98 -25.89
C VAL D 369 -5.15 27.34 -25.18
N TRP D 370 -6.45 27.53 -24.78
CA TRP D 370 -6.93 28.61 -23.94
C TRP D 370 -7.39 28.02 -22.59
N ALA D 371 -7.24 28.90 -21.57
CA ALA D 371 -7.99 28.76 -20.34
C ALA D 371 -9.22 29.65 -20.40
N LEU D 372 -10.36 28.95 -20.30
CA LEU D 372 -11.69 29.55 -20.31
C LEU D 372 -12.37 29.41 -18.95
N GLU D 373 -12.83 30.50 -18.37
CA GLU D 373 -13.36 30.42 -17.02
C GLU D 373 -14.82 30.85 -17.00
N PHE D 374 -15.62 30.00 -16.38
CA PHE D 374 -16.99 30.33 -16.06
C PHE D 374 -17.14 30.48 -14.54
N THR D 375 -17.80 31.53 -14.11
CA THR D 375 -18.25 31.72 -12.73
C THR D 375 -19.78 31.54 -12.48
N LYS D 376 -20.08 31.09 -11.23
CA LYS D 376 -21.38 30.88 -10.60
C LYS D 376 -21.96 32.19 -10.03
C1 STL E . -30.67 -13.04 2.55
C2 STL E . -30.46 -14.03 3.52
C3 STL E . -29.83 -15.21 3.12
C4 STL E . -29.42 -15.43 1.79
C5 STL E . -29.60 -14.43 0.83
C6 STL E . -30.28 -13.26 1.21
C7 STL E . -29.27 -14.54 -0.60
C8 STL E . -28.61 -15.55 -1.18
C9 STL E . -28.39 -15.79 -2.63
C10 STL E . -28.38 -14.76 -3.58
C11 STL E . -28.08 -14.99 -4.91
C12 STL E . -27.89 -16.28 -5.39
C13 STL E . -28.00 -17.32 -4.49
C14 STL E . -28.19 -17.09 -3.14
O1 STL E . -27.74 -16.52 -6.75
O2 STL E . -29.58 -16.13 4.14
O3 STL E . -31.35 -11.82 2.80
C1 EDO F . -40.37 -11.41 -1.91
O1 EDO F . -40.24 -11.20 -0.41
C2 EDO F . -39.06 -11.34 -2.83
O2 EDO F . -39.09 -11.54 -4.30
C1 STL G . 18.91 -10.96 0.38
C2 STL G . 18.92 -12.08 1.19
C3 STL G . 18.41 -11.99 2.47
C4 STL G . 17.86 -10.84 2.94
C5 STL G . 17.84 -9.68 2.11
C6 STL G . 18.35 -9.77 0.83
C7 STL G . 17.29 -8.39 2.57
C8 STL G . 17.10 -7.24 1.90
C9 STL G . 16.73 -5.95 2.53
C10 STL G . 16.74 -4.82 1.69
C11 STL G . 16.57 -3.53 2.20
C12 STL G . 16.30 -3.38 3.56
C13 STL G . 16.27 -4.49 4.43
C14 STL G . 16.54 -5.77 3.93
O1 STL G . 16.12 -2.03 3.87
O2 STL G . 18.49 -13.12 3.17
O3 STL G . 19.49 -10.97 -0.88
C1 EDO H . -10.91 6.82 17.78
O1 EDO H . -12.35 7.06 17.99
C2 EDO H . -9.81 7.95 17.57
O2 EDO H . -9.34 8.86 18.69
C1 STL I . 6.28 -1.40 34.23
C2 STL I . 5.90 -2.69 33.89
C3 STL I . 6.28 -3.21 32.67
C4 STL I . 7.13 -2.47 31.87
C5 STL I . 7.61 -1.20 32.23
C6 STL I . 7.17 -0.66 33.46
C7 STL I . 8.50 -0.61 31.19
C8 STL I . 9.38 0.43 31.21
C9 STL I . 10.04 1.05 30.02
C10 STL I . 10.68 2.30 30.16
C11 STL I . 11.21 2.99 29.07
C12 STL I . 11.21 2.40 27.81
C13 STL I . 10.57 1.13 27.62
C14 STL I . 9.99 0.48 28.72
O1 STL I . 11.92 3.18 26.82
O2 STL I . 6.04 -4.48 32.11
O3 STL I . 5.75 -0.89 35.38
C1 EDO J . 28.36 -2.77 28.09
O1 EDO J . 28.24 -1.84 29.24
C2 EDO J . 29.03 -4.19 28.22
O2 EDO J . 30.21 -4.56 27.43
C1 EDO K . 36.85 10.64 19.68
O1 EDO K . 36.00 10.92 18.52
C2 EDO K . 37.84 9.46 19.66
O2 EDO K . 39.02 9.53 18.75
C1 STL L . -7.51 13.79 -26.62
C2 STL L . -7.95 12.51 -27.00
C3 STL L . -7.54 11.95 -28.20
C4 STL L . -6.65 12.67 -28.95
C5 STL L . -6.19 13.95 -28.57
C6 STL L . -6.62 14.53 -27.39
C7 STL L . -5.31 14.57 -29.55
C8 STL L . -4.70 15.74 -29.52
C9 STL L . -3.90 16.25 -30.64
C10 STL L . -3.69 15.57 -31.86
C11 STL L . -3.01 16.21 -32.88
C12 STL L . -2.47 17.50 -32.71
C13 STL L . -2.65 18.16 -31.49
C14 STL L . -3.32 17.53 -30.45
O1 STL L . -1.64 18.22 -33.57
O2 STL L . -7.88 10.69 -28.65
O3 STL L . -8.11 14.23 -25.45
C1 EDO M . -13.74 21.31 -26.93
O1 EDO M . -14.69 20.22 -26.80
C2 EDO M . -13.89 22.25 -28.12
O2 EDO M . -12.71 23.02 -28.61
C1 EDO N . -24.78 26.44 -1.71
O1 EDO N . -24.19 25.49 -0.91
C2 EDO N . -24.36 26.14 -3.12
O2 EDO N . -24.07 27.31 -3.90
#